data_2P61
# 
_entry.id   2P61 
# 
_audit_conform.dict_name       mmcif_pdbx.dic 
_audit_conform.dict_version    5.387 
_audit_conform.dict_location   http://mmcif.pdb.org/dictionaries/ascii/mmcif_pdbx.dic 
# 
loop_
_database_2.database_id 
_database_2.database_code 
_database_2.pdbx_database_accession 
_database_2.pdbx_DOI 
PDB   2P61         pdb_00002p61 10.2210/pdb2p61/pdb 
RCSB  RCSB042010   ?            ?                   
WWPDB D_1000042010 ?            ?                   
# 
loop_
_pdbx_audit_revision_history.ordinal 
_pdbx_audit_revision_history.data_content_type 
_pdbx_audit_revision_history.major_revision 
_pdbx_audit_revision_history.minor_revision 
_pdbx_audit_revision_history.revision_date 
1 'Structure model' 1 0 2007-03-27 
2 'Structure model' 1 1 2008-05-01 
3 'Structure model' 1 2 2011-07-13 
4 'Structure model' 1 3 2012-10-24 
5 'Structure model' 1 4 2017-10-18 
6 'Structure model' 1 5 2018-11-14 
7 'Structure model' 1 6 2021-02-03 
8 'Structure model' 1 7 2024-02-21 
# 
_pdbx_audit_revision_details.ordinal             1 
_pdbx_audit_revision_details.revision_ordinal    1 
_pdbx_audit_revision_details.data_content_type   'Structure model' 
_pdbx_audit_revision_details.provider            repository 
_pdbx_audit_revision_details.type                'Initial release' 
_pdbx_audit_revision_details.description         ? 
_pdbx_audit_revision_details.details             ? 
# 
loop_
_pdbx_audit_revision_group.ordinal 
_pdbx_audit_revision_group.revision_ordinal 
_pdbx_audit_revision_group.data_content_type 
_pdbx_audit_revision_group.group 
1  2 'Structure model' 'Version format compliance' 
2  3 'Structure model' 'Version format compliance' 
3  4 'Structure model' 'Structure summary'         
4  5 'Structure model' 'Refinement description'    
5  6 'Structure model' 'Data collection'           
6  6 'Structure model' 'Structure summary'         
7  7 'Structure model' 'Database references'       
8  7 'Structure model' 'Structure summary'         
9  8 'Structure model' 'Data collection'           
10 8 'Structure model' 'Database references'       
# 
loop_
_pdbx_audit_revision_category.ordinal 
_pdbx_audit_revision_category.revision_ordinal 
_pdbx_audit_revision_category.data_content_type 
_pdbx_audit_revision_category.category 
1 5 'Structure model' software           
2 6 'Structure model' audit_author       
3 7 'Structure model' audit_author       
4 7 'Structure model' citation_author    
5 7 'Structure model' struct_ref_seq_dif 
6 8 'Structure model' chem_comp_atom     
7 8 'Structure model' chem_comp_bond     
8 8 'Structure model' database_2         
# 
loop_
_pdbx_audit_revision_item.ordinal 
_pdbx_audit_revision_item.revision_ordinal 
_pdbx_audit_revision_item.data_content_type 
_pdbx_audit_revision_item.item 
1 5 'Structure model' '_software.name'                      
2 6 'Structure model' '_audit_author.identifier_ORCID'      
3 7 'Structure model' '_audit_author.identifier_ORCID'      
4 7 'Structure model' '_citation_author.identifier_ORCID'   
5 7 'Structure model' '_struct_ref_seq_dif.details'         
6 8 'Structure model' '_database_2.pdbx_DOI'                
7 8 'Structure model' '_database_2.pdbx_database_accession' 
# 
_pdbx_database_status.entry_id                        2P61 
_pdbx_database_status.deposit_site                    RCSB 
_pdbx_database_status.process_site                    RCSB 
_pdbx_database_status.recvd_initial_deposition_date   2007-03-16 
_pdbx_database_status.status_code                     REL 
_pdbx_database_status.status_code_sf                  REL 
_pdbx_database_status.status_code_mr                  ? 
_pdbx_database_status.SG_entry                        Y 
_pdbx_database_status.status_code_cs                  ? 
_pdbx_database_status.pdb_format_compatible           Y 
_pdbx_database_status.methods_development_category    ? 
_pdbx_database_status.status_code_nmr_data            ? 
# 
_pdbx_database_related.db_name        TargetDB 
_pdbx_database_related.db_id          NYSGXRC-10015b 
_pdbx_database_related.details        . 
_pdbx_database_related.content_type   unspecified 
# 
loop_
_audit_author.name 
_audit_author.pdbx_ordinal 
_audit_author.identifier_ORCID 
'Bonanno, J.B.'                                                  1  ?                   
'Freeman, J.'                                                    2  ?                   
'Bain, K.T.'                                                     3  ?                   
'Wu, B.'                                                         4  ?                   
'Ozyurt, S.'                                                     5  ?                   
'Smith, D.'                                                      6  ?                   
'Wasserman, S.'                                                  7  ?                   
'Sauder, J.M.'                                                   8  0000-0002-0254-4955 
'Burley, S.K.'                                                   9  0000-0002-2487-9713 
'Almo, S.C.'                                                     10 ?                   
'New York SGX Research Center for Structural Genomics (NYSGXRC)' 11 ?                   
# 
_citation.id                        primary 
_citation.title                     'Crystal structure of hypothetical protein TM_1646 from Thermotoga maritima' 
_citation.journal_abbrev            'To be Published' 
_citation.journal_volume            ? 
_citation.page_first                ? 
_citation.page_last                 ? 
_citation.year                      ? 
_citation.journal_id_ASTM           ? 
_citation.country                   ? 
_citation.journal_id_ISSN           ? 
_citation.journal_id_CSD            0353 
_citation.book_publisher            ? 
_citation.pdbx_database_id_PubMed   ? 
_citation.pdbx_database_id_DOI      ? 
# 
loop_
_citation_author.citation_id 
_citation_author.name 
_citation_author.ordinal 
_citation_author.identifier_ORCID 
primary 'Bonanno, J.B.' 1  ?                   
primary 'Freeman, J.'   2  ?                   
primary 'Bain, K.T.'    3  ?                   
primary 'Wu, B.'        4  ?                   
primary 'Ozyurt, S.'    5  ?                   
primary 'Smith, D.'     6  ?                   
primary 'Wasserman, S.' 7  ?                   
primary 'Sauder, J.M.'  8  ?                   
primary 'Burley, S.K.'  9  0000-0002-2487-9713 
primary 'Almo, S.C.'    10 ?                   
# 
loop_
_entity.id 
_entity.type 
_entity.src_method 
_entity.pdbx_description 
_entity.formula_weight 
_entity.pdbx_number_of_molecules 
_entity.pdbx_ec 
_entity.pdbx_mutation 
_entity.pdbx_fragment 
_entity.details 
1 polymer man 'Hypothetical protein TM_1646' 18794.564 1 ? ? ? ? 
2 water   nat water                          18.015    9 ? ? ? ? 
# 
_entity_poly.entity_id                      1 
_entity_poly.type                           'polypeptide(L)' 
_entity_poly.nstd_linkage                   no 
_entity_poly.nstd_monomer                   no 
_entity_poly.pdbx_seq_one_letter_code       
;MSLRIDPLGGESLKNQEVKGKKSGKTSRVGESKKKEFFDILEDVKEDHFEKLLEEAVEEVIDSGNELVRSPTPSNLKRYK
NAIKEFLKLIEKKIYKLAGSFDMNSGRARLHLVVEEVNEKLMDLTEKIMKNEWQTINLAARIEEINGLILNLYREGHHHH
HH
;
_entity_poly.pdbx_seq_one_letter_code_can   
;MSLRIDPLGGESLKNQEVKGKKSGKTSRVGESKKKEFFDILEDVKEDHFEKLLEEAVEEVIDSGNELVRSPTPSNLKRYK
NAIKEFLKLIEKKIYKLAGSFDMNSGRARLHLVVEEVNEKLMDLTEKIMKNEWQTINLAARIEEINGLILNLYREGHHHH
HH
;
_entity_poly.pdbx_strand_id                 A 
_entity_poly.pdbx_target_identifier         NYSGXRC-10015b 
# 
_pdbx_entity_nonpoly.entity_id   2 
_pdbx_entity_nonpoly.name        water 
_pdbx_entity_nonpoly.comp_id     HOH 
# 
loop_
_entity_poly_seq.entity_id 
_entity_poly_seq.num 
_entity_poly_seq.mon_id 
_entity_poly_seq.hetero 
1 1   MET n 
1 2   SER n 
1 3   LEU n 
1 4   ARG n 
1 5   ILE n 
1 6   ASP n 
1 7   PRO n 
1 8   LEU n 
1 9   GLY n 
1 10  GLY n 
1 11  GLU n 
1 12  SER n 
1 13  LEU n 
1 14  LYS n 
1 15  ASN n 
1 16  GLN n 
1 17  GLU n 
1 18  VAL n 
1 19  LYS n 
1 20  GLY n 
1 21  LYS n 
1 22  LYS n 
1 23  SER n 
1 24  GLY n 
1 25  LYS n 
1 26  THR n 
1 27  SER n 
1 28  ARG n 
1 29  VAL n 
1 30  GLY n 
1 31  GLU n 
1 32  SER n 
1 33  LYS n 
1 34  LYS n 
1 35  LYS n 
1 36  GLU n 
1 37  PHE n 
1 38  PHE n 
1 39  ASP n 
1 40  ILE n 
1 41  LEU n 
1 42  GLU n 
1 43  ASP n 
1 44  VAL n 
1 45  LYS n 
1 46  GLU n 
1 47  ASP n 
1 48  HIS n 
1 49  PHE n 
1 50  GLU n 
1 51  LYS n 
1 52  LEU n 
1 53  LEU n 
1 54  GLU n 
1 55  GLU n 
1 56  ALA n 
1 57  VAL n 
1 58  GLU n 
1 59  GLU n 
1 60  VAL n 
1 61  ILE n 
1 62  ASP n 
1 63  SER n 
1 64  GLY n 
1 65  ASN n 
1 66  GLU n 
1 67  LEU n 
1 68  VAL n 
1 69  ARG n 
1 70  SER n 
1 71  PRO n 
1 72  THR n 
1 73  PRO n 
1 74  SER n 
1 75  ASN n 
1 76  LEU n 
1 77  LYS n 
1 78  ARG n 
1 79  TYR n 
1 80  LYS n 
1 81  ASN n 
1 82  ALA n 
1 83  ILE n 
1 84  LYS n 
1 85  GLU n 
1 86  PHE n 
1 87  LEU n 
1 88  LYS n 
1 89  LEU n 
1 90  ILE n 
1 91  GLU n 
1 92  LYS n 
1 93  LYS n 
1 94  ILE n 
1 95  TYR n 
1 96  LYS n 
1 97  LEU n 
1 98  ALA n 
1 99  GLY n 
1 100 SER n 
1 101 PHE n 
1 102 ASP n 
1 103 MET n 
1 104 ASN n 
1 105 SER n 
1 106 GLY n 
1 107 ARG n 
1 108 ALA n 
1 109 ARG n 
1 110 LEU n 
1 111 HIS n 
1 112 LEU n 
1 113 VAL n 
1 114 VAL n 
1 115 GLU n 
1 116 GLU n 
1 117 VAL n 
1 118 ASN n 
1 119 GLU n 
1 120 LYS n 
1 121 LEU n 
1 122 MET n 
1 123 ASP n 
1 124 LEU n 
1 125 THR n 
1 126 GLU n 
1 127 LYS n 
1 128 ILE n 
1 129 MET n 
1 130 LYS n 
1 131 ASN n 
1 132 GLU n 
1 133 TRP n 
1 134 GLN n 
1 135 THR n 
1 136 ILE n 
1 137 ASN n 
1 138 LEU n 
1 139 ALA n 
1 140 ALA n 
1 141 ARG n 
1 142 ILE n 
1 143 GLU n 
1 144 GLU n 
1 145 ILE n 
1 146 ASN n 
1 147 GLY n 
1 148 LEU n 
1 149 ILE n 
1 150 LEU n 
1 151 ASN n 
1 152 LEU n 
1 153 TYR n 
1 154 ARG n 
1 155 GLU n 
1 156 GLY n 
1 157 HIS n 
1 158 HIS n 
1 159 HIS n 
1 160 HIS n 
1 161 HIS n 
1 162 HIS n 
# 
_entity_src_gen.entity_id                          1 
_entity_src_gen.pdbx_src_id                        1 
_entity_src_gen.pdbx_alt_source_flag               sample 
_entity_src_gen.pdbx_seq_type                      ? 
_entity_src_gen.pdbx_beg_seq_num                   ? 
_entity_src_gen.pdbx_end_seq_num                   ? 
_entity_src_gen.gene_src_common_name               ? 
_entity_src_gen.gene_src_genus                     Thermotoga 
_entity_src_gen.pdbx_gene_src_gene                 TM_1646 
_entity_src_gen.gene_src_species                   'Thermotoga maritima' 
_entity_src_gen.gene_src_strain                    'MSB8, DSM 3109, JCM 10099' 
_entity_src_gen.gene_src_tissue                    ? 
_entity_src_gen.gene_src_tissue_fraction           ? 
_entity_src_gen.gene_src_details                   ? 
_entity_src_gen.pdbx_gene_src_fragment             ? 
_entity_src_gen.pdbx_gene_src_scientific_name      'Thermotoga maritima MSB8' 
_entity_src_gen.pdbx_gene_src_ncbi_taxonomy_id     243274 
_entity_src_gen.pdbx_gene_src_variant              ? 
_entity_src_gen.pdbx_gene_src_cell_line            ? 
_entity_src_gen.pdbx_gene_src_atcc                 43589 
_entity_src_gen.pdbx_gene_src_organ                ? 
_entity_src_gen.pdbx_gene_src_organelle            ? 
_entity_src_gen.pdbx_gene_src_cell                 ? 
_entity_src_gen.pdbx_gene_src_cellular_location    ? 
_entity_src_gen.host_org_common_name               ? 
_entity_src_gen.pdbx_host_org_scientific_name      'Escherichia coli BL21(DE3)' 
_entity_src_gen.pdbx_host_org_ncbi_taxonomy_id     469008 
_entity_src_gen.host_org_genus                     Escherichia 
_entity_src_gen.pdbx_host_org_gene                 ? 
_entity_src_gen.pdbx_host_org_organ                ? 
_entity_src_gen.host_org_species                   'Escherichia coli' 
_entity_src_gen.pdbx_host_org_tissue               ? 
_entity_src_gen.pdbx_host_org_tissue_fraction      ? 
_entity_src_gen.pdbx_host_org_strain               'BL21(DE3)' 
_entity_src_gen.pdbx_host_org_variant              ? 
_entity_src_gen.pdbx_host_org_cell_line            ? 
_entity_src_gen.pdbx_host_org_atcc                 ? 
_entity_src_gen.pdbx_host_org_culture_collection   ? 
_entity_src_gen.pdbx_host_org_cell                 ? 
_entity_src_gen.pdbx_host_org_organelle            ? 
_entity_src_gen.pdbx_host_org_cellular_location    ? 
_entity_src_gen.pdbx_host_org_vector_type          Plasmid 
_entity_src_gen.pdbx_host_org_vector               pET 
_entity_src_gen.host_org_details                   ? 
_entity_src_gen.expression_system_id               ? 
_entity_src_gen.plasmid_name                       'modified pET26' 
_entity_src_gen.plasmid_details                    ? 
_entity_src_gen.pdbx_description                   ? 
# 
loop_
_chem_comp.id 
_chem_comp.type 
_chem_comp.mon_nstd_flag 
_chem_comp.name 
_chem_comp.pdbx_synonyms 
_chem_comp.formula 
_chem_comp.formula_weight 
ALA 'L-peptide linking' y ALANINE         ? 'C3 H7 N O2'     89.093  
ARG 'L-peptide linking' y ARGININE        ? 'C6 H15 N4 O2 1' 175.209 
ASN 'L-peptide linking' y ASPARAGINE      ? 'C4 H8 N2 O3'    132.118 
ASP 'L-peptide linking' y 'ASPARTIC ACID' ? 'C4 H7 N O4'     133.103 
GLN 'L-peptide linking' y GLUTAMINE       ? 'C5 H10 N2 O3'   146.144 
GLU 'L-peptide linking' y 'GLUTAMIC ACID' ? 'C5 H9 N O4'     147.129 
GLY 'peptide linking'   y GLYCINE         ? 'C2 H5 N O2'     75.067  
HIS 'L-peptide linking' y HISTIDINE       ? 'C6 H10 N3 O2 1' 156.162 
HOH non-polymer         . WATER           ? 'H2 O'           18.015  
ILE 'L-peptide linking' y ISOLEUCINE      ? 'C6 H13 N O2'    131.173 
LEU 'L-peptide linking' y LEUCINE         ? 'C6 H13 N O2'    131.173 
LYS 'L-peptide linking' y LYSINE          ? 'C6 H15 N2 O2 1' 147.195 
MET 'L-peptide linking' y METHIONINE      ? 'C5 H11 N O2 S'  149.211 
PHE 'L-peptide linking' y PHENYLALANINE   ? 'C9 H11 N O2'    165.189 
PRO 'L-peptide linking' y PROLINE         ? 'C5 H9 N O2'     115.130 
SER 'L-peptide linking' y SERINE          ? 'C3 H7 N O3'     105.093 
THR 'L-peptide linking' y THREONINE       ? 'C4 H9 N O3'     119.119 
TRP 'L-peptide linking' y TRYPTOPHAN      ? 'C11 H12 N2 O2'  204.225 
TYR 'L-peptide linking' y TYROSINE        ? 'C9 H11 N O3'    181.189 
VAL 'L-peptide linking' y VALINE          ? 'C5 H11 N O2'    117.146 
# 
loop_
_pdbx_poly_seq_scheme.asym_id 
_pdbx_poly_seq_scheme.entity_id 
_pdbx_poly_seq_scheme.seq_id 
_pdbx_poly_seq_scheme.mon_id 
_pdbx_poly_seq_scheme.ndb_seq_num 
_pdbx_poly_seq_scheme.pdb_seq_num 
_pdbx_poly_seq_scheme.auth_seq_num 
_pdbx_poly_seq_scheme.pdb_mon_id 
_pdbx_poly_seq_scheme.auth_mon_id 
_pdbx_poly_seq_scheme.pdb_strand_id 
_pdbx_poly_seq_scheme.pdb_ins_code 
_pdbx_poly_seq_scheme.hetero 
A 1 1   MET 1   -1  ?   ?   ?   A . n 
A 1 2   SER 2   0   ?   ?   ?   A . n 
A 1 3   LEU 3   1   ?   ?   ?   A . n 
A 1 4   ARG 4   2   ?   ?   ?   A . n 
A 1 5   ILE 5   3   ?   ?   ?   A . n 
A 1 6   ASP 6   4   ?   ?   ?   A . n 
A 1 7   PRO 7   5   ?   ?   ?   A . n 
A 1 8   LEU 8   6   ?   ?   ?   A . n 
A 1 9   GLY 9   7   ?   ?   ?   A . n 
A 1 10  GLY 10  8   ?   ?   ?   A . n 
A 1 11  GLU 11  9   ?   ?   ?   A . n 
A 1 12  SER 12  10  ?   ?   ?   A . n 
A 1 13  LEU 13  11  ?   ?   ?   A . n 
A 1 14  LYS 14  12  ?   ?   ?   A . n 
A 1 15  ASN 15  13  ?   ?   ?   A . n 
A 1 16  GLN 16  14  ?   ?   ?   A . n 
A 1 17  GLU 17  15  ?   ?   ?   A . n 
A 1 18  VAL 18  16  ?   ?   ?   A . n 
A 1 19  LYS 19  17  ?   ?   ?   A . n 
A 1 20  GLY 20  18  ?   ?   ?   A . n 
A 1 21  LYS 21  19  ?   ?   ?   A . n 
A 1 22  LYS 22  20  ?   ?   ?   A . n 
A 1 23  SER 23  21  ?   ?   ?   A . n 
A 1 24  GLY 24  22  ?   ?   ?   A . n 
A 1 25  LYS 25  23  ?   ?   ?   A . n 
A 1 26  THR 26  24  ?   ?   ?   A . n 
A 1 27  SER 27  25  ?   ?   ?   A . n 
A 1 28  ARG 28  26  ?   ?   ?   A . n 
A 1 29  VAL 29  27  ?   ?   ?   A . n 
A 1 30  GLY 30  28  ?   ?   ?   A . n 
A 1 31  GLU 31  29  ?   ?   ?   A . n 
A 1 32  SER 32  30  ?   ?   ?   A . n 
A 1 33  LYS 33  31  ?   ?   ?   A . n 
A 1 34  LYS 34  32  ?   ?   ?   A . n 
A 1 35  LYS 35  33  ?   ?   ?   A . n 
A 1 36  GLU 36  34  34  GLU GLU A . n 
A 1 37  PHE 37  35  35  PHE PHE A . n 
A 1 38  PHE 38  36  36  PHE PHE A . n 
A 1 39  ASP 39  37  37  ASP ASP A . n 
A 1 40  ILE 40  38  38  ILE ILE A . n 
A 1 41  LEU 41  39  39  LEU LEU A . n 
A 1 42  GLU 42  40  40  GLU GLU A . n 
A 1 43  ASP 43  41  41  ASP ASP A . n 
A 1 44  VAL 44  42  42  VAL VAL A . n 
A 1 45  LYS 45  43  43  LYS LYS A . n 
A 1 46  GLU 46  44  44  GLU GLU A . n 
A 1 47  ASP 47  45  45  ASP ASP A . n 
A 1 48  HIS 48  46  46  HIS HIS A . n 
A 1 49  PHE 49  47  47  PHE PHE A . n 
A 1 50  GLU 50  48  48  GLU GLU A . n 
A 1 51  LYS 51  49  49  LYS LYS A . n 
A 1 52  LEU 52  50  50  LEU LEU A . n 
A 1 53  LEU 53  51  51  LEU LEU A . n 
A 1 54  GLU 54  52  52  GLU GLU A . n 
A 1 55  GLU 55  53  53  GLU GLU A . n 
A 1 56  ALA 56  54  54  ALA ALA A . n 
A 1 57  VAL 57  55  55  VAL VAL A . n 
A 1 58  GLU 58  56  56  GLU GLU A . n 
A 1 59  GLU 59  57  57  GLU GLU A . n 
A 1 60  VAL 60  58  58  VAL VAL A . n 
A 1 61  ILE 61  59  59  ILE ILE A . n 
A 1 62  ASP 62  60  60  ASP ASP A . n 
A 1 63  SER 63  61  61  SER SER A . n 
A 1 64  GLY 64  62  62  GLY GLY A . n 
A 1 65  ASN 65  63  63  ASN ASN A . n 
A 1 66  GLU 66  64  64  GLU GLU A . n 
A 1 67  LEU 67  65  65  LEU LEU A . n 
A 1 68  VAL 68  66  66  VAL VAL A . n 
A 1 69  ARG 69  67  67  ARG ARG A . n 
A 1 70  SER 70  68  68  SER SER A . n 
A 1 71  PRO 71  69  69  PRO PRO A . n 
A 1 72  THR 72  70  70  THR THR A . n 
A 1 73  PRO 73  71  71  PRO PRO A . n 
A 1 74  SER 74  72  72  SER SER A . n 
A 1 75  ASN 75  73  73  ASN ASN A . n 
A 1 76  LEU 76  74  74  LEU LEU A . n 
A 1 77  LYS 77  75  75  LYS LYS A . n 
A 1 78  ARG 78  76  76  ARG ARG A . n 
A 1 79  TYR 79  77  77  TYR TYR A . n 
A 1 80  LYS 80  78  78  LYS LYS A . n 
A 1 81  ASN 81  79  79  ASN ASN A . n 
A 1 82  ALA 82  80  80  ALA ALA A . n 
A 1 83  ILE 83  81  81  ILE ILE A . n 
A 1 84  LYS 84  82  82  LYS LYS A . n 
A 1 85  GLU 85  83  83  GLU GLU A . n 
A 1 86  PHE 86  84  84  PHE PHE A . n 
A 1 87  LEU 87  85  85  LEU LEU A . n 
A 1 88  LYS 88  86  86  LYS LYS A . n 
A 1 89  LEU 89  87  87  LEU LEU A . n 
A 1 90  ILE 90  88  88  ILE ILE A . n 
A 1 91  GLU 91  89  89  GLU GLU A . n 
A 1 92  LYS 92  90  90  LYS LYS A . n 
A 1 93  LYS 93  91  91  LYS LYS A . n 
A 1 94  ILE 94  92  92  ILE ILE A . n 
A 1 95  TYR 95  93  93  TYR TYR A . n 
A 1 96  LYS 96  94  94  LYS LYS A . n 
A 1 97  LEU 97  95  95  LEU LEU A . n 
A 1 98  ALA 98  96  ?   ?   ?   A . n 
A 1 99  GLY 99  97  ?   ?   ?   A . n 
A 1 100 SER 100 98  ?   ?   ?   A . n 
A 1 101 PHE 101 99  ?   ?   ?   A . n 
A 1 102 ASP 102 100 ?   ?   ?   A . n 
A 1 103 MET 103 101 ?   ?   ?   A . n 
A 1 104 ASN 104 102 102 ASN ASN A . n 
A 1 105 SER 105 103 103 SER SER A . n 
A 1 106 GLY 106 104 104 GLY GLY A . n 
A 1 107 ARG 107 105 105 ARG ARG A . n 
A 1 108 ALA 108 106 106 ALA ALA A . n 
A 1 109 ARG 109 107 107 ARG ARG A . n 
A 1 110 LEU 110 108 108 LEU LEU A . n 
A 1 111 HIS 111 109 109 HIS HIS A . n 
A 1 112 LEU 112 110 110 LEU LEU A . n 
A 1 113 VAL 113 111 111 VAL VAL A . n 
A 1 114 VAL 114 112 112 VAL VAL A . n 
A 1 115 GLU 115 113 113 GLU GLU A . n 
A 1 116 GLU 116 114 114 GLU GLU A . n 
A 1 117 VAL 117 115 115 VAL VAL A . n 
A 1 118 ASN 118 116 116 ASN ASN A . n 
A 1 119 GLU 119 117 117 GLU GLU A . n 
A 1 120 LYS 120 118 118 LYS LYS A . n 
A 1 121 LEU 121 119 119 LEU LEU A . n 
A 1 122 MET 122 120 120 MET MET A . n 
A 1 123 ASP 123 121 121 ASP ASP A . n 
A 1 124 LEU 124 122 122 LEU LEU A . n 
A 1 125 THR 125 123 123 THR THR A . n 
A 1 126 GLU 126 124 124 GLU GLU A . n 
A 1 127 LYS 127 125 125 LYS LYS A . n 
A 1 128 ILE 128 126 126 ILE ILE A . n 
A 1 129 MET 129 127 127 MET MET A . n 
A 1 130 LYS 130 128 128 LYS LYS A . n 
A 1 131 ASN 131 129 129 ASN ASN A . n 
A 1 132 GLU 132 130 130 GLU GLU A . n 
A 1 133 TRP 133 131 131 TRP TRP A . n 
A 1 134 GLN 134 132 132 GLN GLN A . n 
A 1 135 THR 135 133 133 THR THR A . n 
A 1 136 ILE 136 134 134 ILE ILE A . n 
A 1 137 ASN 137 135 135 ASN ASN A . n 
A 1 138 LEU 138 136 136 LEU LEU A . n 
A 1 139 ALA 139 137 137 ALA ALA A . n 
A 1 140 ALA 140 138 138 ALA ALA A . n 
A 1 141 ARG 141 139 139 ARG ARG A . n 
A 1 142 ILE 142 140 140 ILE ILE A . n 
A 1 143 GLU 143 141 141 GLU GLU A . n 
A 1 144 GLU 144 142 142 GLU GLU A . n 
A 1 145 ILE 145 143 143 ILE ILE A . n 
A 1 146 ASN 146 144 144 ASN ASN A . n 
A 1 147 GLY 147 145 145 GLY GLY A . n 
A 1 148 LEU 148 146 146 LEU LEU A . n 
A 1 149 ILE 149 147 147 ILE ILE A . n 
A 1 150 LEU 150 148 148 LEU LEU A . n 
A 1 151 ASN 151 149 149 ASN ASN A . n 
A 1 152 LEU 152 150 150 LEU LEU A . n 
A 1 153 TYR 153 151 151 TYR TYR A . n 
A 1 154 ARG 154 152 152 ARG ARG A . n 
A 1 155 GLU 155 153 153 GLU GLU A . n 
A 1 156 GLY 156 154 ?   ?   ?   A . n 
A 1 157 HIS 157 155 ?   ?   ?   A . n 
A 1 158 HIS 158 156 ?   ?   ?   A . n 
A 1 159 HIS 159 157 ?   ?   ?   A . n 
A 1 160 HIS 160 158 ?   ?   ?   A . n 
A 1 161 HIS 161 159 ?   ?   ?   A . n 
A 1 162 HIS 162 160 ?   ?   ?   A . n 
# 
loop_
_pdbx_nonpoly_scheme.asym_id 
_pdbx_nonpoly_scheme.entity_id 
_pdbx_nonpoly_scheme.mon_id 
_pdbx_nonpoly_scheme.ndb_seq_num 
_pdbx_nonpoly_scheme.pdb_seq_num 
_pdbx_nonpoly_scheme.auth_seq_num 
_pdbx_nonpoly_scheme.pdb_mon_id 
_pdbx_nonpoly_scheme.auth_mon_id 
_pdbx_nonpoly_scheme.pdb_strand_id 
_pdbx_nonpoly_scheme.pdb_ins_code 
B 2 HOH 1 161 1 HOH HOH A . 
B 2 HOH 2 162 2 HOH HOH A . 
B 2 HOH 3 163 3 HOH HOH A . 
B 2 HOH 4 164 4 HOH HOH A . 
B 2 HOH 5 165 5 HOH HOH A . 
B 2 HOH 6 166 6 HOH HOH A . 
B 2 HOH 7 167 7 HOH HOH A . 
B 2 HOH 8 168 8 HOH HOH A . 
B 2 HOH 9 169 9 HOH HOH A . 
# 
loop_
_software.name 
_software.version 
_software.date 
_software.type 
_software.contact_author 
_software.contact_author_email 
_software.classification 
_software.location 
_software.language 
_software.citation_id 
_software.pdbx_ordinal 
SCALA       .         ?                other   'Phil Evans'      pre@mrc-lmb.cam.ac.uk    'data scaling'    
http://www.ccp4.ac.uk/dist/html/INDEX.html Fortran_77 ? 1 
REFMAC      .         ?                program 'Murshudov, G.N.' ccp4@dl.ac.uk            refinement        
http://www.ccp4.ac.uk/main.html            Fortran_77 ? 2 
PDB_EXTRACT 2.000     'April. 3, 2006' package PDB               sw-help@rcsb.rutgers.edu 'data extraction' 
http://pdb.rutgers.edu/software/           C++        ? 3 
MAR345      CCD       ?                ?       ?                 ?                        'data collection' ? ?          ? 4 
MOSFLM      .         ?                ?       ?                 ?                        'data reduction'  ? ?          ? 5 
CCP4        '(SCALA)' ?                ?       ?                 ?                        'data scaling'    ? ?          ? 6 
SHELXD      .         ?                ?       ?                 ?                        phasing           ? ?          ? 7 
# 
_cell.length_a           28.699 
_cell.length_b           78.874 
_cell.length_c           102.432 
_cell.angle_alpha        90.000 
_cell.angle_beta         90.000 
_cell.angle_gamma        90.000 
_cell.entry_id           2P61 
_cell.pdbx_unique_axis   ? 
_cell.Z_PDB              4 
_cell.length_a_esd       ? 
_cell.length_b_esd       ? 
_cell.length_c_esd       ? 
_cell.angle_alpha_esd    ? 
_cell.angle_beta_esd     ? 
_cell.angle_gamma_esd    ? 
# 
_symmetry.space_group_name_H-M             'P 2 2 21' 
_symmetry.entry_id                         2P61 
_symmetry.Int_Tables_number                17 
_symmetry.pdbx_full_space_group_name_H-M   ? 
_symmetry.cell_setting                     ? 
_symmetry.space_group_name_Hall            ? 
# 
_exptl.crystals_number   1 
_exptl.entry_id          2P61 
_exptl.method            'X-RAY DIFFRACTION' 
# 
_exptl_crystal.id                    1 
_exptl_crystal.density_percent_sol   60.11 
_exptl_crystal.density_Matthews      3.08 
_exptl_crystal.density_meas          ? 
_exptl_crystal.description           ? 
_exptl_crystal.F_000                 ? 
_exptl_crystal.preparation           ? 
# 
_exptl_crystal_grow.crystal_id      1 
_exptl_crystal_grow.method          'VAPOR DIFFUSION' 
_exptl_crystal_grow.pH              7.0 
_exptl_crystal_grow.temp            294 
_exptl_crystal_grow.pdbx_details    '100mM Tris-HCl pH 7.0, 16% Ethanol, VAPOR DIFFUSION, temperature 294K' 
_exptl_crystal_grow.temp_details    ? 
_exptl_crystal_grow.pdbx_pH_range   . 
# 
_diffrn.id                     1 
_diffrn.ambient_temp           100 
_diffrn.ambient_temp_details   ? 
_diffrn.crystal_id             1 
# 
_diffrn_detector.diffrn_id              1 
_diffrn_detector.detector               CCD 
_diffrn_detector.type                   'MAR CCD 165 mm' 
_diffrn_detector.pdbx_collection_date   2007-03-09 
_diffrn_detector.details                ? 
# 
_diffrn_radiation.diffrn_id                        1 
_diffrn_radiation.pdbx_diffrn_protocol             'SINGLE WAVELENGTH' 
_diffrn_radiation.monochromator                    diamond 
_diffrn_radiation.wavelength_id                    1 
_diffrn_radiation.pdbx_monochromatic_or_laue_m_l   M 
_diffrn_radiation.pdbx_scattering_type             x-ray 
# 
_diffrn_radiation_wavelength.id           1 
_diffrn_radiation_wavelength.wavelength   0.97958 
_diffrn_radiation_wavelength.wt           1.0 
# 
_diffrn_source.diffrn_id                   1 
_diffrn_source.source                      SYNCHROTRON 
_diffrn_source.type                        'APS BEAMLINE 31-ID' 
_diffrn_source.pdbx_wavelength_list        0.97958 
_diffrn_source.pdbx_wavelength             ? 
_diffrn_source.pdbx_synchrotron_site       APS 
_diffrn_source.pdbx_synchrotron_beamline   31-ID 
# 
_reflns.entry_id                     2P61 
_reflns.d_resolution_high            2.700 
_reflns.d_resolution_low             27.640 
_reflns.number_obs                   6874 
_reflns.pdbx_Rmerge_I_obs            0.094 
_reflns.pdbx_netI_over_sigmaI        16.3 
_reflns.pdbx_Rsym_value              0.094 
_reflns.pdbx_redundancy              5.600 
_reflns.percent_possible_obs         99.700 
_reflns.observed_criterion_sigma_F   0 
_reflns.observed_criterion_sigma_I   0 
_reflns.number_all                   6874 
_reflns.B_iso_Wilson_estimate        87.1 
_reflns.R_free_details               ? 
_reflns.limit_h_max                  ? 
_reflns.limit_h_min                  ? 
_reflns.limit_k_max                  ? 
_reflns.limit_k_min                  ? 
_reflns.limit_l_max                  ? 
_reflns.limit_l_min                  ? 
_reflns.observed_criterion_F_max     ? 
_reflns.observed_criterion_F_min     ? 
_reflns.pdbx_chi_squared             ? 
_reflns.pdbx_scaling_rejects         ? 
_reflns.pdbx_ordinal                 1 
_reflns.pdbx_diffrn_id               1 
# 
_reflns_shell.d_res_high             2.70 
_reflns_shell.d_res_low              2.85 
_reflns_shell.number_measured_obs    ? 
_reflns_shell.number_measured_all    5751 
_reflns_shell.number_unique_obs      ? 
_reflns_shell.Rmerge_I_obs           0.558 
_reflns_shell.meanI_over_sigI_obs    2.3 
_reflns_shell.pdbx_Rsym_value        0.558 
_reflns_shell.pdbx_chi_squared       ? 
_reflns_shell.pdbx_redundancy        5.80 
_reflns_shell.percent_possible_obs   ? 
_reflns_shell.number_unique_all      986 
_reflns_shell.percent_possible_all   99.90 
_reflns_shell.pdbx_ordinal           1 
_reflns_shell.pdbx_diffrn_id         1 
# 
_refine.entry_id                                 2P61 
_refine.ls_d_res_high                            2.700 
_refine.ls_d_res_low                             20.000 
_refine.pdbx_ls_sigma_F                          0.00 
_refine.ls_percent_reflns_obs                    99.610 
_refine.ls_number_reflns_obs                     6835 
_refine.pdbx_ls_cross_valid_method               THROUGHOUT 
_refine.pdbx_R_Free_selection_details            RANDOM 
_refine.details                                  ? 
_refine.ls_R_factor_obs                          0.257 
_refine.ls_R_factor_R_work                       0.255 
_refine.ls_R_factor_R_free                       0.288 
_refine.ls_percent_reflns_R_free                 4.700 
_refine.ls_number_reflns_R_free                  318 
_refine.B_iso_mean                               75.176 
_refine.aniso_B[1][1]                            -0.480 
_refine.aniso_B[2][2]                            -0.190 
_refine.aniso_B[3][3]                            0.670 
_refine.aniso_B[1][2]                            0.000 
_refine.aniso_B[1][3]                            0.000 
_refine.aniso_B[2][3]                            0.000 
_refine.correlation_coeff_Fo_to_Fc               0.917 
_refine.correlation_coeff_Fo_to_Fc_free          0.905 
_refine.pdbx_overall_ESU_R                       0.424 
_refine.pdbx_overall_ESU_R_Free                  0.305 
_refine.overall_SU_ML                            0.291 
_refine.overall_SU_B                             13.196 
_refine.solvent_model_details                    'BABINET MODEL WITH MASK' 
_refine.pdbx_solvent_vdw_probe_radii             1.400 
_refine.pdbx_solvent_ion_probe_radii             0.800 
_refine.pdbx_solvent_shrinkage_radii             0.800 
_refine.pdbx_stereochemistry_target_values       'MAXIMUM LIKELIHOOD' 
_refine.pdbx_ls_sigma_I                          0 
_refine.ls_number_reflns_all                     6835 
_refine.ls_R_factor_all                          ? 
_refine.ls_redundancy_reflns_obs                 ? 
_refine.pdbx_data_cutoff_high_absF               ? 
_refine.pdbx_data_cutoff_low_absF                ? 
_refine.ls_number_parameters                     ? 
_refine.ls_number_restraints                     ? 
_refine.ls_R_factor_R_free_error                 ? 
_refine.ls_R_factor_R_free_error_details         ? 
_refine.pdbx_method_to_determine_struct          SAD 
_refine.pdbx_starting_model                      ? 
_refine.pdbx_stereochem_target_val_spec_case     ? 
_refine.solvent_model_param_bsol                 ? 
_refine.solvent_model_param_ksol                 ? 
_refine.occupancy_max                            ? 
_refine.occupancy_min                            ? 
_refine.pdbx_isotropic_thermal_model             ? 
_refine.B_iso_min                                ? 
_refine.B_iso_max                                ? 
_refine.overall_SU_R_Cruickshank_DPI             ? 
_refine.overall_SU_R_free                        ? 
_refine.pdbx_data_cutoff_high_rms_absF           ? 
_refine.ls_wR_factor_R_free                      ? 
_refine.ls_wR_factor_R_work                      ? 
_refine.overall_FOM_free_R_set                   ? 
_refine.overall_FOM_work_R_set                   ? 
_refine.pdbx_refine_id                           'X-RAY DIFFRACTION' 
_refine.pdbx_diffrn_id                           1 
_refine.pdbx_TLS_residual_ADP_flag               ? 
_refine.pdbx_overall_phase_error                 ? 
_refine.pdbx_overall_SU_R_free_Cruickshank_DPI   ? 
_refine.pdbx_overall_SU_R_Blow_DPI               ? 
_refine.pdbx_overall_SU_R_free_Blow_DPI          ? 
# 
_refine_hist.pdbx_refine_id                   'X-RAY DIFFRACTION' 
_refine_hist.cycle_id                         LAST 
_refine_hist.pdbx_number_atoms_protein        949 
_refine_hist.pdbx_number_atoms_nucleic_acid   0 
_refine_hist.pdbx_number_atoms_ligand         0 
_refine_hist.number_atoms_solvent             9 
_refine_hist.number_atoms_total               958 
_refine_hist.d_res_high                       2.700 
_refine_hist.d_res_low                        20.000 
# 
loop_
_refine_ls_restr.type 
_refine_ls_restr.number 
_refine_ls_restr.dev_ideal 
_refine_ls_restr.dev_ideal_target 
_refine_ls_restr.weight 
_refine_ls_restr.pdbx_refine_id 
_refine_ls_restr.pdbx_restraint_function 
r_bond_refined_d         972  0.027  0.022  ? 'X-RAY DIFFRACTION' ? 
r_angle_refined_deg      1306 2.445  1.990  ? 'X-RAY DIFFRACTION' ? 
r_dihedral_angle_1_deg   116  7.770  5.000  ? 'X-RAY DIFFRACTION' ? 
r_dihedral_angle_2_deg   51   43.492 25.686 ? 'X-RAY DIFFRACTION' ? 
r_dihedral_angle_3_deg   206  24.660 15.000 ? 'X-RAY DIFFRACTION' ? 
r_dihedral_angle_4_deg   6    21.855 15.000 ? 'X-RAY DIFFRACTION' ? 
r_chiral_restr           149  0.147  0.200  ? 'X-RAY DIFFRACTION' ? 
r_gen_planes_refined     708  0.009  0.020  ? 'X-RAY DIFFRACTION' ? 
r_nbd_refined            408  0.273  0.200  ? 'X-RAY DIFFRACTION' ? 
r_nbtor_refined          641  0.326  0.200  ? 'X-RAY DIFFRACTION' ? 
r_xyhbond_nbd_refined    40   0.196  0.200  ? 'X-RAY DIFFRACTION' ? 
r_symmetry_vdw_refined   18   0.354  0.200  ? 'X-RAY DIFFRACTION' ? 
r_symmetry_hbond_refined 3    0.291  0.200  ? 'X-RAY DIFFRACTION' ? 
r_mcbond_it              604  1.407  1.500  ? 'X-RAY DIFFRACTION' ? 
r_mcangle_it             930  2.223  2.000  ? 'X-RAY DIFFRACTION' ? 
r_scbond_it              429  3.634  3.000  ? 'X-RAY DIFFRACTION' ? 
r_scangle_it             374  5.836  4.500  ? 'X-RAY DIFFRACTION' ? 
# 
_refine_ls_shell.d_res_high                       2.700 
_refine_ls_shell.d_res_low                        2.769 
_refine_ls_shell.pdbx_total_number_of_bins_used   20 
_refine_ls_shell.percent_reflns_obs               100.000 
_refine_ls_shell.number_reflns_R_work             458 
_refine_ls_shell.R_factor_all                     ? 
_refine_ls_shell.R_factor_R_work                  0.344 
_refine_ls_shell.R_factor_R_free                  0.434 
_refine_ls_shell.percent_reflns_R_free            ? 
_refine_ls_shell.number_reflns_R_free             24 
_refine_ls_shell.R_factor_R_free_error            ? 
_refine_ls_shell.number_reflns_all                ? 
_refine_ls_shell.number_reflns_obs                482 
_refine_ls_shell.redundancy_reflns_obs            ? 
_refine_ls_shell.pdbx_refine_id                   'X-RAY DIFFRACTION' 
# 
_struct.entry_id                  2P61 
_struct.title                     'Crystal structure of protein TM1646 from Thermotoga maritima, Pfam DUF327' 
_struct.pdbx_model_details        ? 
_struct.pdbx_CASP_flag            ? 
_struct.pdbx_model_type_details   ? 
# 
_struct_keywords.entry_id        2P61 
_struct_keywords.text            
;STRUCTURAL GENOMICS, UNKNOWN FUNCTION, PSI-2, Protein Structure Initiative, New York SGX Research Center for Structural Genomics, NYSGXRC
;
_struct_keywords.pdbx_keywords   'STRUCTURAL GENOMICS, UNKNOWN FUNCTION' 
# 
loop_
_struct_asym.id 
_struct_asym.pdbx_blank_PDB_chainid_flag 
_struct_asym.pdbx_modified 
_struct_asym.entity_id 
_struct_asym.details 
A N N 1 ? 
B N N 2 ? 
# 
_struct_ref.id                         1 
_struct_ref.db_name                    UNP 
_struct_ref.db_code                    Q9X1X9_THEMA 
_struct_ref.pdbx_db_accession          Q9X1X9 
_struct_ref.entity_id                  1 
_struct_ref.pdbx_seq_one_letter_code   
;RIDPLGGESLKNQEVKGKKSGKTSRVGESKKKEFFDILEDVKEDHFEKLLEEAVEEVIDSGNELVRSPTPSNLKRYKNAI
KEFLKLIEKKIYKLAGSFDMNSGRARLHLVVEEVNEKLMDLTEKIMKNEWQTINLAARIEEINGLILNLYR
;
_struct_ref.pdbx_align_begin           2 
_struct_ref.pdbx_db_isoform            ? 
# 
_struct_ref_seq.align_id                      1 
_struct_ref_seq.ref_id                        1 
_struct_ref_seq.pdbx_PDB_id_code              2P61 
_struct_ref_seq.pdbx_strand_id                A 
_struct_ref_seq.seq_align_beg                 4 
_struct_ref_seq.pdbx_seq_align_beg_ins_code   ? 
_struct_ref_seq.seq_align_end                 154 
_struct_ref_seq.pdbx_seq_align_end_ins_code   ? 
_struct_ref_seq.pdbx_db_accession             Q9X1X9 
_struct_ref_seq.db_align_beg                  2 
_struct_ref_seq.pdbx_db_align_beg_ins_code    ? 
_struct_ref_seq.db_align_end                  152 
_struct_ref_seq.pdbx_db_align_end_ins_code    ? 
_struct_ref_seq.pdbx_auth_seq_align_beg       2 
_struct_ref_seq.pdbx_auth_seq_align_end       152 
# 
loop_
_struct_ref_seq_dif.align_id 
_struct_ref_seq_dif.pdbx_pdb_id_code 
_struct_ref_seq_dif.mon_id 
_struct_ref_seq_dif.pdbx_pdb_strand_id 
_struct_ref_seq_dif.seq_num 
_struct_ref_seq_dif.pdbx_pdb_ins_code 
_struct_ref_seq_dif.pdbx_seq_db_name 
_struct_ref_seq_dif.pdbx_seq_db_accession_code 
_struct_ref_seq_dif.db_mon_id 
_struct_ref_seq_dif.pdbx_seq_db_seq_num 
_struct_ref_seq_dif.details 
_struct_ref_seq_dif.pdbx_auth_seq_num 
_struct_ref_seq_dif.pdbx_ordinal 
1 2P61 MET A 1   ? UNP Q9X1X9 ? ? 'cloning artifact' -1  1  
1 2P61 SER A 2   ? UNP Q9X1X9 ? ? 'cloning artifact' 0   2  
1 2P61 LEU A 3   ? UNP Q9X1X9 ? ? 'cloning artifact' 1   3  
1 2P61 GLU A 155 ? UNP Q9X1X9 ? ? 'cloning artifact' 153 4  
1 2P61 GLY A 156 ? UNP Q9X1X9 ? ? 'cloning artifact' 154 5  
1 2P61 HIS A 157 ? UNP Q9X1X9 ? ? 'cloning artifact' 155 6  
1 2P61 HIS A 158 ? UNP Q9X1X9 ? ? 'cloning artifact' 156 7  
1 2P61 HIS A 159 ? UNP Q9X1X9 ? ? 'cloning artifact' 157 8  
1 2P61 HIS A 160 ? UNP Q9X1X9 ? ? 'cloning artifact' 158 9  
1 2P61 HIS A 161 ? UNP Q9X1X9 ? ? 'cloning artifact' 159 10 
1 2P61 HIS A 162 ? UNP Q9X1X9 ? ? 'cloning artifact' 160 11 
# 
_pdbx_struct_assembly.id                   1 
_pdbx_struct_assembly.details              author_defined_assembly 
_pdbx_struct_assembly.method_details       ? 
_pdbx_struct_assembly.oligomeric_details   monomeric 
_pdbx_struct_assembly.oligomeric_count     1 
# 
_pdbx_struct_assembly_gen.assembly_id       1 
_pdbx_struct_assembly_gen.oper_expression   1 
_pdbx_struct_assembly_gen.asym_id_list      A,B 
# 
_pdbx_struct_oper_list.id                   1 
_pdbx_struct_oper_list.type                 'identity operation' 
_pdbx_struct_oper_list.name                 1_555 
_pdbx_struct_oper_list.symmetry_operation   x,y,z 
_pdbx_struct_oper_list.matrix[1][1]         1.0000000000 
_pdbx_struct_oper_list.matrix[1][2]         0.0000000000 
_pdbx_struct_oper_list.matrix[1][3]         0.0000000000 
_pdbx_struct_oper_list.vector[1]            0.0000000000 
_pdbx_struct_oper_list.matrix[2][1]         0.0000000000 
_pdbx_struct_oper_list.matrix[2][2]         1.0000000000 
_pdbx_struct_oper_list.matrix[2][3]         0.0000000000 
_pdbx_struct_oper_list.vector[2]            0.0000000000 
_pdbx_struct_oper_list.matrix[3][1]         0.0000000000 
_pdbx_struct_oper_list.matrix[3][2]         0.0000000000 
_pdbx_struct_oper_list.matrix[3][3]         1.0000000000 
_pdbx_struct_oper_list.vector[3]            0.0000000000 
# 
_struct_biol.id                    1 
_struct_biol.details               'probable monomer' 
_struct_biol.pdbx_parent_biol_id   ? 
# 
loop_
_struct_conf.conf_type_id 
_struct_conf.id 
_struct_conf.pdbx_PDB_helix_id 
_struct_conf.beg_label_comp_id 
_struct_conf.beg_label_asym_id 
_struct_conf.beg_label_seq_id 
_struct_conf.pdbx_beg_PDB_ins_code 
_struct_conf.end_label_comp_id 
_struct_conf.end_label_asym_id 
_struct_conf.end_label_seq_id 
_struct_conf.pdbx_end_PDB_ins_code 
_struct_conf.beg_auth_comp_id 
_struct_conf.beg_auth_asym_id 
_struct_conf.beg_auth_seq_id 
_struct_conf.end_auth_comp_id 
_struct_conf.end_auth_asym_id 
_struct_conf.end_auth_seq_id 
_struct_conf.pdbx_PDB_helix_class 
_struct_conf.details 
_struct_conf.pdbx_PDB_helix_length 
HELX_P HELX_P1 1 GLU A 36  ? SER A 70  ? GLU A 34  SER A 68  1 ? 35 
HELX_P HELX_P2 2 THR A 72  ? LYS A 96  ? THR A 70  LYS A 94  1 ? 25 
HELX_P HELX_P3 3 ASN A 104 ? LYS A 130 ? ASN A 102 LYS A 128 1 ? 27 
HELX_P HELX_P4 4 ASN A 137 ? ARG A 154 ? ASN A 135 ARG A 152 1 ? 18 
# 
_struct_conf_type.id          HELX_P 
_struct_conf_type.criteria    ? 
_struct_conf_type.reference   ? 
# 
_pdbx_validate_rmsd_bond.id                        1 
_pdbx_validate_rmsd_bond.PDB_model_num             1 
_pdbx_validate_rmsd_bond.auth_atom_id_1            CG 
_pdbx_validate_rmsd_bond.auth_asym_id_1            A 
_pdbx_validate_rmsd_bond.auth_comp_id_1            GLU 
_pdbx_validate_rmsd_bond.auth_seq_id_1             113 
_pdbx_validate_rmsd_bond.PDB_ins_code_1            ? 
_pdbx_validate_rmsd_bond.label_alt_id_1            ? 
_pdbx_validate_rmsd_bond.auth_atom_id_2            CD 
_pdbx_validate_rmsd_bond.auth_asym_id_2            A 
_pdbx_validate_rmsd_bond.auth_comp_id_2            GLU 
_pdbx_validate_rmsd_bond.auth_seq_id_2             113 
_pdbx_validate_rmsd_bond.PDB_ins_code_2            ? 
_pdbx_validate_rmsd_bond.label_alt_id_2            ? 
_pdbx_validate_rmsd_bond.bond_value                1.610 
_pdbx_validate_rmsd_bond.bond_target_value         1.515 
_pdbx_validate_rmsd_bond.bond_deviation            0.095 
_pdbx_validate_rmsd_bond.bond_standard_deviation   0.015 
_pdbx_validate_rmsd_bond.linker_flag               N 
# 
loop_
_pdbx_validate_rmsd_angle.id 
_pdbx_validate_rmsd_angle.PDB_model_num 
_pdbx_validate_rmsd_angle.auth_atom_id_1 
_pdbx_validate_rmsd_angle.auth_asym_id_1 
_pdbx_validate_rmsd_angle.auth_comp_id_1 
_pdbx_validate_rmsd_angle.auth_seq_id_1 
_pdbx_validate_rmsd_angle.PDB_ins_code_1 
_pdbx_validate_rmsd_angle.label_alt_id_1 
_pdbx_validate_rmsd_angle.auth_atom_id_2 
_pdbx_validate_rmsd_angle.auth_asym_id_2 
_pdbx_validate_rmsd_angle.auth_comp_id_2 
_pdbx_validate_rmsd_angle.auth_seq_id_2 
_pdbx_validate_rmsd_angle.PDB_ins_code_2 
_pdbx_validate_rmsd_angle.label_alt_id_2 
_pdbx_validate_rmsd_angle.auth_atom_id_3 
_pdbx_validate_rmsd_angle.auth_asym_id_3 
_pdbx_validate_rmsd_angle.auth_comp_id_3 
_pdbx_validate_rmsd_angle.auth_seq_id_3 
_pdbx_validate_rmsd_angle.PDB_ins_code_3 
_pdbx_validate_rmsd_angle.label_alt_id_3 
_pdbx_validate_rmsd_angle.angle_value 
_pdbx_validate_rmsd_angle.angle_target_value 
_pdbx_validate_rmsd_angle.angle_deviation 
_pdbx_validate_rmsd_angle.angle_standard_deviation 
_pdbx_validate_rmsd_angle.linker_flag 
1 1 NE A ARG 67  ? ? CZ A ARG 67  ? ? NH1 A ARG 67  ? ? 124.51 120.30 4.21  0.50 N 
2 1 CA A LEU 122 ? ? CB A LEU 122 ? ? CG  A LEU 122 ? ? 130.83 115.30 15.53 2.30 N 
3 1 NE A ARG 152 ? ? CZ A ARG 152 ? ? NH2 A ARG 152 ? ? 117.25 120.30 -3.05 0.50 N 
# 
loop_
_pdbx_validate_torsion.id 
_pdbx_validate_torsion.PDB_model_num 
_pdbx_validate_torsion.auth_comp_id 
_pdbx_validate_torsion.auth_asym_id 
_pdbx_validate_torsion.auth_seq_id 
_pdbx_validate_torsion.PDB_ins_code 
_pdbx_validate_torsion.label_alt_id 
_pdbx_validate_torsion.phi 
_pdbx_validate_torsion.psi 
1 1 TYR A 93  ? ? -66.01  -87.91 
2 1 LYS A 94  ? ? -36.09  64.74  
3 1 LEU A 108 ? ? -29.85  -54.49 
4 1 LYS A 128 ? ? -65.70  2.09   
5 1 GLU A 130 ? ? -102.40 55.15  
6 1 ARG A 152 ? ? -90.98  53.45  
# 
_pdbx_SG_project.id                    1 
_pdbx_SG_project.project_name          'PSI, Protein Structure Initiative' 
_pdbx_SG_project.full_name_of_center   'New York SGX Research Center for Structural Genomics' 
_pdbx_SG_project.initial_of_center     NYSGXRC 
# 
_pdbx_database_remark.id     300 
_pdbx_database_remark.text   
;
BIOMOLECULE: 1
THIS ENTRY CONTAINS THE CRYSTALLOGRAPHIC ASYMMETRIC UNIT
WHICH CONSISTS OF 1 CHAIN(S). AUTHORS STATE THAT A MONOMER
IS PROBABLY THE BIOLOGICAL UNIT OF THIS POLYPEPTIDE. 
SEE REMARK 350 FOR INFORMATION ON GENERATING THE BIOLOGICAL
MOLECULE(S).
;
# 
loop_
_pdbx_unobs_or_zero_occ_residues.id 
_pdbx_unobs_or_zero_occ_residues.PDB_model_num 
_pdbx_unobs_or_zero_occ_residues.polymer_flag 
_pdbx_unobs_or_zero_occ_residues.occupancy_flag 
_pdbx_unobs_or_zero_occ_residues.auth_asym_id 
_pdbx_unobs_or_zero_occ_residues.auth_comp_id 
_pdbx_unobs_or_zero_occ_residues.auth_seq_id 
_pdbx_unobs_or_zero_occ_residues.PDB_ins_code 
_pdbx_unobs_or_zero_occ_residues.label_asym_id 
_pdbx_unobs_or_zero_occ_residues.label_comp_id 
_pdbx_unobs_or_zero_occ_residues.label_seq_id 
1  1 Y 1 A MET -1  ? A MET 1   
2  1 Y 1 A SER 0   ? A SER 2   
3  1 Y 1 A LEU 1   ? A LEU 3   
4  1 Y 1 A ARG 2   ? A ARG 4   
5  1 Y 1 A ILE 3   ? A ILE 5   
6  1 Y 1 A ASP 4   ? A ASP 6   
7  1 Y 1 A PRO 5   ? A PRO 7   
8  1 Y 1 A LEU 6   ? A LEU 8   
9  1 Y 1 A GLY 7   ? A GLY 9   
10 1 Y 1 A GLY 8   ? A GLY 10  
11 1 Y 1 A GLU 9   ? A GLU 11  
12 1 Y 1 A SER 10  ? A SER 12  
13 1 Y 1 A LEU 11  ? A LEU 13  
14 1 Y 1 A LYS 12  ? A LYS 14  
15 1 Y 1 A ASN 13  ? A ASN 15  
16 1 Y 1 A GLN 14  ? A GLN 16  
17 1 Y 1 A GLU 15  ? A GLU 17  
18 1 Y 1 A VAL 16  ? A VAL 18  
19 1 Y 1 A LYS 17  ? A LYS 19  
20 1 Y 1 A GLY 18  ? A GLY 20  
21 1 Y 1 A LYS 19  ? A LYS 21  
22 1 Y 1 A LYS 20  ? A LYS 22  
23 1 Y 1 A SER 21  ? A SER 23  
24 1 Y 1 A GLY 22  ? A GLY 24  
25 1 Y 1 A LYS 23  ? A LYS 25  
26 1 Y 1 A THR 24  ? A THR 26  
27 1 Y 1 A SER 25  ? A SER 27  
28 1 Y 1 A ARG 26  ? A ARG 28  
29 1 Y 1 A VAL 27  ? A VAL 29  
30 1 Y 1 A GLY 28  ? A GLY 30  
31 1 Y 1 A GLU 29  ? A GLU 31  
32 1 Y 1 A SER 30  ? A SER 32  
33 1 Y 1 A LYS 31  ? A LYS 33  
34 1 Y 1 A LYS 32  ? A LYS 34  
35 1 Y 1 A LYS 33  ? A LYS 35  
36 1 Y 1 A ALA 96  ? A ALA 98  
37 1 Y 1 A GLY 97  ? A GLY 99  
38 1 Y 1 A SER 98  ? A SER 100 
39 1 Y 1 A PHE 99  ? A PHE 101 
40 1 Y 1 A ASP 100 ? A ASP 102 
41 1 Y 1 A MET 101 ? A MET 103 
42 1 Y 1 A GLY 154 ? A GLY 156 
43 1 Y 1 A HIS 155 ? A HIS 157 
44 1 Y 1 A HIS 156 ? A HIS 158 
45 1 Y 1 A HIS 157 ? A HIS 159 
46 1 Y 1 A HIS 158 ? A HIS 160 
47 1 Y 1 A HIS 159 ? A HIS 161 
48 1 Y 1 A HIS 160 ? A HIS 162 
# 
loop_
_chem_comp_atom.comp_id 
_chem_comp_atom.atom_id 
_chem_comp_atom.type_symbol 
_chem_comp_atom.pdbx_aromatic_flag 
_chem_comp_atom.pdbx_stereo_config 
_chem_comp_atom.pdbx_ordinal 
ALA N    N N N 1   
ALA CA   C N S 2   
ALA C    C N N 3   
ALA O    O N N 4   
ALA CB   C N N 5   
ALA OXT  O N N 6   
ALA H    H N N 7   
ALA H2   H N N 8   
ALA HA   H N N 9   
ALA HB1  H N N 10  
ALA HB2  H N N 11  
ALA HB3  H N N 12  
ALA HXT  H N N 13  
ARG N    N N N 14  
ARG CA   C N S 15  
ARG C    C N N 16  
ARG O    O N N 17  
ARG CB   C N N 18  
ARG CG   C N N 19  
ARG CD   C N N 20  
ARG NE   N N N 21  
ARG CZ   C N N 22  
ARG NH1  N N N 23  
ARG NH2  N N N 24  
ARG OXT  O N N 25  
ARG H    H N N 26  
ARG H2   H N N 27  
ARG HA   H N N 28  
ARG HB2  H N N 29  
ARG HB3  H N N 30  
ARG HG2  H N N 31  
ARG HG3  H N N 32  
ARG HD2  H N N 33  
ARG HD3  H N N 34  
ARG HE   H N N 35  
ARG HH11 H N N 36  
ARG HH12 H N N 37  
ARG HH21 H N N 38  
ARG HH22 H N N 39  
ARG HXT  H N N 40  
ASN N    N N N 41  
ASN CA   C N S 42  
ASN C    C N N 43  
ASN O    O N N 44  
ASN CB   C N N 45  
ASN CG   C N N 46  
ASN OD1  O N N 47  
ASN ND2  N N N 48  
ASN OXT  O N N 49  
ASN H    H N N 50  
ASN H2   H N N 51  
ASN HA   H N N 52  
ASN HB2  H N N 53  
ASN HB3  H N N 54  
ASN HD21 H N N 55  
ASN HD22 H N N 56  
ASN HXT  H N N 57  
ASP N    N N N 58  
ASP CA   C N S 59  
ASP C    C N N 60  
ASP O    O N N 61  
ASP CB   C N N 62  
ASP CG   C N N 63  
ASP OD1  O N N 64  
ASP OD2  O N N 65  
ASP OXT  O N N 66  
ASP H    H N N 67  
ASP H2   H N N 68  
ASP HA   H N N 69  
ASP HB2  H N N 70  
ASP HB3  H N N 71  
ASP HD2  H N N 72  
ASP HXT  H N N 73  
GLN N    N N N 74  
GLN CA   C N S 75  
GLN C    C N N 76  
GLN O    O N N 77  
GLN CB   C N N 78  
GLN CG   C N N 79  
GLN CD   C N N 80  
GLN OE1  O N N 81  
GLN NE2  N N N 82  
GLN OXT  O N N 83  
GLN H    H N N 84  
GLN H2   H N N 85  
GLN HA   H N N 86  
GLN HB2  H N N 87  
GLN HB3  H N N 88  
GLN HG2  H N N 89  
GLN HG3  H N N 90  
GLN HE21 H N N 91  
GLN HE22 H N N 92  
GLN HXT  H N N 93  
GLU N    N N N 94  
GLU CA   C N S 95  
GLU C    C N N 96  
GLU O    O N N 97  
GLU CB   C N N 98  
GLU CG   C N N 99  
GLU CD   C N N 100 
GLU OE1  O N N 101 
GLU OE2  O N N 102 
GLU OXT  O N N 103 
GLU H    H N N 104 
GLU H2   H N N 105 
GLU HA   H N N 106 
GLU HB2  H N N 107 
GLU HB3  H N N 108 
GLU HG2  H N N 109 
GLU HG3  H N N 110 
GLU HE2  H N N 111 
GLU HXT  H N N 112 
GLY N    N N N 113 
GLY CA   C N N 114 
GLY C    C N N 115 
GLY O    O N N 116 
GLY OXT  O N N 117 
GLY H    H N N 118 
GLY H2   H N N 119 
GLY HA2  H N N 120 
GLY HA3  H N N 121 
GLY HXT  H N N 122 
HIS N    N N N 123 
HIS CA   C N S 124 
HIS C    C N N 125 
HIS O    O N N 126 
HIS CB   C N N 127 
HIS CG   C Y N 128 
HIS ND1  N Y N 129 
HIS CD2  C Y N 130 
HIS CE1  C Y N 131 
HIS NE2  N Y N 132 
HIS OXT  O N N 133 
HIS H    H N N 134 
HIS H2   H N N 135 
HIS HA   H N N 136 
HIS HB2  H N N 137 
HIS HB3  H N N 138 
HIS HD1  H N N 139 
HIS HD2  H N N 140 
HIS HE1  H N N 141 
HIS HE2  H N N 142 
HIS HXT  H N N 143 
HOH O    O N N 144 
HOH H1   H N N 145 
HOH H2   H N N 146 
ILE N    N N N 147 
ILE CA   C N S 148 
ILE C    C N N 149 
ILE O    O N N 150 
ILE CB   C N S 151 
ILE CG1  C N N 152 
ILE CG2  C N N 153 
ILE CD1  C N N 154 
ILE OXT  O N N 155 
ILE H    H N N 156 
ILE H2   H N N 157 
ILE HA   H N N 158 
ILE HB   H N N 159 
ILE HG12 H N N 160 
ILE HG13 H N N 161 
ILE HG21 H N N 162 
ILE HG22 H N N 163 
ILE HG23 H N N 164 
ILE HD11 H N N 165 
ILE HD12 H N N 166 
ILE HD13 H N N 167 
ILE HXT  H N N 168 
LEU N    N N N 169 
LEU CA   C N S 170 
LEU C    C N N 171 
LEU O    O N N 172 
LEU CB   C N N 173 
LEU CG   C N N 174 
LEU CD1  C N N 175 
LEU CD2  C N N 176 
LEU OXT  O N N 177 
LEU H    H N N 178 
LEU H2   H N N 179 
LEU HA   H N N 180 
LEU HB2  H N N 181 
LEU HB3  H N N 182 
LEU HG   H N N 183 
LEU HD11 H N N 184 
LEU HD12 H N N 185 
LEU HD13 H N N 186 
LEU HD21 H N N 187 
LEU HD22 H N N 188 
LEU HD23 H N N 189 
LEU HXT  H N N 190 
LYS N    N N N 191 
LYS CA   C N S 192 
LYS C    C N N 193 
LYS O    O N N 194 
LYS CB   C N N 195 
LYS CG   C N N 196 
LYS CD   C N N 197 
LYS CE   C N N 198 
LYS NZ   N N N 199 
LYS OXT  O N N 200 
LYS H    H N N 201 
LYS H2   H N N 202 
LYS HA   H N N 203 
LYS HB2  H N N 204 
LYS HB3  H N N 205 
LYS HG2  H N N 206 
LYS HG3  H N N 207 
LYS HD2  H N N 208 
LYS HD3  H N N 209 
LYS HE2  H N N 210 
LYS HE3  H N N 211 
LYS HZ1  H N N 212 
LYS HZ2  H N N 213 
LYS HZ3  H N N 214 
LYS HXT  H N N 215 
MET N    N N N 216 
MET CA   C N S 217 
MET C    C N N 218 
MET O    O N N 219 
MET CB   C N N 220 
MET CG   C N N 221 
MET SD   S N N 222 
MET CE   C N N 223 
MET OXT  O N N 224 
MET H    H N N 225 
MET H2   H N N 226 
MET HA   H N N 227 
MET HB2  H N N 228 
MET HB3  H N N 229 
MET HG2  H N N 230 
MET HG3  H N N 231 
MET HE1  H N N 232 
MET HE2  H N N 233 
MET HE3  H N N 234 
MET HXT  H N N 235 
PHE N    N N N 236 
PHE CA   C N S 237 
PHE C    C N N 238 
PHE O    O N N 239 
PHE CB   C N N 240 
PHE CG   C Y N 241 
PHE CD1  C Y N 242 
PHE CD2  C Y N 243 
PHE CE1  C Y N 244 
PHE CE2  C Y N 245 
PHE CZ   C Y N 246 
PHE OXT  O N N 247 
PHE H    H N N 248 
PHE H2   H N N 249 
PHE HA   H N N 250 
PHE HB2  H N N 251 
PHE HB3  H N N 252 
PHE HD1  H N N 253 
PHE HD2  H N N 254 
PHE HE1  H N N 255 
PHE HE2  H N N 256 
PHE HZ   H N N 257 
PHE HXT  H N N 258 
PRO N    N N N 259 
PRO CA   C N S 260 
PRO C    C N N 261 
PRO O    O N N 262 
PRO CB   C N N 263 
PRO CG   C N N 264 
PRO CD   C N N 265 
PRO OXT  O N N 266 
PRO H    H N N 267 
PRO HA   H N N 268 
PRO HB2  H N N 269 
PRO HB3  H N N 270 
PRO HG2  H N N 271 
PRO HG3  H N N 272 
PRO HD2  H N N 273 
PRO HD3  H N N 274 
PRO HXT  H N N 275 
SER N    N N N 276 
SER CA   C N S 277 
SER C    C N N 278 
SER O    O N N 279 
SER CB   C N N 280 
SER OG   O N N 281 
SER OXT  O N N 282 
SER H    H N N 283 
SER H2   H N N 284 
SER HA   H N N 285 
SER HB2  H N N 286 
SER HB3  H N N 287 
SER HG   H N N 288 
SER HXT  H N N 289 
THR N    N N N 290 
THR CA   C N S 291 
THR C    C N N 292 
THR O    O N N 293 
THR CB   C N R 294 
THR OG1  O N N 295 
THR CG2  C N N 296 
THR OXT  O N N 297 
THR H    H N N 298 
THR H2   H N N 299 
THR HA   H N N 300 
THR HB   H N N 301 
THR HG1  H N N 302 
THR HG21 H N N 303 
THR HG22 H N N 304 
THR HG23 H N N 305 
THR HXT  H N N 306 
TRP N    N N N 307 
TRP CA   C N S 308 
TRP C    C N N 309 
TRP O    O N N 310 
TRP CB   C N N 311 
TRP CG   C Y N 312 
TRP CD1  C Y N 313 
TRP CD2  C Y N 314 
TRP NE1  N Y N 315 
TRP CE2  C Y N 316 
TRP CE3  C Y N 317 
TRP CZ2  C Y N 318 
TRP CZ3  C Y N 319 
TRP CH2  C Y N 320 
TRP OXT  O N N 321 
TRP H    H N N 322 
TRP H2   H N N 323 
TRP HA   H N N 324 
TRP HB2  H N N 325 
TRP HB3  H N N 326 
TRP HD1  H N N 327 
TRP HE1  H N N 328 
TRP HE3  H N N 329 
TRP HZ2  H N N 330 
TRP HZ3  H N N 331 
TRP HH2  H N N 332 
TRP HXT  H N N 333 
TYR N    N N N 334 
TYR CA   C N S 335 
TYR C    C N N 336 
TYR O    O N N 337 
TYR CB   C N N 338 
TYR CG   C Y N 339 
TYR CD1  C Y N 340 
TYR CD2  C Y N 341 
TYR CE1  C Y N 342 
TYR CE2  C Y N 343 
TYR CZ   C Y N 344 
TYR OH   O N N 345 
TYR OXT  O N N 346 
TYR H    H N N 347 
TYR H2   H N N 348 
TYR HA   H N N 349 
TYR HB2  H N N 350 
TYR HB3  H N N 351 
TYR HD1  H N N 352 
TYR HD2  H N N 353 
TYR HE1  H N N 354 
TYR HE2  H N N 355 
TYR HH   H N N 356 
TYR HXT  H N N 357 
VAL N    N N N 358 
VAL CA   C N S 359 
VAL C    C N N 360 
VAL O    O N N 361 
VAL CB   C N N 362 
VAL CG1  C N N 363 
VAL CG2  C N N 364 
VAL OXT  O N N 365 
VAL H    H N N 366 
VAL H2   H N N 367 
VAL HA   H N N 368 
VAL HB   H N N 369 
VAL HG11 H N N 370 
VAL HG12 H N N 371 
VAL HG13 H N N 372 
VAL HG21 H N N 373 
VAL HG22 H N N 374 
VAL HG23 H N N 375 
VAL HXT  H N N 376 
# 
loop_
_chem_comp_bond.comp_id 
_chem_comp_bond.atom_id_1 
_chem_comp_bond.atom_id_2 
_chem_comp_bond.value_order 
_chem_comp_bond.pdbx_aromatic_flag 
_chem_comp_bond.pdbx_stereo_config 
_chem_comp_bond.pdbx_ordinal 
ALA N   CA   sing N N 1   
ALA N   H    sing N N 2   
ALA N   H2   sing N N 3   
ALA CA  C    sing N N 4   
ALA CA  CB   sing N N 5   
ALA CA  HA   sing N N 6   
ALA C   O    doub N N 7   
ALA C   OXT  sing N N 8   
ALA CB  HB1  sing N N 9   
ALA CB  HB2  sing N N 10  
ALA CB  HB3  sing N N 11  
ALA OXT HXT  sing N N 12  
ARG N   CA   sing N N 13  
ARG N   H    sing N N 14  
ARG N   H2   sing N N 15  
ARG CA  C    sing N N 16  
ARG CA  CB   sing N N 17  
ARG CA  HA   sing N N 18  
ARG C   O    doub N N 19  
ARG C   OXT  sing N N 20  
ARG CB  CG   sing N N 21  
ARG CB  HB2  sing N N 22  
ARG CB  HB3  sing N N 23  
ARG CG  CD   sing N N 24  
ARG CG  HG2  sing N N 25  
ARG CG  HG3  sing N N 26  
ARG CD  NE   sing N N 27  
ARG CD  HD2  sing N N 28  
ARG CD  HD3  sing N N 29  
ARG NE  CZ   sing N N 30  
ARG NE  HE   sing N N 31  
ARG CZ  NH1  sing N N 32  
ARG CZ  NH2  doub N N 33  
ARG NH1 HH11 sing N N 34  
ARG NH1 HH12 sing N N 35  
ARG NH2 HH21 sing N N 36  
ARG NH2 HH22 sing N N 37  
ARG OXT HXT  sing N N 38  
ASN N   CA   sing N N 39  
ASN N   H    sing N N 40  
ASN N   H2   sing N N 41  
ASN CA  C    sing N N 42  
ASN CA  CB   sing N N 43  
ASN CA  HA   sing N N 44  
ASN C   O    doub N N 45  
ASN C   OXT  sing N N 46  
ASN CB  CG   sing N N 47  
ASN CB  HB2  sing N N 48  
ASN CB  HB3  sing N N 49  
ASN CG  OD1  doub N N 50  
ASN CG  ND2  sing N N 51  
ASN ND2 HD21 sing N N 52  
ASN ND2 HD22 sing N N 53  
ASN OXT HXT  sing N N 54  
ASP N   CA   sing N N 55  
ASP N   H    sing N N 56  
ASP N   H2   sing N N 57  
ASP CA  C    sing N N 58  
ASP CA  CB   sing N N 59  
ASP CA  HA   sing N N 60  
ASP C   O    doub N N 61  
ASP C   OXT  sing N N 62  
ASP CB  CG   sing N N 63  
ASP CB  HB2  sing N N 64  
ASP CB  HB3  sing N N 65  
ASP CG  OD1  doub N N 66  
ASP CG  OD2  sing N N 67  
ASP OD2 HD2  sing N N 68  
ASP OXT HXT  sing N N 69  
GLN N   CA   sing N N 70  
GLN N   H    sing N N 71  
GLN N   H2   sing N N 72  
GLN CA  C    sing N N 73  
GLN CA  CB   sing N N 74  
GLN CA  HA   sing N N 75  
GLN C   O    doub N N 76  
GLN C   OXT  sing N N 77  
GLN CB  CG   sing N N 78  
GLN CB  HB2  sing N N 79  
GLN CB  HB3  sing N N 80  
GLN CG  CD   sing N N 81  
GLN CG  HG2  sing N N 82  
GLN CG  HG3  sing N N 83  
GLN CD  OE1  doub N N 84  
GLN CD  NE2  sing N N 85  
GLN NE2 HE21 sing N N 86  
GLN NE2 HE22 sing N N 87  
GLN OXT HXT  sing N N 88  
GLU N   CA   sing N N 89  
GLU N   H    sing N N 90  
GLU N   H2   sing N N 91  
GLU CA  C    sing N N 92  
GLU CA  CB   sing N N 93  
GLU CA  HA   sing N N 94  
GLU C   O    doub N N 95  
GLU C   OXT  sing N N 96  
GLU CB  CG   sing N N 97  
GLU CB  HB2  sing N N 98  
GLU CB  HB3  sing N N 99  
GLU CG  CD   sing N N 100 
GLU CG  HG2  sing N N 101 
GLU CG  HG3  sing N N 102 
GLU CD  OE1  doub N N 103 
GLU CD  OE2  sing N N 104 
GLU OE2 HE2  sing N N 105 
GLU OXT HXT  sing N N 106 
GLY N   CA   sing N N 107 
GLY N   H    sing N N 108 
GLY N   H2   sing N N 109 
GLY CA  C    sing N N 110 
GLY CA  HA2  sing N N 111 
GLY CA  HA3  sing N N 112 
GLY C   O    doub N N 113 
GLY C   OXT  sing N N 114 
GLY OXT HXT  sing N N 115 
HIS N   CA   sing N N 116 
HIS N   H    sing N N 117 
HIS N   H2   sing N N 118 
HIS CA  C    sing N N 119 
HIS CA  CB   sing N N 120 
HIS CA  HA   sing N N 121 
HIS C   O    doub N N 122 
HIS C   OXT  sing N N 123 
HIS CB  CG   sing N N 124 
HIS CB  HB2  sing N N 125 
HIS CB  HB3  sing N N 126 
HIS CG  ND1  sing Y N 127 
HIS CG  CD2  doub Y N 128 
HIS ND1 CE1  doub Y N 129 
HIS ND1 HD1  sing N N 130 
HIS CD2 NE2  sing Y N 131 
HIS CD2 HD2  sing N N 132 
HIS CE1 NE2  sing Y N 133 
HIS CE1 HE1  sing N N 134 
HIS NE2 HE2  sing N N 135 
HIS OXT HXT  sing N N 136 
HOH O   H1   sing N N 137 
HOH O   H2   sing N N 138 
ILE N   CA   sing N N 139 
ILE N   H    sing N N 140 
ILE N   H2   sing N N 141 
ILE CA  C    sing N N 142 
ILE CA  CB   sing N N 143 
ILE CA  HA   sing N N 144 
ILE C   O    doub N N 145 
ILE C   OXT  sing N N 146 
ILE CB  CG1  sing N N 147 
ILE CB  CG2  sing N N 148 
ILE CB  HB   sing N N 149 
ILE CG1 CD1  sing N N 150 
ILE CG1 HG12 sing N N 151 
ILE CG1 HG13 sing N N 152 
ILE CG2 HG21 sing N N 153 
ILE CG2 HG22 sing N N 154 
ILE CG2 HG23 sing N N 155 
ILE CD1 HD11 sing N N 156 
ILE CD1 HD12 sing N N 157 
ILE CD1 HD13 sing N N 158 
ILE OXT HXT  sing N N 159 
LEU N   CA   sing N N 160 
LEU N   H    sing N N 161 
LEU N   H2   sing N N 162 
LEU CA  C    sing N N 163 
LEU CA  CB   sing N N 164 
LEU CA  HA   sing N N 165 
LEU C   O    doub N N 166 
LEU C   OXT  sing N N 167 
LEU CB  CG   sing N N 168 
LEU CB  HB2  sing N N 169 
LEU CB  HB3  sing N N 170 
LEU CG  CD1  sing N N 171 
LEU CG  CD2  sing N N 172 
LEU CG  HG   sing N N 173 
LEU CD1 HD11 sing N N 174 
LEU CD1 HD12 sing N N 175 
LEU CD1 HD13 sing N N 176 
LEU CD2 HD21 sing N N 177 
LEU CD2 HD22 sing N N 178 
LEU CD2 HD23 sing N N 179 
LEU OXT HXT  sing N N 180 
LYS N   CA   sing N N 181 
LYS N   H    sing N N 182 
LYS N   H2   sing N N 183 
LYS CA  C    sing N N 184 
LYS CA  CB   sing N N 185 
LYS CA  HA   sing N N 186 
LYS C   O    doub N N 187 
LYS C   OXT  sing N N 188 
LYS CB  CG   sing N N 189 
LYS CB  HB2  sing N N 190 
LYS CB  HB3  sing N N 191 
LYS CG  CD   sing N N 192 
LYS CG  HG2  sing N N 193 
LYS CG  HG3  sing N N 194 
LYS CD  CE   sing N N 195 
LYS CD  HD2  sing N N 196 
LYS CD  HD3  sing N N 197 
LYS CE  NZ   sing N N 198 
LYS CE  HE2  sing N N 199 
LYS CE  HE3  sing N N 200 
LYS NZ  HZ1  sing N N 201 
LYS NZ  HZ2  sing N N 202 
LYS NZ  HZ3  sing N N 203 
LYS OXT HXT  sing N N 204 
MET N   CA   sing N N 205 
MET N   H    sing N N 206 
MET N   H2   sing N N 207 
MET CA  C    sing N N 208 
MET CA  CB   sing N N 209 
MET CA  HA   sing N N 210 
MET C   O    doub N N 211 
MET C   OXT  sing N N 212 
MET CB  CG   sing N N 213 
MET CB  HB2  sing N N 214 
MET CB  HB3  sing N N 215 
MET CG  SD   sing N N 216 
MET CG  HG2  sing N N 217 
MET CG  HG3  sing N N 218 
MET SD  CE   sing N N 219 
MET CE  HE1  sing N N 220 
MET CE  HE2  sing N N 221 
MET CE  HE3  sing N N 222 
MET OXT HXT  sing N N 223 
PHE N   CA   sing N N 224 
PHE N   H    sing N N 225 
PHE N   H2   sing N N 226 
PHE CA  C    sing N N 227 
PHE CA  CB   sing N N 228 
PHE CA  HA   sing N N 229 
PHE C   O    doub N N 230 
PHE C   OXT  sing N N 231 
PHE CB  CG   sing N N 232 
PHE CB  HB2  sing N N 233 
PHE CB  HB3  sing N N 234 
PHE CG  CD1  doub Y N 235 
PHE CG  CD2  sing Y N 236 
PHE CD1 CE1  sing Y N 237 
PHE CD1 HD1  sing N N 238 
PHE CD2 CE2  doub Y N 239 
PHE CD2 HD2  sing N N 240 
PHE CE1 CZ   doub Y N 241 
PHE CE1 HE1  sing N N 242 
PHE CE2 CZ   sing Y N 243 
PHE CE2 HE2  sing N N 244 
PHE CZ  HZ   sing N N 245 
PHE OXT HXT  sing N N 246 
PRO N   CA   sing N N 247 
PRO N   CD   sing N N 248 
PRO N   H    sing N N 249 
PRO CA  C    sing N N 250 
PRO CA  CB   sing N N 251 
PRO CA  HA   sing N N 252 
PRO C   O    doub N N 253 
PRO C   OXT  sing N N 254 
PRO CB  CG   sing N N 255 
PRO CB  HB2  sing N N 256 
PRO CB  HB3  sing N N 257 
PRO CG  CD   sing N N 258 
PRO CG  HG2  sing N N 259 
PRO CG  HG3  sing N N 260 
PRO CD  HD2  sing N N 261 
PRO CD  HD3  sing N N 262 
PRO OXT HXT  sing N N 263 
SER N   CA   sing N N 264 
SER N   H    sing N N 265 
SER N   H2   sing N N 266 
SER CA  C    sing N N 267 
SER CA  CB   sing N N 268 
SER CA  HA   sing N N 269 
SER C   O    doub N N 270 
SER C   OXT  sing N N 271 
SER CB  OG   sing N N 272 
SER CB  HB2  sing N N 273 
SER CB  HB3  sing N N 274 
SER OG  HG   sing N N 275 
SER OXT HXT  sing N N 276 
THR N   CA   sing N N 277 
THR N   H    sing N N 278 
THR N   H2   sing N N 279 
THR CA  C    sing N N 280 
THR CA  CB   sing N N 281 
THR CA  HA   sing N N 282 
THR C   O    doub N N 283 
THR C   OXT  sing N N 284 
THR CB  OG1  sing N N 285 
THR CB  CG2  sing N N 286 
THR CB  HB   sing N N 287 
THR OG1 HG1  sing N N 288 
THR CG2 HG21 sing N N 289 
THR CG2 HG22 sing N N 290 
THR CG2 HG23 sing N N 291 
THR OXT HXT  sing N N 292 
TRP N   CA   sing N N 293 
TRP N   H    sing N N 294 
TRP N   H2   sing N N 295 
TRP CA  C    sing N N 296 
TRP CA  CB   sing N N 297 
TRP CA  HA   sing N N 298 
TRP C   O    doub N N 299 
TRP C   OXT  sing N N 300 
TRP CB  CG   sing N N 301 
TRP CB  HB2  sing N N 302 
TRP CB  HB3  sing N N 303 
TRP CG  CD1  doub Y N 304 
TRP CG  CD2  sing Y N 305 
TRP CD1 NE1  sing Y N 306 
TRP CD1 HD1  sing N N 307 
TRP CD2 CE2  doub Y N 308 
TRP CD2 CE3  sing Y N 309 
TRP NE1 CE2  sing Y N 310 
TRP NE1 HE1  sing N N 311 
TRP CE2 CZ2  sing Y N 312 
TRP CE3 CZ3  doub Y N 313 
TRP CE3 HE3  sing N N 314 
TRP CZ2 CH2  doub Y N 315 
TRP CZ2 HZ2  sing N N 316 
TRP CZ3 CH2  sing Y N 317 
TRP CZ3 HZ3  sing N N 318 
TRP CH2 HH2  sing N N 319 
TRP OXT HXT  sing N N 320 
TYR N   CA   sing N N 321 
TYR N   H    sing N N 322 
TYR N   H2   sing N N 323 
TYR CA  C    sing N N 324 
TYR CA  CB   sing N N 325 
TYR CA  HA   sing N N 326 
TYR C   O    doub N N 327 
TYR C   OXT  sing N N 328 
TYR CB  CG   sing N N 329 
TYR CB  HB2  sing N N 330 
TYR CB  HB3  sing N N 331 
TYR CG  CD1  doub Y N 332 
TYR CG  CD2  sing Y N 333 
TYR CD1 CE1  sing Y N 334 
TYR CD1 HD1  sing N N 335 
TYR CD2 CE2  doub Y N 336 
TYR CD2 HD2  sing N N 337 
TYR CE1 CZ   doub Y N 338 
TYR CE1 HE1  sing N N 339 
TYR CE2 CZ   sing Y N 340 
TYR CE2 HE2  sing N N 341 
TYR CZ  OH   sing N N 342 
TYR OH  HH   sing N N 343 
TYR OXT HXT  sing N N 344 
VAL N   CA   sing N N 345 
VAL N   H    sing N N 346 
VAL N   H2   sing N N 347 
VAL CA  C    sing N N 348 
VAL CA  CB   sing N N 349 
VAL CA  HA   sing N N 350 
VAL C   O    doub N N 351 
VAL C   OXT  sing N N 352 
VAL CB  CG1  sing N N 353 
VAL CB  CG2  sing N N 354 
VAL CB  HB   sing N N 355 
VAL CG1 HG11 sing N N 356 
VAL CG1 HG12 sing N N 357 
VAL CG1 HG13 sing N N 358 
VAL CG2 HG21 sing N N 359 
VAL CG2 HG22 sing N N 360 
VAL CG2 HG23 sing N N 361 
VAL OXT HXT  sing N N 362 
# 
_atom_sites.entry_id                    2P61 
_atom_sites.fract_transf_matrix[1][1]   -0.03363210 
_atom_sites.fract_transf_matrix[1][2]   -0.00892994 
_atom_sites.fract_transf_matrix[1][3]   0.00180055 
_atom_sites.fract_transf_matrix[2][1]   0.00072831 
_atom_sites.fract_transf_matrix[2][2]   -0.00508041 
_atom_sites.fract_transf_matrix[2][3]   -0.01159270 
_atom_sites.fract_transf_matrix[3][1]   0.00249007 
_atom_sites.fract_transf_matrix[3][2]   -0.00858776 
_atom_sites.fract_transf_matrix[3][3]   0.00391995 
_atom_sites.fract_transf_vector[1]      0.007464 
_atom_sites.fract_transf_vector[2]      0.711619 
_atom_sites.fract_transf_vector[3]      0.075268 
# 
loop_
_atom_type.symbol 
C 
N 
O 
S 
# 
loop_
_atom_site.group_PDB 
_atom_site.id 
_atom_site.type_symbol 
_atom_site.label_atom_id 
_atom_site.label_alt_id 
_atom_site.label_comp_id 
_atom_site.label_asym_id 
_atom_site.label_entity_id 
_atom_site.label_seq_id 
_atom_site.pdbx_PDB_ins_code 
_atom_site.Cartn_x 
_atom_site.Cartn_y 
_atom_site.Cartn_z 
_atom_site.occupancy 
_atom_site.B_iso_or_equiv 
_atom_site.pdbx_formal_charge 
_atom_site.auth_seq_id 
_atom_site.auth_comp_id 
_atom_site.auth_asym_id 
_atom_site.auth_atom_id 
_atom_site.pdbx_PDB_model_num 
ATOM   1   N N   . GLU A 1 36  ? 26.092  -3.094  -25.076 1.00 116.65 ? 34  GLU A N   1 
ATOM   2   C CA  . GLU A 1 36  ? 26.535  -1.977  -24.166 1.00 117.48 ? 34  GLU A CA  1 
ATOM   3   C C   . GLU A 1 36  ? 25.386  -1.015  -23.811 1.00 116.51 ? 34  GLU A C   1 
ATOM   4   O O   . GLU A 1 36  ? 25.249  -0.571  -22.661 1.00 116.81 ? 34  GLU A O   1 
ATOM   5   C CB  . GLU A 1 36  ? 27.717  -1.186  -24.773 1.00 117.77 ? 34  GLU A CB  1 
ATOM   6   C CG  . GLU A 1 36  ? 29.117  -1.834  -24.565 1.00 121.43 ? 34  GLU A CG  1 
ATOM   7   C CD  . GLU A 1 36  ? 30.221  -0.816  -24.163 1.00 125.68 ? 34  GLU A CD  1 
ATOM   8   O OE1 . GLU A 1 36  ? 30.076  0.405   -24.470 1.00 127.59 ? 34  GLU A OE1 1 
ATOM   9   O OE2 . GLU A 1 36  ? 31.226  -1.240  -23.530 1.00 124.96 ? 34  GLU A OE2 1 
ATOM   10  N N   . PHE A 1 37  ? 24.586  -0.707  -24.830 1.00 115.18 ? 35  PHE A N   1 
ATOM   11  C CA  . PHE A 1 37  ? 23.485  0.218   -24.762 1.00 113.84 ? 35  PHE A CA  1 
ATOM   12  C C   . PHE A 1 37  ? 22.338  -0.473  -24.047 1.00 114.22 ? 35  PHE A C   1 
ATOM   13  O O   . PHE A 1 37  ? 21.512  0.184   -23.389 1.00 114.88 ? 35  PHE A O   1 
ATOM   14  C CB  . PHE A 1 37  ? 23.127  0.669   -26.193 1.00 112.54 ? 35  PHE A CB  1 
ATOM   15  C CG  . PHE A 1 37  ? 21.649  0.641   -26.523 1.00 110.02 ? 35  PHE A CG  1 
ATOM   16  C CD1 . PHE A 1 37  ? 20.911  1.805   -26.548 1.00 106.52 ? 35  PHE A CD1 1 
ATOM   17  C CD2 . PHE A 1 37  ? 21.012  -0.551  -26.868 1.00 109.23 ? 35  PHE A CD2 1 
ATOM   18  C CE1 . PHE A 1 37  ? 19.557  1.785   -26.881 1.00 106.21 ? 35  PHE A CE1 1 
ATOM   19  C CE2 . PHE A 1 37  ? 19.652  -0.570  -27.201 1.00 107.96 ? 35  PHE A CE2 1 
ATOM   20  C CZ  . PHE A 1 37  ? 18.926  0.606   -27.205 1.00 106.20 ? 35  PHE A CZ  1 
ATOM   21  N N   . PHE A 1 38  ? 22.308  -1.798  -24.180 1.00 114.09 ? 36  PHE A N   1 
ATOM   22  C CA  . PHE A 1 38  ? 21.324  -2.651  -23.516 1.00 114.42 ? 36  PHE A CA  1 
ATOM   23  C C   . PHE A 1 38  ? 21.706  -2.898  -22.052 1.00 113.64 ? 36  PHE A C   1 
ATOM   24  O O   . PHE A 1 38  ? 21.037  -3.638  -21.337 1.00 113.38 ? 36  PHE A O   1 
ATOM   25  C CB  . PHE A 1 38  ? 21.175  -3.994  -24.252 1.00 115.04 ? 36  PHE A CB  1 
ATOM   26  C CG  . PHE A 1 38  ? 20.285  -3.936  -25.460 1.00 117.01 ? 36  PHE A CG  1 
ATOM   27  C CD1 . PHE A 1 38  ? 20.834  -3.920  -26.749 1.00 119.32 ? 36  PHE A CD1 1 
ATOM   28  C CD2 . PHE A 1 38  ? 18.891  -3.918  -25.317 1.00 118.23 ? 36  PHE A CD2 1 
ATOM   29  C CE1 . PHE A 1 38  ? 20.002  -3.869  -27.888 1.00 120.09 ? 36  PHE A CE1 1 
ATOM   30  C CE2 . PHE A 1 38  ? 18.044  -3.863  -26.439 1.00 118.85 ? 36  PHE A CE2 1 
ATOM   31  C CZ  . PHE A 1 38  ? 18.598  -3.840  -27.732 1.00 118.99 ? 36  PHE A CZ  1 
ATOM   32  N N   . ASP A 1 39  ? 22.812  -2.305  -21.626 1.00 112.93 ? 37  ASP A N   1 
ATOM   33  C CA  . ASP A 1 39  ? 23.181  -2.324  -20.229 1.00 112.16 ? 37  ASP A CA  1 
ATOM   34  C C   . ASP A 1 39  ? 22.752  -0.988  -19.623 1.00 110.30 ? 37  ASP A C   1 
ATOM   35  O O   . ASP A 1 39  ? 22.380  -0.916  -18.448 1.00 110.94 ? 37  ASP A O   1 
ATOM   36  C CB  . ASP A 1 39  ? 24.686  -2.559  -20.052 1.00 113.41 ? 37  ASP A CB  1 
ATOM   37  C CG  . ASP A 1 39  ? 25.002  -3.485  -18.865 1.00 116.32 ? 37  ASP A CG  1 
ATOM   38  O OD1 . ASP A 1 39  ? 25.544  -2.992  -17.828 1.00 116.98 ? 37  ASP A OD1 1 
ATOM   39  O OD2 . ASP A 1 39  ? 24.696  -4.708  -18.985 1.00 117.73 ? 37  ASP A OD2 1 
ATOM   40  N N   . ILE A 1 40  ? 22.772  0.075   -20.413 1.00 107.29 ? 38  ILE A N   1 
ATOM   41  C CA  . ILE A 1 40  ? 22.151  1.297   -19.935 1.00 104.98 ? 38  ILE A CA  1 
ATOM   42  C C   . ILE A 1 40  ? 20.602  1.196   -19.979 1.00 103.44 ? 38  ILE A C   1 
ATOM   43  O O   . ILE A 1 40  ? 19.922  1.664   -19.086 1.00 102.82 ? 38  ILE A O   1 
ATOM   44  C CB  . ILE A 1 40  ? 22.784  2.581   -20.575 1.00 105.22 ? 38  ILE A CB  1 
ATOM   45  C CG1 . ILE A 1 40  ? 24.292  2.610   -20.247 1.00 105.03 ? 38  ILE A CG1 1 
ATOM   46  C CG2 . ILE A 1 40  ? 22.111  3.886   -20.040 1.00 103.32 ? 38  ILE A CG2 1 
ATOM   47  C CD1 . ILE A 1 40  ? 25.152  3.488   -21.154 1.00 104.95 ? 38  ILE A CD1 1 
ATOM   48  N N   . LEU A 1 41  ? 20.059  0.525   -20.990 1.00 102.13 ? 39  LEU A N   1 
ATOM   49  C CA  . LEU A 1 41  ? 18.610  0.363   -21.100 1.00 100.39 ? 39  LEU A CA  1 
ATOM   50  C C   . LEU A 1 41  ? 17.976  -0.253  -19.842 1.00 99.66  ? 39  LEU A C   1 
ATOM   51  O O   . LEU A 1 41  ? 17.009  0.300   -19.317 1.00 98.73  ? 39  LEU A O   1 
ATOM   52  C CB  . LEU A 1 41  ? 18.200  -0.391  -22.378 1.00 99.73  ? 39  LEU A CB  1 
ATOM   53  C CG  . LEU A 1 41  ? 16.784  0.006   -22.851 1.00 98.49  ? 39  LEU A CG  1 
ATOM   54  C CD1 . LEU A 1 41  ? 16.793  1.329   -23.546 1.00 94.73  ? 39  LEU A CD1 1 
ATOM   55  C CD2 . LEU A 1 41  ? 16.135  -1.043  -23.752 1.00 100.35 ? 39  LEU A CD2 1 
ATOM   56  N N   . GLU A 1 42  ? 18.533  -1.375  -19.378 1.00 99.02  ? 40  GLU A N   1 
ATOM   57  C CA  . GLU A 1 42  ? 18.140  -2.018  -18.113 1.00 99.06  ? 40  GLU A CA  1 
ATOM   58  C C   . GLU A 1 42  ? 18.283  -1.098  -16.883 1.00 97.72  ? 40  GLU A C   1 
ATOM   59  O O   . GLU A 1 42  ? 17.521  -1.235  -15.932 1.00 96.83  ? 40  GLU A O   1 
ATOM   60  C CB  . GLU A 1 42  ? 18.930  -3.326  -17.861 1.00 99.76  ? 40  GLU A CB  1 
ATOM   61  C CG  . GLU A 1 42  ? 18.602  -4.551  -18.779 1.00 102.91 ? 40  GLU A CG  1 
ATOM   62  C CD  . GLU A 1 42  ? 17.150  -5.053  -18.670 1.00 107.23 ? 40  GLU A CD  1 
ATOM   63  O OE1 . GLU A 1 42  ? 16.906  -6.000  -17.871 1.00 107.44 ? 40  GLU A OE1 1 
ATOM   64  O OE2 . GLU A 1 42  ? 16.262  -4.494  -19.383 1.00 107.87 ? 40  GLU A OE2 1 
ATOM   65  N N   . ASP A 1 43  ? 19.269  -0.191  -16.907 1.00 96.47  ? 41  ASP A N   1 
ATOM   66  C CA  . ASP A 1 43  ? 19.440  0.798   -15.837 1.00 95.17  ? 41  ASP A CA  1 
ATOM   67  C C   . ASP A 1 43  ? 18.348  1.849   -15.887 1.00 93.87  ? 41  ASP A C   1 
ATOM   68  O O   . ASP A 1 43  ? 17.803  2.222   -14.877 1.00 94.30  ? 41  ASP A O   1 
ATOM   69  C CB  . ASP A 1 43  ? 20.810  1.472   -15.885 1.00 95.36  ? 41  ASP A CB  1 
ATOM   70  C CG  . ASP A 1 43  ? 21.941  0.575   -15.363 1.00 97.27  ? 41  ASP A CG  1 
ATOM   71  O OD1 . ASP A 1 43  ? 21.901  -0.672  -15.547 1.00 96.13  ? 41  ASP A OD1 1 
ATOM   72  O OD2 . ASP A 1 43  ? 22.887  1.141   -14.761 1.00 99.85  ? 41  ASP A OD2 1 
ATOM   73  N N   . VAL A 1 44  ? 18.016  2.327   -17.065 1.00 92.16  ? 42  VAL A N   1 
ATOM   74  C CA  . VAL A 1 44  ? 16.889  3.217   -17.196 1.00 90.54  ? 42  VAL A CA  1 
ATOM   75  C C   . VAL A 1 44  ? 15.582  2.501   -16.798 1.00 91.05  ? 42  VAL A C   1 
ATOM   76  O O   . VAL A 1 44  ? 14.660  3.119   -16.331 1.00 91.37  ? 42  VAL A O   1 
ATOM   77  C CB  . VAL A 1 44  ? 16.848  3.798   -18.614 1.00 89.77  ? 42  VAL A CB  1 
ATOM   78  C CG1 . VAL A 1 44  ? 15.659  4.696   -18.839 1.00 87.38  ? 42  VAL A CG1 1 
ATOM   79  C CG2 . VAL A 1 44  ? 18.130  4.541   -18.877 1.00 88.96  ? 42  VAL A CG2 1 
ATOM   80  N N   . LYS A 1 45  ? 15.497  1.199   -16.979 1.00 91.61  ? 43  LYS A N   1 
ATOM   81  C CA  . LYS A 1 45  ? 14.237  0.522   -16.740 1.00 92.76  ? 43  LYS A CA  1 
ATOM   82  C C   . LYS A 1 45  ? 14.040  0.405   -15.242 1.00 92.97  ? 43  LYS A C   1 
ATOM   83  O O   . LYS A 1 45  ? 12.962  0.702   -14.749 1.00 92.96  ? 43  LYS A O   1 
ATOM   84  C CB  . LYS A 1 45  ? 14.214  -0.870  -17.384 1.00 92.92  ? 43  LYS A CB  1 
ATOM   85  C CG  . LYS A 1 45  ? 13.718  -0.911  -18.844 1.00 93.93  ? 43  LYS A CG  1 
ATOM   86  C CD  . LYS A 1 45  ? 13.481  -2.402  -19.287 1.00 94.69  ? 43  LYS A CD  1 
ATOM   87  C CE  . LYS A 1 45  ? 12.441  -2.559  -20.481 1.00 96.59  ? 43  LYS A CE  1 
ATOM   88  N NZ  . LYS A 1 45  ? 12.596  -1.662  -21.708 1.00 92.50  ? 43  LYS A NZ  1 
ATOM   89  N N   . GLU A 1 46  ? 15.117  -0.021  -14.561 1.00 92.96  ? 44  GLU A N   1 
ATOM   90  C CA  . GLU A 1 46  ? 15.240  -0.249  -13.125 1.00 92.84  ? 44  GLU A CA  1 
ATOM   91  C C   . GLU A 1 46  ? 14.951  1.052   -12.395 1.00 90.42  ? 44  GLU A C   1 
ATOM   92  O O   . GLU A 1 46  ? 14.169  1.059   -11.449 1.00 90.88  ? 44  GLU A O   1 
ATOM   93  C CB  . GLU A 1 46  ? 16.671  -0.755  -12.798 1.00 92.63  ? 44  GLU A CB  1 
ATOM   94  C CG  . GLU A 1 46  ? 16.865  -1.764  -11.588 1.00 97.01  ? 44  GLU A CG  1 
ATOM   95  C CD  . GLU A 1 46  ? 18.242  -2.581  -11.647 1.00 98.20  ? 44  GLU A CD  1 
ATOM   96  O OE1 . GLU A 1 46  ? 19.217  -2.068  -12.275 1.00 103.48 ? 44  GLU A OE1 1 
ATOM   97  O OE2 . GLU A 1 46  ? 18.348  -3.725  -11.074 1.00 101.13 ? 44  GLU A OE2 1 
ATOM   98  N N   . ASP A 1 47  ? 15.547  2.151   -12.839 1.00 88.10  ? 45  ASP A N   1 
ATOM   99  C CA  . ASP A 1 47  ? 15.355  3.431   -12.161 1.00 86.54  ? 45  ASP A CA  1 
ATOM   100 C C   . ASP A 1 47  ? 13.949  3.947   -12.376 1.00 85.17  ? 45  ASP A C   1 
ATOM   101 O O   . ASP A 1 47  ? 13.312  4.485   -11.467 1.00 85.35  ? 45  ASP A O   1 
ATOM   102 C CB  . ASP A 1 47  ? 16.347  4.485   -12.641 1.00 86.69  ? 45  ASP A CB  1 
ATOM   103 C CG  . ASP A 1 47  ? 17.779  4.023   -12.552 1.00 88.94  ? 45  ASP A CG  1 
ATOM   104 O OD1 . ASP A 1 47  ? 18.041  2.894   -12.025 1.00 88.26  ? 45  ASP A OD1 1 
ATOM   105 O OD2 . ASP A 1 47  ? 18.642  4.791   -13.045 1.00 91.42  ? 45  ASP A OD2 1 
ATOM   106 N N   . HIS A 1 48  ? 13.466  3.816   -13.593 1.00 83.14  ? 46  HIS A N   1 
ATOM   107 C CA  . HIS A 1 48  ? 12.084  4.138   -13.858 1.00 81.52  ? 46  HIS A CA  1 
ATOM   108 C C   . HIS A 1 48  ? 11.138  3.414   -12.896 1.00 80.51  ? 46  HIS A C   1 
ATOM   109 O O   . HIS A 1 48  ? 10.292  4.033   -12.295 1.00 80.08  ? 46  HIS A O   1 
ATOM   110 C CB  . HIS A 1 48  ? 11.724  3.772   -15.291 1.00 80.62  ? 46  HIS A CB  1 
ATOM   111 C CG  . HIS A 1 48  ? 10.366  4.204   -15.676 1.00 80.93  ? 46  HIS A CG  1 
ATOM   112 N ND1 . HIS A 1 48  ? 9.978   5.533   -15.646 1.00 83.54  ? 46  HIS A ND1 1 
ATOM   113 C CD2 . HIS A 1 48  ? 9.285   3.497   -16.081 1.00 83.56  ? 46  HIS A CD2 1 
ATOM   114 C CE1 . HIS A 1 48  ? 8.709   5.626   -16.014 1.00 84.82  ? 46  HIS A CE1 1 
ATOM   115 N NE2 . HIS A 1 48  ? 8.269   4.405   -16.301 1.00 87.22  ? 46  HIS A NE2 1 
ATOM   116 N N   . PHE A 1 49  ? 11.300  2.104   -12.755 1.00 79.73  ? 47  PHE A N   1 
ATOM   117 C CA  . PHE A 1 49  ? 10.360  1.301   -12.024 1.00 79.22  ? 47  PHE A CA  1 
ATOM   118 C C   . PHE A 1 49  ? 10.474  1.668   -10.537 1.00 79.38  ? 47  PHE A C   1 
ATOM   119 O O   . PHE A 1 49  ? 9.469   1.847   -9.886  1.00 78.85  ? 47  PHE A O   1 
ATOM   120 C CB  . PHE A 1 49  ? 10.585  -0.194  -12.299 1.00 79.25  ? 47  PHE A CB  1 
ATOM   121 C CG  . PHE A 1 49  ? 9.727   -1.101  -11.459 1.00 79.72  ? 47  PHE A CG  1 
ATOM   122 C CD1 . PHE A 1 49  ? 8.425   -1.385  -11.833 1.00 76.32  ? 47  PHE A CD1 1 
ATOM   123 C CD2 . PHE A 1 49  ? 10.225  -1.651  -10.275 1.00 81.14  ? 47  PHE A CD2 1 
ATOM   124 C CE1 . PHE A 1 49  ? 7.626   -2.199  -11.053 1.00 77.10  ? 47  PHE A CE1 1 
ATOM   125 C CE2 . PHE A 1 49  ? 9.411   -2.472  -9.463  1.00 82.37  ? 47  PHE A CE2 1 
ATOM   126 C CZ  . PHE A 1 49  ? 8.103   -2.749  -9.866  1.00 78.48  ? 47  PHE A CZ  1 
ATOM   127 N N   . GLU A 1 50  ? 11.697  1.813   -10.039 1.00 79.39  ? 48  GLU A N   1 
ATOM   128 C CA  . GLU A 1 50  ? 11.992  2.409   -8.734  1.00 79.96  ? 48  GLU A CA  1 
ATOM   129 C C   . GLU A 1 50  ? 11.339  3.774   -8.381  1.00 79.66  ? 48  GLU A C   1 
ATOM   130 O O   . GLU A 1 50  ? 11.017  4.016   -7.206  1.00 79.34  ? 48  GLU A O   1 
ATOM   131 C CB  . GLU A 1 50  ? 13.502  2.564   -8.595  1.00 80.48  ? 48  GLU A CB  1 
ATOM   132 C CG  . GLU A 1 50  ? 14.213  1.428   -7.916  1.00 83.40  ? 48  GLU A CG  1 
ATOM   133 C CD  . GLU A 1 50  ? 13.381  0.180   -7.776  1.00 85.72  ? 48  GLU A CD  1 
ATOM   134 O OE1 . GLU A 1 50  ? 12.943  -0.106  -6.642  1.00 83.48  ? 48  GLU A OE1 1 
ATOM   135 O OE2 . GLU A 1 50  ? 13.182  -0.516  -8.797  1.00 91.15  ? 48  GLU A OE2 1 
ATOM   136 N N   . LYS A 1 51  ? 11.183  4.656   -9.367  1.00 79.14  ? 49  LYS A N   1 
ATOM   137 C CA  . LYS A 1 51  ? 10.492  5.955   -9.174  1.00 79.40  ? 49  LYS A CA  1 
ATOM   138 C C   . LYS A 1 51  ? 8.987   5.799   -9.180  1.00 77.18  ? 49  LYS A C   1 
ATOM   139 O O   . LYS A 1 51  ? 8.253   6.501   -8.447  1.00 76.48  ? 49  LYS A O   1 
ATOM   140 C CB  . LYS A 1 51  ? 10.904  7.014   -10.227 1.00 80.21  ? 49  LYS A CB  1 
ATOM   141 C CG  . LYS A 1 51  ? 9.753   7.969   -10.666 1.00 81.62  ? 49  LYS A CG  1 
ATOM   142 C CD  . LYS A 1 51  ? 10.261  9.373   -11.131 1.00 83.07  ? 49  LYS A CD  1 
ATOM   143 C CE  . LYS A 1 51  ? 9.200   10.237  -11.948 1.00 85.44  ? 49  LYS A CE  1 
ATOM   144 N NZ  . LYS A 1 51  ? 8.492   9.509   -13.058 1.00 86.88  ? 49  LYS A NZ  1 
ATOM   145 N N   . LEU A 1 52  ? 8.531   4.886   -10.029 1.00 75.37  ? 50  LEU A N   1 
ATOM   146 C CA  . LEU A 1 52  ? 7.142   4.495   -10.001 1.00 73.41  ? 50  LEU A CA  1 
ATOM   147 C C   . LEU A 1 52  ? 6.761   3.962   -8.624  1.00 72.68  ? 50  LEU A C   1 
ATOM   148 O O   . LEU A 1 52  ? 5.757   4.357   -8.080  1.00 71.74  ? 50  LEU A O   1 
ATOM   149 C CB  . LEU A 1 52  ? 6.844   3.456   -11.047 1.00 72.53  ? 50  LEU A CB  1 
ATOM   150 C CG  . LEU A 1 52  ? 6.249   3.865   -12.383 1.00 72.40  ? 50  LEU A CG  1 
ATOM   151 C CD1 . LEU A 1 52  ? 5.328   2.694   -12.671 1.00 75.87  ? 50  LEU A CD1 1 
ATOM   152 C CD2 . LEU A 1 52  ? 5.455   5.172   -12.429 1.00 67.56  ? 50  LEU A CD2 1 
ATOM   153 N N   . LEU A 1 53  ? 7.582   3.076   -8.091  1.00 73.21  ? 51  LEU A N   1 
ATOM   154 C CA  . LEU A 1 53  ? 7.297   2.329   -6.876  1.00 74.67  ? 51  LEU A CA  1 
ATOM   155 C C   . LEU A 1 53  ? 7.354   3.207   -5.602  1.00 76.13  ? 51  LEU A C   1 
ATOM   156 O O   . LEU A 1 53  ? 6.452   3.147   -4.761  1.00 77.04  ? 51  LEU A O   1 
ATOM   157 C CB  . LEU A 1 53  ? 8.262   1.169   -6.764  1.00 73.37  ? 51  LEU A CB  1 
ATOM   158 C CG  . LEU A 1 53  ? 8.249   0.256   -5.537  1.00 73.86  ? 51  LEU A CG  1 
ATOM   159 C CD1 . LEU A 1 53  ? 6.954   -0.574  -5.272  1.00 66.57  ? 51  LEU A CD1 1 
ATOM   160 C CD2 . LEU A 1 53  ? 9.472   -0.645  -5.676  1.00 70.72  ? 51  LEU A CD2 1 
ATOM   161 N N   . GLU A 1 54  ? 8.398   4.012   -5.478  1.00 76.89  ? 52  GLU A N   1 
ATOM   162 C CA  . GLU A 1 54  ? 8.467   5.102   -4.512  1.00 77.54  ? 52  GLU A CA  1 
ATOM   163 C C   . GLU A 1 54  ? 7.250   5.967   -4.526  1.00 78.14  ? 52  GLU A C   1 
ATOM   164 O O   . GLU A 1 54  ? 6.595   6.081   -3.501  1.00 79.89  ? 52  GLU A O   1 
ATOM   165 C CB  . GLU A 1 54  ? 9.626   5.950   -4.883  1.00 78.41  ? 52  GLU A CB  1 
ATOM   166 C CG  . GLU A 1 54  ? 10.088  7.028   -3.991  1.00 80.40  ? 52  GLU A CG  1 
ATOM   167 C CD  . GLU A 1 54  ? 11.330  7.598   -4.649  1.00 85.66  ? 52  GLU A CD  1 
ATOM   168 O OE1 . GLU A 1 54  ? 11.202  8.380   -5.654  1.00 83.93  ? 52  GLU A OE1 1 
ATOM   169 O OE2 . GLU A 1 54  ? 12.425  7.156   -4.236  1.00 86.45  ? 52  GLU A OE2 1 
ATOM   170 N N   . GLU A 1 55  ? 6.934   6.575   -5.668  1.00 77.96  ? 53  GLU A N   1 
ATOM   171 C CA  . GLU A 1 55  ? 5.708   7.364   -5.818  1.00 77.68  ? 53  GLU A CA  1 
ATOM   172 C C   . GLU A 1 55  ? 4.468   6.631   -5.341  1.00 75.08  ? 53  GLU A C   1 
ATOM   173 O O   . GLU A 1 55  ? 3.497   7.255   -5.014  1.00 77.43  ? 53  GLU A O   1 
ATOM   174 C CB  . GLU A 1 55  ? 5.482   7.761   -7.288  1.00 76.97  ? 53  GLU A CB  1 
ATOM   175 C CG  . GLU A 1 55  ? 6.278   8.968   -7.788  1.00 81.16  ? 53  GLU A CG  1 
ATOM   176 C CD  . GLU A 1 55  ? 6.293   9.124   -9.352  1.00 83.69  ? 53  GLU A CD  1 
ATOM   177 O OE1 . GLU A 1 55  ? 5.276   8.764   -10.049 1.00 87.96  ? 53  GLU A OE1 1 
ATOM   178 O OE2 . GLU A 1 55  ? 7.357   9.585   -9.871  1.00 88.72  ? 53  GLU A OE2 1 
ATOM   179 N N   . ALA A 1 56  ? 4.444   5.315   -5.344  1.00 73.28  ? 54  ALA A N   1 
ATOM   180 C CA  . ALA A 1 56  ? 3.204   4.638   -5.068  1.00 71.52  ? 54  ALA A CA  1 
ATOM   181 C C   . ALA A 1 56  ? 3.182   4.580   -3.578  1.00 71.78  ? 54  ALA A C   1 
ATOM   182 O O   . ALA A 1 56  ? 2.105   4.588   -2.975  1.00 71.69  ? 54  ALA A O   1 
ATOM   183 C CB  . ALA A 1 56  ? 3.197   3.243   -5.652  1.00 70.75  ? 54  ALA A CB  1 
ATOM   184 N N   . VAL A 1 57  ? 4.370   4.500   -2.970  1.00 71.09  ? 55  VAL A N   1 
ATOM   185 C CA  . VAL A 1 57  ? 4.442   4.480   -1.522  1.00 70.99  ? 55  VAL A CA  1 
ATOM   186 C C   . VAL A 1 57  ? 3.922   5.799   -1.010  1.00 69.87  ? 55  VAL A C   1 
ATOM   187 O O   . VAL A 1 57  ? 3.123   5.804   -0.099  1.00 70.26  ? 55  VAL A O   1 
ATOM   188 C CB  . VAL A 1 57  ? 5.843   4.265   -0.960  1.00 71.33  ? 55  VAL A CB  1 
ATOM   189 C CG1 . VAL A 1 57  ? 5.852   4.760   0.451   1.00 72.20  ? 55  VAL A CG1 1 
ATOM   190 C CG2 . VAL A 1 57  ? 6.136   2.801   -0.908  1.00 71.86  ? 55  VAL A CG2 1 
ATOM   191 N N   . GLU A 1 58  ? 4.324   6.902   -1.640  1.00 68.34  ? 56  GLU A N   1 
ATOM   192 C CA  . GLU A 1 58  ? 3.926   8.206   -1.187  1.00 67.17  ? 56  GLU A CA  1 
ATOM   193 C C   . GLU A 1 58  ? 2.454   8.352   -1.260  1.00 66.67  ? 56  GLU A C   1 
ATOM   194 O O   . GLU A 1 58  ? 1.888   8.895   -0.305  1.00 67.83  ? 56  GLU A O   1 
ATOM   195 C CB  . GLU A 1 58  ? 4.619   9.290   -1.925  1.00 66.21  ? 56  GLU A CB  1 
ATOM   196 C CG  . GLU A 1 58  ? 6.077   9.307   -1.515  1.00 72.35  ? 56  GLU A CG  1 
ATOM   197 C CD  . GLU A 1 58  ? 6.976   10.103  -2.467  1.00 82.37  ? 56  GLU A CD  1 
ATOM   198 O OE1 . GLU A 1 58  ? 6.487   10.649  -3.520  1.00 84.41  ? 56  GLU A OE1 1 
ATOM   199 O OE2 . GLU A 1 58  ? 8.190   10.176  -2.140  1.00 85.62  ? 56  GLU A OE2 1 
ATOM   200 N N   . GLU A 1 59  ? 1.815   7.813   -2.319  1.00 63.97  ? 57  GLU A N   1 
ATOM   201 C CA  . GLU A 1 59  ? 0.387   8.030   -2.509  1.00 62.41  ? 57  GLU A CA  1 
ATOM   202 C C   . GLU A 1 59  ? -0.354  7.217   -1.473  1.00 61.58  ? 57  GLU A C   1 
ATOM   203 O O   . GLU A 1 59  ? -1.406  7.647   -1.019  1.00 62.28  ? 57  GLU A O   1 
ATOM   204 C CB  . GLU A 1 59  ? -0.108  7.811   -3.973  1.00 62.09  ? 57  GLU A CB  1 
ATOM   205 C CG  . GLU A 1 59  ? -1.620  8.223   -4.334  1.00 62.01  ? 57  GLU A CG  1 
ATOM   206 C CD  . GLU A 1 59  ? -1.990  9.730   -4.018  1.00 75.11  ? 57  GLU A CD  1 
ATOM   207 O OE1 . GLU A 1 59  ? -3.231  10.037  -3.978  1.00 77.91  ? 57  GLU A OE1 1 
ATOM   208 O OE2 . GLU A 1 59  ? -1.088  10.636  -3.803  1.00 77.54  ? 57  GLU A OE2 1 
ATOM   209 N N   . VAL A 1 60  ? 0.180   6.072   -1.070  1.00 60.21  ? 58  VAL A N   1 
ATOM   210 C CA  . VAL A 1 60  ? -0.412  5.309   0.061   1.00 59.79  ? 58  VAL A CA  1 
ATOM   211 C C   . VAL A 1 60  ? -0.419  6.119   1.413   1.00 60.64  ? 58  VAL A C   1 
ATOM   212 O O   . VAL A 1 60  ? -1.439  6.069   2.154   1.00 60.39  ? 58  VAL A O   1 
ATOM   213 C CB  . VAL A 1 60  ? 0.345   4.037   0.379   1.00 58.95  ? 58  VAL A CB  1 
ATOM   214 C CG1 . VAL A 1 60  ? -0.278  3.400   1.558   1.00 57.79  ? 58  VAL A CG1 1 
ATOM   215 C CG2 . VAL A 1 60  ? 0.359   3.024   -0.868  1.00 60.66  ? 58  VAL A CG2 1 
ATOM   216 N N   . ILE A 1 61  ? 0.699   6.821   1.733   1.00 60.18  ? 59  ILE A N   1 
ATOM   217 C CA  . ILE A 1 61  ? 0.799   7.592   2.937   1.00 60.05  ? 59  ILE A CA  1 
ATOM   218 C C   . ILE A 1 61  ? -0.064  8.829   2.751   1.00 61.11  ? 59  ILE A C   1 
ATOM   219 O O   . ILE A 1 61  ? -0.875  9.135   3.627   1.00 61.87  ? 59  ILE A O   1 
ATOM   220 C CB  . ILE A 1 61  ? 2.196   8.195   3.223   1.00 60.76  ? 59  ILE A CB  1 
ATOM   221 C CG1 . ILE A 1 61  ? 3.403   7.246   3.177   1.00 55.48  ? 59  ILE A CG1 1 
ATOM   222 C CG2 . ILE A 1 61  ? 2.127   8.915   4.582   1.00 62.19  ? 59  ILE A CG2 1 
ATOM   223 C CD1 . ILE A 1 61  ? 3.307   6.068   4.064   1.00 53.85  ? 59  ILE A CD1 1 
ATOM   224 N N   . ASP A 1 62  ? 0.086   9.533   1.617   1.00 61.16  ? 60  ASP A N   1 
ATOM   225 C CA  A ASP A 1 62  ? -0.596  10.835  1.395   0.50 61.21  ? 60  ASP A CA  1 
ATOM   226 C CA  B ASP A 1 62  ? -0.548  10.813  1.480   0.50 61.10  ? 60  ASP A CA  1 
ATOM   227 C C   . ASP A 1 62  ? -2.103  10.687  1.524   1.00 61.82  ? 60  ASP A C   1 
ATOM   228 O O   . ASP A 1 62  ? -2.745  11.454  2.237   1.00 63.68  ? 60  ASP A O   1 
ATOM   229 C CB  A ASP A 1 62  ? -0.147  11.550  0.099   0.50 60.71  ? 60  ASP A CB  1 
ATOM   230 C CB  B ASP A 1 62  ? 0.169   11.715  0.430   0.50 60.19  ? 60  ASP A CB  1 
ATOM   231 C CG  A ASP A 1 62  ? -1.056  12.770  -0.307  0.50 63.29  ? 60  ASP A CG  1 
ATOM   232 C CG  B ASP A 1 62  ? 1.628   12.197  0.926   0.50 62.77  ? 60  ASP A CG  1 
ATOM   233 O OD1 A ASP A 1 62  ? -2.051  13.075  0.402   0.50 69.34  ? 60  ASP A OD1 1 
ATOM   234 O OD1 B ASP A 1 62  ? 1.727   12.885  1.972   0.50 64.23  ? 60  ASP A OD1 1 
ATOM   235 O OD2 A ASP A 1 62  ? -0.797  13.445  -1.365  0.50 63.19  ? 60  ASP A OD2 1 
ATOM   236 O OD2 B ASP A 1 62  ? 2.702   11.889  0.331   0.50 62.68  ? 60  ASP A OD2 1 
ATOM   237 N N   . SER A 1 63  ? -2.696  9.665   0.881   1.00 62.24  ? 61  SER A N   1 
ATOM   238 C CA  . SER A 1 63  ? -4.156  9.393   1.002   1.00 61.62  ? 61  SER A CA  1 
ATOM   239 C C   . SER A 1 63  ? -4.635  8.714   2.340   1.00 63.23  ? 61  SER A C   1 
ATOM   240 O O   . SER A 1 63  ? -5.882  8.836   2.697   1.00 61.62  ? 61  SER A O   1 
ATOM   241 C CB  . SER A 1 63  ? -4.607  8.496   -0.160  1.00 62.68  ? 61  SER A CB  1 
ATOM   242 O OG  . SER A 1 63  ? -3.820  7.260   -0.234  1.00 56.99  ? 61  SER A OG  1 
ATOM   243 N N   . GLY A 1 64  ? -3.731  7.941   3.021   1.00 62.56  ? 62  GLY A N   1 
ATOM   244 C CA  . GLY A 1 64  ? -3.955  7.444   4.414   1.00 62.09  ? 62  GLY A CA  1 
ATOM   245 C C   . GLY A 1 64  ? -4.201  8.724   5.221   1.00 64.79  ? 62  GLY A C   1 
ATOM   246 O O   . GLY A 1 64  ? -5.313  8.960   5.771   1.00 65.58  ? 62  GLY A O   1 
ATOM   247 N N   . ASN A 1 65  ? -3.211  9.635   5.176   1.00 66.20  ? 63  ASN A N   1 
ATOM   248 C CA  . ASN A 1 65  ? -3.267  10.876  5.943   1.00 66.75  ? 63  ASN A CA  1 
ATOM   249 C C   . ASN A 1 65  ? -4.517  11.683  5.594   1.00 68.13  ? 63  ASN A C   1 
ATOM   250 O O   . ASN A 1 65  ? -5.292  12.096  6.511   1.00 70.00  ? 63  ASN A O   1 
ATOM   251 C CB  . ASN A 1 65  ? -1.914  11.637  5.943   1.00 66.74  ? 63  ASN A CB  1 
ATOM   252 C CG  . ASN A 1 65  ? -0.868  11.051  7.031   1.00 69.61  ? 63  ASN A CG  1 
ATOM   253 O OD1 . ASN A 1 65  ? -1.188  10.912  8.241   1.00 75.66  ? 63  ASN A OD1 1 
ATOM   254 N ND2 . ASN A 1 65  ? 0.356   10.774  6.605   1.00 66.53  ? 63  ASN A ND2 1 
ATOM   255 N N   . GLU A 1 66  ? -4.826  11.832  4.302   1.00 68.05  ? 64  GLU A N   1 
ATOM   256 C CA  . GLU A 1 66  ? -6.103  12.509  3.965   1.00 68.96  ? 64  GLU A CA  1 
ATOM   257 C C   . GLU A 1 66  ? -7.355  11.747  4.416   1.00 67.26  ? 64  GLU A C   1 
ATOM   258 O O   . GLU A 1 66  ? -8.347  12.341  4.836   1.00 68.63  ? 64  GLU A O   1 
ATOM   259 C CB  . GLU A 1 66  ? -6.212  12.765  2.487   1.00 70.01  ? 64  GLU A CB  1 
ATOM   260 C CG  . GLU A 1 66  ? -7.251  13.852  2.138   1.00 76.64  ? 64  GLU A CG  1 
ATOM   261 C CD  . GLU A 1 66  ? -6.709  15.274  2.285   1.00 79.37  ? 64  GLU A CD  1 
ATOM   262 O OE1 . GLU A 1 66  ? -5.506  15.473  2.065   1.00 79.81  ? 64  GLU A OE1 1 
ATOM   263 O OE2 . GLU A 1 66  ? -7.486  16.174  2.628   1.00 80.06  ? 64  GLU A OE2 1 
ATOM   264 N N   . LEU A 1 67  ? -7.329  10.416  4.356   1.00 65.96  ? 65  LEU A N   1 
ATOM   265 C CA  . LEU A 1 67  ? -8.533  9.682   4.782   1.00 64.01  ? 65  LEU A CA  1 
ATOM   266 C C   . LEU A 1 67  ? -8.787  10.102  6.227   1.00 64.83  ? 65  LEU A C   1 
ATOM   267 O O   . LEU A 1 67  ? -9.912  10.464  6.547   1.00 64.71  ? 65  LEU A O   1 
ATOM   268 C CB  . LEU A 1 67  ? -8.414  8.186   4.603   1.00 62.89  ? 65  LEU A CB  1 
ATOM   269 C CG  . LEU A 1 67  ? -9.433  7.192   5.197   1.00 62.49  ? 65  LEU A CG  1 
ATOM   270 C CD1 . LEU A 1 67  ? -10.908 7.325   4.652   1.00 47.07  ? 65  LEU A CD1 1 
ATOM   271 C CD2 . LEU A 1 67  ? -8.839  5.696   5.033   1.00 59.68  ? 65  LEU A CD2 1 
ATOM   272 N N   . VAL A 1 68  ? -7.717  10.165  7.044   1.00 64.99  ? 66  VAL A N   1 
ATOM   273 C CA  . VAL A 1 68  ? -7.777  10.510  8.496   1.00 64.85  ? 66  VAL A CA  1 
ATOM   274 C C   . VAL A 1 68  ? -8.429  11.850  8.816   1.00 65.28  ? 66  VAL A C   1 
ATOM   275 O O   . VAL A 1 68  ? -9.116  11.952  9.808   1.00 65.98  ? 66  VAL A O   1 
ATOM   276 C CB  . VAL A 1 68  ? -6.352  10.406  9.178   1.00 64.48  ? 66  VAL A CB  1 
ATOM   277 C CG1 . VAL A 1 68  ? -6.361  10.709  10.676  1.00 60.12  ? 66  VAL A CG1 1 
ATOM   278 C CG2 . VAL A 1 68  ? -5.840  9.013   9.006   1.00 64.47  ? 66  VAL A CG2 1 
ATOM   279 N N   . ARG A 1 69  ? -8.186  12.844  7.968   1.00 66.30  ? 67  ARG A N   1 
ATOM   280 C CA  . ARG A 1 69  ? -8.646  14.230  8.056   1.00 65.82  ? 67  ARG A CA  1 
ATOM   281 C C   . ARG A 1 69  ? -10.118 14.304  7.722   1.00 68.61  ? 67  ARG A C   1 
ATOM   282 O O   . ARG A 1 69  ? -10.876 14.952  8.427   1.00 70.27  ? 67  ARG A O   1 
ATOM   283 C CB  . ARG A 1 69  ? -7.828  15.125  7.105   1.00 64.66  ? 67  ARG A CB  1 
ATOM   284 C CG  . ARG A 1 69  ? -6.324  15.143  7.398   1.00 62.95  ? 67  ARG A CG  1 
ATOM   285 C CD  . ARG A 1 69  ? -5.415  16.299  6.774   1.00 63.85  ? 67  ARG A CD  1 
ATOM   286 N NE  . ARG A 1 69  ? -5.902  17.679  6.766   1.00 58.49  ? 67  ARG A NE  1 
ATOM   287 C CZ  . ARG A 1 69  ? -5.555  18.679  7.623   1.00 57.50  ? 67  ARG A CZ  1 
ATOM   288 N NH1 . ARG A 1 69  ? -4.734  18.528  8.679   1.00 54.02  ? 67  ARG A NH1 1 
ATOM   289 N NH2 . ARG A 1 69  ? -6.098  19.875  7.444   1.00 51.70  ? 67  ARG A NH2 1 
ATOM   290 N N   . SER A 1 70  ? -10.549 13.668  6.637   1.00 71.30  ? 68  SER A N   1 
ATOM   291 C CA  . SER A 1 70  ? -12.021 13.479  6.424   1.00 72.08  ? 68  SER A CA  1 
ATOM   292 C C   . SER A 1 70  ? -12.366 12.085  5.904   1.00 71.31  ? 68  SER A C   1 
ATOM   293 O O   . SER A 1 70  ? -12.051 11.743  4.746   1.00 69.29  ? 68  SER A O   1 
ATOM   294 C CB  . SER A 1 70  ? -12.616 14.575  5.493   1.00 73.80  ? 68  SER A CB  1 
ATOM   295 O OG  . SER A 1 70  ? -11.976 14.594  4.226   1.00 74.84  ? 68  SER A OG  1 
ATOM   296 N N   . PRO A 1 71  ? -13.031 11.275  6.753   1.00 71.43  ? 69  PRO A N   1 
ATOM   297 C CA  . PRO A 1 71  ? -13.156 9.905   6.351   1.00 71.34  ? 69  PRO A CA  1 
ATOM   298 C C   . PRO A 1 71  ? -14.297 9.799   5.330   1.00 71.69  ? 69  PRO A C   1 
ATOM   299 O O   . PRO A 1 71  ? -15.326 9.190   5.581   1.00 71.27  ? 69  PRO A O   1 
ATOM   300 C CB  . PRO A 1 71  ? -13.478 9.195   7.667   1.00 71.30  ? 69  PRO A CB  1 
ATOM   301 C CG  . PRO A 1 71  ? -13.541 10.259  8.697   1.00 70.93  ? 69  PRO A CG  1 
ATOM   302 C CD  . PRO A 1 71  ? -13.748 11.508  8.012   1.00 70.90  ? 69  PRO A CD  1 
ATOM   303 N N   . THR A 1 72  ? -14.129 10.428  4.175   1.00 72.55  ? 70  THR A N   1 
ATOM   304 C CA  . THR A 1 72  ? -15.221 10.408  3.179   1.00 72.98  ? 70  THR A CA  1 
ATOM   305 C C   . THR A 1 72  ? -15.199 9.042   2.493   1.00 73.94  ? 70  THR A C   1 
ATOM   306 O O   . THR A 1 72  ? -14.271 8.262   2.707   1.00 74.65  ? 70  THR A O   1 
ATOM   307 C CB  . THR A 1 72  ? -14.974 11.397  2.084   1.00 71.48  ? 70  THR A CB  1 
ATOM   308 O OG1 . THR A 1 72  ? -13.654 11.162  1.556   1.00 75.06  ? 70  THR A OG1 1 
ATOM   309 C CG2 . THR A 1 72  ? -15.127 12.776  2.531   1.00 69.51  ? 70  THR A CG2 1 
ATOM   310 N N   . PRO A 1 73  ? -16.228 8.737   1.685   1.00 74.52  ? 71  PRO A N   1 
ATOM   311 C CA  . PRO A 1 73  ? -16.129 7.607   0.731   1.00 74.60  ? 71  PRO A CA  1 
ATOM   312 C C   . PRO A 1 73  ? -15.132 7.854   -0.402  1.00 73.52  ? 71  PRO A C   1 
ATOM   313 O O   . PRO A 1 73  ? -14.412 6.919   -0.862  1.00 73.19  ? 71  PRO A O   1 
ATOM   314 C CB  . PRO A 1 73  ? -17.563 7.514   0.158   1.00 74.53  ? 71  PRO A CB  1 
ATOM   315 C CG  . PRO A 1 73  ? -18.440 8.081   1.245   1.00 73.51  ? 71  PRO A CG  1 
ATOM   316 C CD  . PRO A 1 73  ? -17.592 9.303   1.651   1.00 75.27  ? 71  PRO A CD  1 
ATOM   317 N N   . SER A 1 74  ? -15.074 9.099   -0.865  1.00 72.46  ? 72  SER A N   1 
ATOM   318 C CA  . SER A 1 74  ? -14.224 9.331   -1.985  1.00 71.13  ? 72  SER A CA  1 
ATOM   319 C C   . SER A 1 74  ? -12.779 9.036   -1.470  1.00 72.13  ? 72  SER A C   1 
ATOM   320 O O   . SER A 1 74  ? -12.025 8.431   -2.211  1.00 73.66  ? 72  SER A O   1 
ATOM   321 C CB  . SER A 1 74  ? -14.517 10.693  -2.625  1.00 70.23  ? 72  SER A CB  1 
ATOM   322 O OG  . SER A 1 74  ? -13.341 11.460  -2.970  1.00 73.94  ? 72  SER A OG  1 
ATOM   323 N N   . ASN A 1 75  ? -12.421 9.362   -0.187  1.00 71.80  ? 73  ASN A N   1 
ATOM   324 C CA  . ASN A 1 75  ? -11.030 9.176   0.289   1.00 69.51  ? 73  ASN A CA  1 
ATOM   325 C C   . ASN A 1 75  ? -10.760 7.708   0.669   1.00 69.30  ? 73  ASN A C   1 
ATOM   326 O O   . ASN A 1 75  ? -9.605  7.281   0.676   1.00 70.60  ? 73  ASN A O   1 
ATOM   327 C CB  . ASN A 1 75  ? -10.652 10.008  1.521   1.00 69.33  ? 73  ASN A CB  1 
ATOM   328 C CG  . ASN A 1 75  ? -10.779 11.557  1.351   1.00 67.12  ? 73  ASN A CG  1 
ATOM   329 O OD1 . ASN A 1 75  ? -10.384 12.164  0.361   1.00 65.07  ? 73  ASN A OD1 1 
ATOM   330 N ND2 . ASN A 1 75  ? -11.192 12.186  2.419   1.00 65.89  ? 73  ASN A ND2 1 
ATOM   331 N N   . LEU A 1 76  ? -11.778 6.943   1.053   1.00 68.53  ? 74  LEU A N   1 
ATOM   332 C CA  . LEU A 1 76  ? -11.517 5.589   1.497   1.00 69.14  ? 74  LEU A CA  1 
ATOM   333 C C   . LEU A 1 76  ? -10.916 4.863   0.276   1.00 70.33  ? 74  LEU A C   1 
ATOM   334 O O   . LEU A 1 76  ? -9.908  4.087   0.383   1.00 71.65  ? 74  LEU A O   1 
ATOM   335 C CB  . LEU A 1 76  ? -12.737 4.920   2.135   1.00 67.61  ? 74  LEU A CB  1 
ATOM   336 C CG  . LEU A 1 76  ? -12.547 3.442   2.499   1.00 68.19  ? 74  LEU A CG  1 
ATOM   337 C CD1 . LEU A 1 76  ? -11.320 3.214   3.412   1.00 71.00  ? 74  LEU A CD1 1 
ATOM   338 C CD2 . LEU A 1 76  ? -13.795 2.840   3.155   1.00 67.18  ? 74  LEU A CD2 1 
ATOM   339 N N   . LYS A 1 77  ? -11.372 5.279   -0.901  1.00 71.04  ? 75  LYS A N   1 
ATOM   340 C CA  . LYS A 1 77  ? -10.872 4.685   -2.166  1.00 71.32  ? 75  LYS A CA  1 
ATOM   341 C C   . LYS A 1 77  ? -9.600  5.222   -2.807  1.00 71.21  ? 75  LYS A C   1 
ATOM   342 O O   . LYS A 1 77  ? -8.861  4.414   -3.452  1.00 72.09  ? 75  LYS A O   1 
ATOM   343 C CB  . LYS A 1 77  ? -11.957 4.715   -3.181  1.00 73.26  ? 75  LYS A CB  1 
ATOM   344 C CG  . LYS A 1 77  ? -13.273 4.115   -2.564  1.00 76.53  ? 75  LYS A CG  1 
ATOM   345 C CD  . LYS A 1 77  ? -14.413 3.903   -3.582  1.00 80.30  ? 75  LYS A CD  1 
ATOM   346 C CE  . LYS A 1 77  ? -15.831 3.919   -2.829  1.00 80.67  ? 75  LYS A CE  1 
ATOM   347 N NZ  . LYS A 1 77  ? -16.780 4.952   -3.420  1.00 80.88  ? 75  LYS A NZ  1 
ATOM   348 N N   . ARG A 1 78  ? -9.310  6.537   -2.686  1.00 68.85  ? 76  ARG A N   1 
ATOM   349 C CA  . ARG A 1 78  ? -7.995  7.049   -3.024  1.00 67.94  ? 76  ARG A CA  1 
ATOM   350 C C   . ARG A 1 78  ? -7.102  6.066   -2.272  1.00 66.07  ? 76  ARG A C   1 
ATOM   351 O O   . ARG A 1 78  ? -6.019  5.641   -2.818  1.00 66.70  ? 76  ARG A O   1 
ATOM   352 C CB  . ARG A 1 78  ? -7.840  8.466   -2.457  1.00 67.83  ? 76  ARG A CB  1 
ATOM   353 C CG  . ARG A 1 78  ? -6.889  9.415   -3.200  1.00 66.81  ? 76  ARG A CG  1 
ATOM   354 C CD  . ARG A 1 78  ? -6.518  10.797  -2.394  1.00 68.95  ? 76  ARG A CD  1 
ATOM   355 N NE  . ARG A 1 78  ? -5.093  11.089  -2.592  1.00 68.38  ? 76  ARG A NE  1 
ATOM   356 C CZ  . ARG A 1 78  ? -4.416  12.124  -2.114  1.00 73.26  ? 76  ARG A CZ  1 
ATOM   357 N NH1 . ARG A 1 78  ? -5.014  13.063  -1.375  1.00 80.38  ? 76  ARG A NH1 1 
ATOM   358 N NH2 . ARG A 1 78  ? -3.094  12.206  -2.341  1.00 73.26  ? 76  ARG A NH2 1 
ATOM   359 N N   . TYR A 1 79  ? -7.572  5.663   -1.047  1.00 63.03  ? 77  TYR A N   1 
ATOM   360 C CA  . TYR A 1 79  ? -6.742  4.797   -0.143  1.00 62.20  ? 77  TYR A CA  1 
ATOM   361 C C   . TYR A 1 79  ? -6.488  3.342   -0.638  1.00 61.36  ? 77  TYR A C   1 
ATOM   362 O O   . TYR A 1 79  ? -5.328  2.874   -0.774  1.00 60.03  ? 77  TYR A O   1 
ATOM   363 C CB  . TYR A 1 79  ? -7.261  4.775   1.338   1.00 59.85  ? 77  TYR A CB  1 
ATOM   364 C CG  . TYR A 1 79  ? -6.204  4.232   2.368   1.00 59.78  ? 77  TYR A CG  1 
ATOM   365 C CD1 . TYR A 1 79  ? -4.894  4.733   2.380   1.00 58.89  ? 77  TYR A CD1 1 
ATOM   366 C CD2 . TYR A 1 79  ? -6.503  3.201   3.275   1.00 54.72  ? 77  TYR A CD2 1 
ATOM   367 C CE1 . TYR A 1 79  ? -3.904  4.218   3.252   1.00 56.49  ? 77  TYR A CE1 1 
ATOM   368 C CE2 . TYR A 1 79  ? -5.558  2.702   4.172   1.00 54.91  ? 77  TYR A CE2 1 
ATOM   369 C CZ  . TYR A 1 79  ? -4.257  3.239   4.172   1.00 57.82  ? 77  TYR A CZ  1 
ATOM   370 O OH  . TYR A 1 79  ? -3.266  2.801   5.068   1.00 60.52  ? 77  TYR A OH  1 
ATOM   371 N N   . LYS A 1 80  ? -7.618  2.625   -0.770  1.00 61.50  ? 78  LYS A N   1 
ATOM   372 C CA  . LYS A 1 80  ? -7.746  1.288   -1.324  1.00 61.04  ? 78  LYS A CA  1 
ATOM   373 C C   . LYS A 1 80  ? -7.103  1.230   -2.677  1.00 61.60  ? 78  LYS A C   1 
ATOM   374 O O   . LYS A 1 80  ? -6.329  0.333   -2.915  1.00 63.34  ? 78  LYS A O   1 
ATOM   375 C CB  . LYS A 1 80  ? -9.220  0.974   -1.445  1.00 60.51  ? 78  LYS A CB  1 
ATOM   376 C CG  . LYS A 1 80  ? -9.961  0.927   -0.099  1.00 62.46  ? 78  LYS A CG  1 
ATOM   377 C CD  . LYS A 1 80  ? -10.813 -0.301  0.015   1.00 62.45  ? 78  LYS A CD  1 
ATOM   378 C CE  . LYS A 1 80  ? -11.979 -0.132  0.946   1.00 65.28  ? 78  LYS A CE  1 
ATOM   379 N NZ  . LYS A 1 80  ? -12.345 -1.529  1.484   1.00 73.92  ? 78  LYS A NZ  1 
ATOM   380 N N   . ASN A 1 81  ? -7.406  2.193   -3.572  1.00 61.87  ? 79  ASN A N   1 
ATOM   381 C CA  . ASN A 1 81  ? -6.742  2.241   -4.894  1.00 62.91  ? 79  ASN A CA  1 
ATOM   382 C C   . ASN A 1 81  ? -5.216  2.333   -4.805  1.00 63.72  ? 79  ASN A C   1 
ATOM   383 O O   . ASN A 1 81  ? -4.493  1.562   -5.418  1.00 65.80  ? 79  ASN A O   1 
ATOM   384 C CB  . ASN A 1 81  ? -7.257  3.376   -5.797  1.00 61.08  ? 79  ASN A CB  1 
ATOM   385 C CG  . ASN A 1 81  ? -8.718  3.165   -6.246  1.00 65.01  ? 79  ASN A CG  1 
ATOM   386 O OD1 . ASN A 1 81  ? -9.302  2.042   -6.242  1.00 63.92  ? 79  ASN A OD1 1 
ATOM   387 N ND2 . ASN A 1 81  ? -9.324  4.266   -6.643  1.00 66.99  ? 79  ASN A ND2 1 
ATOM   388 N N   . ALA A 1 82  ? -4.734  3.296   -4.038  1.00 64.48  ? 80  ALA A N   1 
ATOM   389 C CA  . ALA A 1 82  ? -3.334  3.534   -3.845  1.00 62.50  ? 80  ALA A CA  1 
ATOM   390 C C   . ALA A 1 82  ? -2.695  2.300   -3.325  1.00 63.35  ? 80  ALA A C   1 
ATOM   391 O O   . ALA A 1 82  ? -1.638  1.919   -3.793  1.00 64.28  ? 80  ALA A O   1 
ATOM   392 C CB  . ALA A 1 82  ? -3.182  4.642   -2.869  1.00 62.54  ? 80  ALA A CB  1 
ATOM   393 N N   . ILE A 1 83  ? -3.306  1.642   -2.362  1.00 64.39  ? 81  ILE A N   1 
ATOM   394 C CA  . ILE A 1 83  ? -2.701  0.406   -1.846  1.00 65.17  ? 81  ILE A CA  1 
ATOM   395 C C   . ILE A 1 83  ? -2.724  -0.711  -2.883  1.00 67.12  ? 81  ILE A C   1 
ATOM   396 O O   . ILE A 1 83  ? -1.748  -1.492  -2.897  1.00 67.97  ? 81  ILE A O   1 
ATOM   397 C CB  . ILE A 1 83  ? -3.373  -0.095  -0.593  1.00 64.61  ? 81  ILE A CB  1 
ATOM   398 C CG1 . ILE A 1 83  ? -2.962  0.769   0.577   1.00 64.96  ? 81  ILE A CG1 1 
ATOM   399 C CG2 . ILE A 1 83  ? -3.063  -1.515  -0.362  1.00 60.19  ? 81  ILE A CG2 1 
ATOM   400 C CD1 . ILE A 1 83  ? -3.694  0.395   1.864   1.00 68.53  ? 81  ILE A CD1 1 
ATOM   401 N N   . LYS A 1 84  ? -3.806  -0.792  -3.709  1.00 67.34  ? 82  LYS A N   1 
ATOM   402 C CA  . LYS A 1 84  ? -3.884  -1.662  -4.895  1.00 68.03  ? 82  LYS A CA  1 
ATOM   403 C C   . LYS A 1 84  ? -2.695  -1.467  -5.825  1.00 68.18  ? 82  LYS A C   1 
ATOM   404 O O   . LYS A 1 84  ? -1.943  -2.405  -6.147  1.00 67.84  ? 82  LYS A O   1 
ATOM   405 C CB  . LYS A 1 84  ? -5.160  -1.402  -5.709  1.00 69.59  ? 82  LYS A CB  1 
ATOM   406 C CG  . LYS A 1 84  ? -6.378  -2.342  -5.451  1.00 73.52  ? 82  LYS A CG  1 
ATOM   407 C CD  . LYS A 1 84  ? -7.020  -2.862  -6.795  1.00 81.06  ? 82  LYS A CD  1 
ATOM   408 C CE  . LYS A 1 84  ? -8.327  -2.062  -7.149  1.00 91.60  ? 82  LYS A CE  1 
ATOM   409 N NZ  . LYS A 1 84  ? -9.630  -2.872  -7.346  1.00 95.40  ? 82  LYS A NZ  1 
ATOM   410 N N   . GLU A 1 85  ? -2.505  -0.231  -6.252  1.00 68.47  ? 83  GLU A N   1 
ATOM   411 C CA  . GLU A 1 85  ? -1.422  0.063   -7.097  1.00 69.50  ? 83  GLU A CA  1 
ATOM   412 C C   . GLU A 1 85  ? -0.146  -0.281  -6.359  1.00 69.89  ? 83  GLU A C   1 
ATOM   413 O O   . GLU A 1 85  ? 0.722   -0.968  -6.937  1.00 70.93  ? 83  GLU A O   1 
ATOM   414 C CB  . GLU A 1 85  ? -1.482  1.497   -7.504  1.00 71.35  ? 83  GLU A CB  1 
ATOM   415 C CG  . GLU A 1 85  ? -1.886  1.751   -8.986  1.00 79.04  ? 83  GLU A CG  1 
ATOM   416 C CD  . GLU A 1 85  ? -3.285  1.239   -9.331  1.00 86.10  ? 83  GLU A CD  1 
ATOM   417 O OE1 . GLU A 1 85  ? -4.286  1.859   -8.863  1.00 88.97  ? 83  GLU A OE1 1 
ATOM   418 O OE2 . GLU A 1 85  ? -3.375  0.212   -10.059 1.00 88.52  ? 83  GLU A OE2 1 
ATOM   419 N N   . PHE A 1 86  ? 0.009   0.092   -5.067  1.00 68.92  ? 84  PHE A N   1 
ATOM   420 C CA  . PHE A 1 86  ? 1.278   -0.332  -4.426  1.00 65.80  ? 84  PHE A CA  1 
ATOM   421 C C   . PHE A 1 86  ? 1.515   -1.868  -4.581  1.00 65.50  ? 84  PHE A C   1 
ATOM   422 O O   . PHE A 1 86  ? 2.595   -2.284  -4.968  1.00 65.11  ? 84  PHE A O   1 
ATOM   423 C CB  . PHE A 1 86  ? 1.503   0.213   -3.000  1.00 64.44  ? 84  PHE A CB  1 
ATOM   424 C CG  . PHE A 1 86  ? 2.749   -0.290  -2.389  1.00 59.49  ? 84  PHE A CG  1 
ATOM   425 C CD1 . PHE A 1 86  ? 3.936   0.337   -2.628  1.00 58.81  ? 84  PHE A CD1 1 
ATOM   426 C CD2 . PHE A 1 86  ? 2.755   -1.442  -1.652  1.00 59.95  ? 84  PHE A CD2 1 
ATOM   427 C CE1 . PHE A 1 86  ? 5.128   -0.165  -2.158  1.00 57.10  ? 84  PHE A CE1 1 
ATOM   428 C CE2 . PHE A 1 86  ? 3.945   -1.946  -1.152  1.00 62.07  ? 84  PHE A CE2 1 
ATOM   429 C CZ  . PHE A 1 86  ? 5.118   -1.305  -1.437  1.00 62.05  ? 84  PHE A CZ  1 
ATOM   430 N N   . LEU A 1 87  ? 0.512   -2.696  -4.359  1.00 65.29  ? 85  LEU A N   1 
ATOM   431 C CA  . LEU A 1 87  ? 0.733   -4.198  -4.321  1.00 67.83  ? 85  LEU A CA  1 
ATOM   432 C C   . LEU A 1 87  ? 1.126   -4.890  -5.711  1.00 68.71  ? 85  LEU A C   1 
ATOM   433 O O   . LEU A 1 87  ? 1.787   -5.937  -5.732  1.00 68.39  ? 85  LEU A O   1 
ATOM   434 C CB  . LEU A 1 87  ? -0.442  -4.940  -3.607  1.00 64.25  ? 85  LEU A CB  1 
ATOM   435 C CG  . LEU A 1 87  ? -0.659  -4.556  -2.140  1.00 66.18  ? 85  LEU A CG  1 
ATOM   436 C CD1 . LEU A 1 87  ? -1.782  -5.198  -1.403  1.00 65.36  ? 85  LEU A CD1 1 
ATOM   437 C CD2 . LEU A 1 87  ? 0.623   -4.852  -1.283  1.00 68.90  ? 85  LEU A CD2 1 
ATOM   438 N N   . LYS A 1 88  ? 0.686   -4.294  -6.830  1.00 70.05  ? 86  LYS A N   1 
ATOM   439 C CA  . LYS A 1 88  ? 1.096   -4.679  -8.186  1.00 70.98  ? 86  LYS A CA  1 
ATOM   440 C C   . LYS A 1 88  ? 2.599   -4.433  -8.345  1.00 71.14  ? 86  LYS A C   1 
ATOM   441 O O   . LYS A 1 88  ? 3.369   -5.338  -8.663  1.00 72.20  ? 86  LYS A O   1 
ATOM   442 C CB  . LYS A 1 88  ? 0.291   -3.863  -9.229  1.00 70.98  ? 86  LYS A CB  1 
ATOM   443 C CG  . LYS A 1 88  ? -1.152  -4.390  -9.359  1.00 72.85  ? 86  LYS A CG  1 
ATOM   444 C CD  . LYS A 1 88  ? -2.062  -3.631  -10.387 1.00 73.84  ? 86  LYS A CD  1 
ATOM   445 C CE  . LYS A 1 88  ? -3.596  -4.000  -10.089 1.00 78.04  ? 86  LYS A CE  1 
ATOM   446 N NZ  . LYS A 1 88  ? -4.621  -2.974  -10.693 1.00 82.09  ? 86  LYS A NZ  1 
ATOM   447 N N   . LEU A 1 89  ? 3.038   -3.211  -8.100  1.00 70.52  ? 87  LEU A N   1 
ATOM   448 C CA  . LEU A 1 89  ? 4.416   -2.920  -8.334  1.00 70.26  ? 87  LEU A CA  1 
ATOM   449 C C   . LEU A 1 89  ? 5.347   -3.796  -7.534  1.00 71.19  ? 87  LEU A C   1 
ATOM   450 O O   . LEU A 1 89  ? 6.194   -4.398  -8.128  1.00 71.98  ? 87  LEU A O   1 
ATOM   451 C CB  . LEU A 1 89  ? 4.703   -1.449  -8.149  1.00 69.97  ? 87  LEU A CB  1 
ATOM   452 C CG  . LEU A 1 89  ? 4.096   -0.559  -9.227  1.00 70.07  ? 87  LEU A CG  1 
ATOM   453 C CD1 . LEU A 1 89  ? 3.540   0.759   -8.563  1.00 68.90  ? 87  LEU A CD1 1 
ATOM   454 C CD2 . LEU A 1 89  ? 5.177   -0.284  -10.258 1.00 67.99  ? 87  LEU A CD2 1 
ATOM   455 N N   . ILE A 1 90  ? 5.196   -3.888  -6.206  1.00 72.37  ? 88  ILE A N   1 
ATOM   456 C CA  . ILE A 1 90  ? 6.033   -4.768  -5.368  1.00 72.65  ? 88  ILE A CA  1 
ATOM   457 C C   . ILE A 1 90  ? 5.941   -6.258  -5.728  1.00 75.17  ? 88  ILE A C   1 
ATOM   458 O O   . ILE A 1 90  ? 6.963   -6.933  -5.644  1.00 75.13  ? 88  ILE A O   1 
ATOM   459 C CB  . ILE A 1 90  ? 5.764   -4.615  -3.820  1.00 72.43  ? 88  ILE A CB  1 
ATOM   460 C CG1 . ILE A 1 90  ? 7.028   -4.905  -2.992  1.00 68.47  ? 88  ILE A CG1 1 
ATOM   461 C CG2 . ILE A 1 90  ? 4.583   -5.486  -3.358  1.00 71.52  ? 88  ILE A CG2 1 
ATOM   462 C CD1 . ILE A 1 90  ? 7.928   -3.694  -2.776  1.00 60.66  ? 88  ILE A CD1 1 
ATOM   463 N N   . GLU A 1 91  ? 4.762   -6.773  -6.101  1.00 77.50  ? 89  GLU A N   1 
ATOM   464 C CA  . GLU A 1 91  ? 4.691   -8.122  -6.665  1.00 81.57  ? 89  GLU A CA  1 
ATOM   465 C C   . GLU A 1 91  ? 5.747   -8.266  -7.736  1.00 83.61  ? 89  GLU A C   1 
ATOM   466 O O   . GLU A 1 91  ? 6.648   -9.104  -7.580  1.00 83.98  ? 89  GLU A O   1 
ATOM   467 C CB  . GLU A 1 91  ? 3.349   -8.433  -7.322  1.00 81.56  ? 89  GLU A CB  1 
ATOM   468 C CG  . GLU A 1 91  ? 2.563   -9.480  -6.566  1.00 88.37  ? 89  GLU A CG  1 
ATOM   469 C CD  . GLU A 1 91  ? 1.617   -10.310 -7.454  1.00 95.56  ? 89  GLU A CD  1 
ATOM   470 O OE1 . GLU A 1 91  ? 1.977   -10.628 -8.633  1.00 96.54  ? 89  GLU A OE1 1 
ATOM   471 O OE2 . GLU A 1 91  ? 0.523   -10.671 -6.929  1.00 96.35  ? 89  GLU A OE2 1 
ATOM   472 N N   . LYS A 1 92  ? 5.633   -7.438  -8.801  1.00 84.86  ? 90  LYS A N   1 
ATOM   473 C CA  . LYS A 1 92  ? 6.570   -7.440  -9.905  1.00 86.16  ? 90  LYS A CA  1 
ATOM   474 C C   . LYS A 1 92  ? 7.978   -7.484  -9.367  1.00 86.95  ? 90  LYS A C   1 
ATOM   475 O O   . LYS A 1 92  ? 8.681   -8.424  -9.601  1.00 88.15  ? 90  LYS A O   1 
ATOM   476 C CB  . LYS A 1 92  ? 6.355   -6.264  -10.861 1.00 85.92  ? 90  LYS A CB  1 
ATOM   477 C CG  . LYS A 1 92  ? 5.018   -6.303  -11.638 1.00 86.12  ? 90  LYS A CG  1 
ATOM   478 C CD  . LYS A 1 92  ? 5.043   -5.353  -12.885 1.00 88.30  ? 90  LYS A CD  1 
ATOM   479 C CE  . LYS A 1 92  ? 3.590   -4.843  -13.340 1.00 90.55  ? 90  LYS A CE  1 
ATOM   480 N NZ  . LYS A 1 92  ? 3.539   -3.420  -13.992 1.00 88.20  ? 90  LYS A NZ  1 
ATOM   481 N N   . LYS A 1 93  ? 8.390   -6.522  -8.580  1.00 88.85  ? 91  LYS A N   1 
ATOM   482 C CA  . LYS A 1 93  ? 9.734   -6.584  -8.037  1.00 90.95  ? 91  LYS A CA  1 
ATOM   483 C C   . LYS A 1 93  ? 10.050  -7.886  -7.265  1.00 92.77  ? 91  LYS A C   1 
ATOM   484 O O   . LYS A 1 93  ? 11.100  -8.480  -7.463  1.00 93.77  ? 91  LYS A O   1 
ATOM   485 C CB  . LYS A 1 93  ? 10.060  -5.362  -7.181  1.00 90.39  ? 91  LYS A CB  1 
ATOM   486 C CG  . LYS A 1 93  ? 11.541  -5.256  -6.962  1.00 92.42  ? 91  LYS A CG  1 
ATOM   487 C CD  . LYS A 1 93  ? 11.963  -4.357  -5.816  1.00 96.74  ? 91  LYS A CD  1 
ATOM   488 C CE  . LYS A 1 93  ? 13.415  -3.889  -6.071  1.00 98.56  ? 91  LYS A CE  1 
ATOM   489 N NZ  . LYS A 1 93  ? 13.680  -2.472  -5.616  1.00 97.85  ? 91  LYS A NZ  1 
ATOM   490 N N   . ILE A 1 94  ? 9.183   -8.351  -6.383  1.00 94.52  ? 92  ILE A N   1 
ATOM   491 C CA  . ILE A 1 94  ? 9.586   -9.508  -5.613  1.00 95.82  ? 92  ILE A CA  1 
ATOM   492 C C   . ILE A 1 94  ? 9.679   -10.728 -6.467  1.00 97.98  ? 92  ILE A C   1 
ATOM   493 O O   . ILE A 1 94  ? 10.624  -11.478 -6.303  1.00 98.84  ? 92  ILE A O   1 
ATOM   494 C CB  . ILE A 1 94  ? 8.770   -9.705  -4.319  1.00 95.57  ? 92  ILE A CB  1 
ATOM   495 C CG1 . ILE A 1 94  ? 9.380   -8.842  -3.237  1.00 93.67  ? 92  ILE A CG1 1 
ATOM   496 C CG2 . ILE A 1 94  ? 8.757   -11.181 -3.838  1.00 95.45  ? 92  ILE A CG2 1 
ATOM   497 C CD1 . ILE A 1 94  ? 8.376   -8.043  -2.485  1.00 94.92  ? 92  ILE A CD1 1 
ATOM   498 N N   . TYR A 1 95  ? 8.747   -10.916 -7.400  1.00 100.76 ? 93  TYR A N   1 
ATOM   499 C CA  . TYR A 1 95  ? 8.804   -12.068 -8.334  1.00 103.51 ? 93  TYR A CA  1 
ATOM   500 C C   . TYR A 1 95  ? 10.002  -11.953 -9.255  1.00 105.23 ? 93  TYR A C   1 
ATOM   501 O O   . TYR A 1 95  ? 11.064  -12.502 -8.933  1.00 105.56 ? 93  TYR A O   1 
ATOM   502 C CB  . TYR A 1 95  ? 7.525   -12.250 -9.162  1.00 103.75 ? 93  TYR A CB  1 
ATOM   503 C CG  . TYR A 1 95  ? 6.363   -12.853 -8.419  1.00 104.80 ? 93  TYR A CG  1 
ATOM   504 C CD1 . TYR A 1 95  ? 6.557   -13.651 -7.291  1.00 106.29 ? 93  TYR A CD1 1 
ATOM   505 C CD2 . TYR A 1 95  ? 5.060   -12.652 -8.859  1.00 108.22 ? 93  TYR A CD2 1 
ATOM   506 C CE1 . TYR A 1 95  ? 5.479   -14.226 -6.592  1.00 106.34 ? 93  TYR A CE1 1 
ATOM   507 C CE2 . TYR A 1 95  ? 3.954   -13.226 -8.162  1.00 110.15 ? 93  TYR A CE2 1 
ATOM   508 C CZ  . TYR A 1 95  ? 4.188   -14.017 -7.030  1.00 107.36 ? 93  TYR A CZ  1 
ATOM   509 O OH  . TYR A 1 95  ? 3.129   -14.580 -6.345  1.00 106.81 ? 93  TYR A OH  1 
ATOM   510 N N   . LYS A 1 96  ? 9.823   -11.263 -10.391 1.00 107.05 ? 94  LYS A N   1 
ATOM   511 C CA  . LYS A 1 96  ? 10.924  -10.864 -11.290 1.00 108.99 ? 94  LYS A CA  1 
ATOM   512 C C   . LYS A 1 96  ? 12.225  -10.485 -10.543 1.00 109.26 ? 94  LYS A C   1 
ATOM   513 O O   . LYS A 1 96  ? 12.668  -9.331  -10.599 1.00 109.56 ? 94  LYS A O   1 
ATOM   514 C CB  . LYS A 1 96  ? 10.487  -9.698  -12.203 1.00 109.07 ? 94  LYS A CB  1 
ATOM   515 C CG  . LYS A 1 96  ? 10.131  -10.068 -13.667 1.00 110.93 ? 94  LYS A CG  1 
ATOM   516 C CD  . LYS A 1 96  ? 10.254  -8.819  -14.621 1.00 110.25 ? 94  LYS A CD  1 
ATOM   517 C CE  . LYS A 1 96  ? 11.046  -9.153  -15.937 1.00 111.02 ? 94  LYS A CE  1 
ATOM   518 N NZ  . LYS A 1 96  ? 11.897  -8.014  -16.436 1.00 109.15 ? 94  LYS A NZ  1 
ATOM   519 N N   . LEU A 1 97  ? 12.810  -11.479 -9.869  1.00 109.81 ? 95  LEU A N   1 
ATOM   520 C CA  . LEU A 1 97  ? 14.074  -11.390 -9.125  1.00 110.54 ? 95  LEU A CA  1 
ATOM   521 C C   . LEU A 1 97  ? 14.684  -12.791 -8.856  1.00 111.16 ? 95  LEU A C   1 
ATOM   522 O O   . LEU A 1 97  ? 13.977  -13.764 -8.513  1.00 111.43 ? 95  LEU A O   1 
ATOM   523 C CB  . LEU A 1 97  ? 13.899  -10.648 -7.795  1.00 110.28 ? 95  LEU A CB  1 
ATOM   524 C CG  . LEU A 1 97  ? 14.173  -9.132  -7.730  1.00 110.70 ? 95  LEU A CG  1 
ATOM   525 C CD1 . LEU A 1 97  ? 14.740  -8.695  -6.336  1.00 107.57 ? 95  LEU A CD1 1 
ATOM   526 C CD2 . LEU A 1 97  ? 15.081  -8.650  -8.912  1.00 110.44 ? 95  LEU A CD2 1 
ATOM   527 N N   . ASN A 1 104 ? 12.026  -17.471 -2.054  1.00 88.69  ? 102 ASN A N   1 
ATOM   528 C CA  . ASN A 1 104 ? 10.819  -18.163 -1.580  1.00 88.84  ? 102 ASN A CA  1 
ATOM   529 C C   . ASN A 1 104 ? 10.384  -17.567 -0.226  1.00 87.72  ? 102 ASN A C   1 
ATOM   530 O O   . ASN A 1 104 ? 9.180   -17.585 0.128   1.00 88.06  ? 102 ASN A O   1 
ATOM   531 C CB  . ASN A 1 104 ? 11.032  -19.685 -1.496  1.00 89.46  ? 102 ASN A CB  1 
ATOM   532 C CG  . ASN A 1 104 ? 10.051  -20.486 -2.395  1.00 93.61  ? 102 ASN A CG  1 
ATOM   533 O OD1 . ASN A 1 104 ? 10.375  -20.760 -3.552  1.00 98.37  ? 102 ASN A OD1 1 
ATOM   534 N ND2 . ASN A 1 104 ? 8.856   -20.849 -1.872  1.00 94.70  ? 102 ASN A ND2 1 
ATOM   535 N N   . SER A 1 105 ? 11.350  -16.990 0.490   1.00 85.45  ? 103 SER A N   1 
ATOM   536 C CA  . SER A 1 105 ? 11.085  -16.272 1.724   1.00 84.30  ? 103 SER A CA  1 
ATOM   537 C C   . SER A 1 105 ? 10.449  -14.917 1.460   1.00 83.32  ? 103 SER A C   1 
ATOM   538 O O   . SER A 1 105 ? 9.498   -14.502 2.169   1.00 84.10  ? 103 SER A O   1 
ATOM   539 C CB  . SER A 1 105 ? 12.381  -16.068 2.502   1.00 84.97  ? 103 SER A CB  1 
ATOM   540 O OG  . SER A 1 105 ? 12.216  -16.370 3.867   1.00 84.77  ? 103 SER A OG  1 
ATOM   541 N N   . GLY A 1 106 ? 10.989  -14.201 0.473   1.00 81.11  ? 104 GLY A N   1 
ATOM   542 C CA  . GLY A 1 106 ? 10.342  -12.985 -0.035  1.00 77.79  ? 104 GLY A CA  1 
ATOM   543 C C   . GLY A 1 106 ? 8.891   -13.209 -0.429  1.00 76.93  ? 104 GLY A C   1 
ATOM   544 O O   . GLY A 1 106 ? 8.032   -12.475 0.034   1.00 76.43  ? 104 GLY A O   1 
ATOM   545 N N   . ARG A 1 107 ? 8.603   -14.228 -1.264  1.00 75.21  ? 105 ARG A N   1 
ATOM   546 C CA  . ARG A 1 107 ? 7.277   -14.420 -1.790  1.00 74.54  ? 105 ARG A CA  1 
ATOM   547 C C   . ARG A 1 107 ? 6.343   -14.822 -0.685  1.00 72.43  ? 105 ARG A C   1 
ATOM   548 O O   . ARG A 1 107 ? 5.130   -14.676 -0.788  1.00 72.26  ? 105 ARG A O   1 
ATOM   549 C CB  . ARG A 1 107 ? 7.223   -15.535 -2.821  1.00 74.18  ? 105 ARG A CB  1 
ATOM   550 C CG  . ARG A 1 107 ? 8.161   -15.497 -3.975  1.00 78.63  ? 105 ARG A CG  1 
ATOM   551 C CD  . ARG A 1 107 ? 7.815   -16.727 -4.887  1.00 80.38  ? 105 ARG A CD  1 
ATOM   552 N NE  . ARG A 1 107 ? 8.990   -17.379 -5.532  1.00 89.74  ? 105 ARG A NE  1 
ATOM   553 C CZ  . ARG A 1 107 ? 9.112   -18.705 -5.736  1.00 92.01  ? 105 ARG A CZ  1 
ATOM   554 N NH1 . ARG A 1 107 ? 8.156   -19.559 -5.325  1.00 91.63  ? 105 ARG A NH1 1 
ATOM   555 N NH2 . ARG A 1 107 ? 10.208  -19.190 -6.329  1.00 92.92  ? 105 ARG A NH2 1 
ATOM   556 N N   . ALA A 1 108 ? 6.905   -15.418 0.356   1.00 71.98  ? 106 ALA A N   1 
ATOM   557 C CA  . ALA A 1 108 ? 6.092   -15.960 1.449   1.00 70.02  ? 106 ALA A CA  1 
ATOM   558 C C   . ALA A 1 108 ? 5.683   -14.813 2.364   1.00 68.85  ? 106 ALA A C   1 
ATOM   559 O O   . ALA A 1 108 ? 4.531   -14.732 2.768   1.00 68.09  ? 106 ALA A O   1 
ATOM   560 C CB  . ALA A 1 108 ? 6.870   -17.037 2.222   1.00 69.37  ? 106 ALA A CB  1 
ATOM   561 N N   . ARG A 1 109 ? 6.602   -13.924 2.709   1.00 68.29  ? 107 ARG A N   1 
ATOM   562 C CA  . ARG A 1 109 ? 6.138   -12.724 3.408   1.00 69.87  ? 107 ARG A CA  1 
ATOM   563 C C   . ARG A 1 109 ? 5.058   -12.009 2.585   1.00 70.30  ? 107 ARG A C   1 
ATOM   564 O O   . ARG A 1 109 ? 3.877   -11.987 2.996   1.00 72.40  ? 107 ARG A O   1 
ATOM   565 C CB  . ARG A 1 109 ? 7.283   -11.833 3.825   1.00 69.69  ? 107 ARG A CB  1 
ATOM   566 C CG  . ARG A 1 109 ? 8.273   -12.591 4.725   1.00 71.95  ? 107 ARG A CG  1 
ATOM   567 C CD  . ARG A 1 109 ? 9.292   -11.657 5.305   1.00 77.66  ? 107 ARG A CD  1 
ATOM   568 N NE  . ARG A 1 109 ? 10.669  -12.104 5.086   1.00 86.41  ? 107 ARG A NE  1 
ATOM   569 C CZ  . ARG A 1 109 ? 11.366  -12.799 5.984   1.00 91.94  ? 107 ARG A CZ  1 
ATOM   570 N NH1 . ARG A 1 109 ? 10.815  -13.145 7.154   1.00 93.67  ? 107 ARG A NH1 1 
ATOM   571 N NH2 . ARG A 1 109 ? 12.612  -13.167 5.712   1.00 95.03  ? 107 ARG A NH2 1 
ATOM   572 N N   . LEU A 1 110 ? 5.398   -11.520 1.395   1.00 69.43  ? 108 LEU A N   1 
ATOM   573 C CA  . LEU A 1 110 ? 4.372   -11.062 0.456   1.00 68.39  ? 108 LEU A CA  1 
ATOM   574 C C   . LEU A 1 110 ? 3.017   -11.752 0.528   1.00 67.38  ? 108 LEU A C   1 
ATOM   575 O O   . LEU A 1 110 ? 1.986   -11.107 0.677   1.00 69.45  ? 108 LEU A O   1 
ATOM   576 C CB  . LEU A 1 110 ? 4.867   -11.151 -0.972  1.00 68.85  ? 108 LEU A CB  1 
ATOM   577 C CG  . LEU A 1 110 ? 3.970   -10.510 -2.046  1.00 68.90  ? 108 LEU A CG  1 
ATOM   578 C CD1 . LEU A 1 110 ? 3.884   -8.959  -1.953  1.00 62.50  ? 108 LEU A CD1 1 
ATOM   579 C CD2 . LEU A 1 110 ? 4.519   -10.979 -3.395  1.00 68.16  ? 108 LEU A CD2 1 
ATOM   580 N N   . HIS A 1 111 ? 2.962   -13.049 0.429   1.00 65.67  ? 109 HIS A N   1 
ATOM   581 C CA  . HIS A 1 111 ? 1.631   -13.641 0.451   1.00 65.21  ? 109 HIS A CA  1 
ATOM   582 C C   . HIS A 1 111 ? 0.917   -13.359 1.786   1.00 65.31  ? 109 HIS A C   1 
ATOM   583 O O   . HIS A 1 111 ? -0.313  -13.207 1.804   1.00 67.01  ? 109 HIS A O   1 
ATOM   584 C CB  . HIS A 1 111 ? 1.639   -15.135 0.120   1.00 64.04  ? 109 HIS A CB  1 
ATOM   585 C CG  . HIS A 1 111 ? 0.288   -15.759 0.147   1.00 64.72  ? 109 HIS A CG  1 
ATOM   586 N ND1 . HIS A 1 111 ? -0.575  -15.744 -0.940  1.00 68.96  ? 109 HIS A ND1 1 
ATOM   587 C CD2 . HIS A 1 111 ? -0.361  -16.425 1.127   1.00 65.12  ? 109 HIS A CD2 1 
ATOM   588 C CE1 . HIS A 1 111 ? -1.698  -16.364 -0.626  1.00 67.46  ? 109 HIS A CE1 1 
ATOM   589 N NE2 . HIS A 1 111 ? -1.593  -16.789 0.625   1.00 70.32  ? 109 HIS A NE2 1 
ATOM   590 N N   . LEU A 1 112 ? 1.650   -13.260 2.887   1.00 63.85  ? 110 LEU A N   1 
ATOM   591 C CA  . LEU A 1 112 ? 0.970   -13.255 4.159   1.00 63.98  ? 110 LEU A CA  1 
ATOM   592 C C   . LEU A 1 112 ? 0.743   -11.816 4.568   1.00 65.30  ? 110 LEU A C   1 
ATOM   593 O O   . LEU A 1 112 ? -0.218  -11.502 5.302   1.00 66.31  ? 110 LEU A O   1 
ATOM   594 C CB  . LEU A 1 112 ? 1.733   -14.060 5.252   1.00 63.99  ? 110 LEU A CB  1 
ATOM   595 C CG  . LEU A 1 112 ? 2.020   -15.588 5.073   1.00 59.23  ? 110 LEU A CG  1 
ATOM   596 C CD1 . LEU A 1 112 ? 3.121   -16.078 5.992   1.00 49.25  ? 110 LEU A CD1 1 
ATOM   597 C CD2 . LEU A 1 112 ? 0.740   -16.377 5.334   1.00 54.61  ? 110 LEU A CD2 1 
ATOM   598 N N   . VAL A 1 113 ? 1.560   -10.911 4.053   1.00 65.49  ? 111 VAL A N   1 
ATOM   599 C CA  . VAL A 1 113 ? 1.345   -9.546  4.458   1.00 66.62  ? 111 VAL A CA  1 
ATOM   600 C C   . VAL A 1 113 ? 0.192   -8.917  3.675   1.00 68.91  ? 111 VAL A C   1 
ATOM   601 O O   . VAL A 1 113 ? -0.695  -8.278  4.257   1.00 70.57  ? 111 VAL A O   1 
ATOM   602 C CB  . VAL A 1 113 ? 2.583   -8.724  4.341   1.00 66.81  ? 111 VAL A CB  1 
ATOM   603 C CG1 . VAL A 1 113 ? 2.185   -7.284  4.315   1.00 66.37  ? 111 VAL A CG1 1 
ATOM   604 C CG2 . VAL A 1 113 ? 3.589   -9.073  5.498   1.00 61.69  ? 111 VAL A CG2 1 
ATOM   605 N N   . VAL A 1 114 ? 0.176   -9.120  2.355   1.00 69.63  ? 112 VAL A N   1 
ATOM   606 C CA  . VAL A 1 114 ? -1.001  -8.840  1.561   1.00 68.83  ? 112 VAL A CA  1 
ATOM   607 C C   . VAL A 1 114 ? -2.257  -9.447  2.194   1.00 70.00  ? 112 VAL A C   1 
ATOM   608 O O   . VAL A 1 114 ? -3.202  -8.743  2.437   1.00 71.64  ? 112 VAL A O   1 
ATOM   609 C CB  . VAL A 1 114 ? -0.772  -9.327  0.113   1.00 69.68  ? 112 VAL A CB  1 
ATOM   610 C CG1 . VAL A 1 114 ? -2.092  -9.328  -0.718  1.00 67.11  ? 112 VAL A CG1 1 
ATOM   611 C CG2 . VAL A 1 114 ? 0.384   -8.505  -0.545  1.00 66.40  ? 112 VAL A CG2 1 
ATOM   612 N N   . GLU A 1 115 ? -2.297  -10.730 2.490   1.00 70.80  ? 113 GLU A N   1 
ATOM   613 C CA  . GLU A 1 115 ? -3.420  -11.266 3.272   1.00 73.79  ? 113 GLU A CA  1 
ATOM   614 C C   . GLU A 1 115 ? -3.750  -10.390 4.510   1.00 72.42  ? 113 GLU A C   1 
ATOM   615 O O   . GLU A 1 115 ? -4.918  -10.131 4.771   1.00 72.18  ? 113 GLU A O   1 
ATOM   616 C CB  . GLU A 1 115 ? -3.127  -12.694 3.739   1.00 73.51  ? 113 GLU A CB  1 
ATOM   617 C CG  . GLU A 1 115 ? -4.033  -13.802 3.227   1.00 79.04  ? 113 GLU A CG  1 
ATOM   618 C CD  . GLU A 1 115 ? -3.974  -15.136 4.126   1.00 80.74  ? 113 GLU A CD  1 
ATOM   619 O OE1 . GLU A 1 115 ? -3.905  -15.054 5.393   1.00 83.19  ? 113 GLU A OE1 1 
ATOM   620 O OE2 . GLU A 1 115 ? -4.011  -16.270 3.530   1.00 90.14  ? 113 GLU A OE2 1 
ATOM   621 N N   . GLU A 1 116 ? -2.732  -9.931  5.265   1.00 70.96  ? 114 GLU A N   1 
ATOM   622 C CA  . GLU A 1 116 ? -2.993  -9.071  6.424   1.00 69.44  ? 114 GLU A CA  1 
ATOM   623 C C   . GLU A 1 116 ? -3.571  -7.709  6.078   1.00 68.09  ? 114 GLU A C   1 
ATOM   624 O O   . GLU A 1 116 ? -4.451  -7.216  6.782   1.00 69.01  ? 114 GLU A O   1 
ATOM   625 C CB  . GLU A 1 116 ? -1.737  -8.849  7.225   1.00 69.65  ? 114 GLU A CB  1 
ATOM   626 C CG  . GLU A 1 116 ? -1.906  -9.160  8.673   1.00 73.49  ? 114 GLU A CG  1 
ATOM   627 C CD  . GLU A 1 116 ? -0.714  -8.744  9.565   1.00 80.35  ? 114 GLU A CD  1 
ATOM   628 O OE1 . GLU A 1 116 ? -1.038  -8.095  10.623  1.00 81.21  ? 114 GLU A OE1 1 
ATOM   629 O OE2 . GLU A 1 116 ? 0.500   -9.061  9.222   1.00 78.49  ? 114 GLU A OE2 1 
ATOM   630 N N   . VAL A 1 117 ? -3.056  -7.089  5.019   1.00 66.46  ? 115 VAL A N   1 
ATOM   631 C CA  . VAL A 1 117 ? -3.456  -5.756  4.608   1.00 65.09  ? 115 VAL A CA  1 
ATOM   632 C C   . VAL A 1 117 ? -4.922  -5.786  4.255   1.00 66.83  ? 115 VAL A C   1 
ATOM   633 O O   . VAL A 1 117 ? -5.690  -4.923  4.695   1.00 67.07  ? 115 VAL A O   1 
ATOM   634 C CB  . VAL A 1 117 ? -2.699  -5.362  3.360   1.00 64.07  ? 115 VAL A CB  1 
ATOM   635 C CG1 . VAL A 1 117 ? -3.438  -4.290  2.571   1.00 62.70  ? 115 VAL A CG1 1 
ATOM   636 C CG2 . VAL A 1 117 ? -1.351  -4.904  3.704   1.00 62.06  ? 115 VAL A CG2 1 
ATOM   637 N N   . ASN A 1 118 ? -5.316  -6.785  3.439   1.00 67.35  ? 116 ASN A N   1 
ATOM   638 C CA  . ASN A 1 118 ? -6.678  -6.887  2.997   1.00 66.08  ? 116 ASN A CA  1 
ATOM   639 C C   . ASN A 1 118 ? -7.546  -7.154  4.203   1.00 65.76  ? 116 ASN A C   1 
ATOM   640 O O   . ASN A 1 118 ? -8.599  -6.586  4.300   1.00 67.53  ? 116 ASN A O   1 
ATOM   641 C CB  . ASN A 1 118 ? -6.853  -7.948  1.890   1.00 66.94  ? 116 ASN A CB  1 
ATOM   642 C CG  . ASN A 1 118 ? -6.010  -7.660  0.606   1.00 67.29  ? 116 ASN A CG  1 
ATOM   643 O OD1 . ASN A 1 118 ? -5.984  -6.563  0.076   1.00 66.78  ? 116 ASN A OD1 1 
ATOM   644 N ND2 . ASN A 1 118 ? -5.341  -8.695  0.108   1.00 72.08  ? 116 ASN A ND2 1 
ATOM   645 N N   . GLU A 1 119 ? -7.147  -7.953  5.177   1.00 65.97  ? 117 GLU A N   1 
ATOM   646 C CA  . GLU A 1 119 ? -8.051  -8.108  6.336   1.00 66.77  ? 117 GLU A CA  1 
ATOM   647 C C   . GLU A 1 119 ? -8.307  -6.753  6.982   1.00 65.89  ? 117 GLU A C   1 
ATOM   648 O O   . GLU A 1 119 ? -9.411  -6.493  7.433   1.00 65.25  ? 117 GLU A O   1 
ATOM   649 C CB  . GLU A 1 119 ? -7.506  -9.036  7.407   1.00 67.37  ? 117 GLU A CB  1 
ATOM   650 C CG  . GLU A 1 119 ? -7.882  -10.483 7.278   1.00 77.44  ? 117 GLU A CG  1 
ATOM   651 C CD  . GLU A 1 119 ? -9.223  -10.853 7.996   1.00 87.46  ? 117 GLU A CD  1 
ATOM   652 O OE1 . GLU A 1 119 ? -9.243  -10.958 9.287   1.00 88.64  ? 117 GLU A OE1 1 
ATOM   653 O OE2 . GLU A 1 119 ? -10.230 -11.059 7.235   1.00 85.74  ? 117 GLU A OE2 1 
ATOM   654 N N   . LYS A 1 120 ? -7.276  -5.901  7.045   1.00 64.96  ? 118 LYS A N   1 
ATOM   655 C CA  . LYS A 1 120 ? -7.361  -4.707  7.856   1.00 65.21  ? 118 LYS A CA  1 
ATOM   656 C C   . LYS A 1 120 ? -8.154  -3.704  7.083   1.00 64.36  ? 118 LYS A C   1 
ATOM   657 O O   . LYS A 1 120 ? -9.008  -3.028  7.635   1.00 64.33  ? 118 LYS A O   1 
ATOM   658 C CB  . LYS A 1 120 ? -5.976  -4.142  8.203   1.00 66.37  ? 118 LYS A CB  1 
ATOM   659 C CG  . LYS A 1 120 ? -5.029  -5.160  8.695   1.00 67.87  ? 118 LYS A CG  1 
ATOM   660 C CD  . LYS A 1 120 ? -5.021  -5.105  10.158  1.00 76.30  ? 118 LYS A CD  1 
ATOM   661 C CE  . LYS A 1 120 ? -5.757  -6.278  10.861  1.00 80.80  ? 118 LYS A CE  1 
ATOM   662 N NZ  . LYS A 1 120 ? -5.424  -6.135  12.357  1.00 82.57  ? 118 LYS A NZ  1 
ATOM   663 N N   . LEU A 1 121 ? -7.878  -3.620  5.794   1.00 64.15  ? 119 LEU A N   1 
ATOM   664 C CA  . LEU A 1 121 ? -8.770  -2.939  4.868   1.00 62.95  ? 119 LEU A CA  1 
ATOM   665 C C   . LEU A 1 121 ? -10.173 -3.419  5.010   1.00 63.13  ? 119 LEU A C   1 
ATOM   666 O O   . LEU A 1 121 ? -11.054 -2.583  4.930   1.00 64.77  ? 119 LEU A O   1 
ATOM   667 C CB  . LEU A 1 121 ? -8.313  -3.059  3.443   1.00 62.71  ? 119 LEU A CB  1 
ATOM   668 C CG  . LEU A 1 121 ? -7.088  -2.229  3.007   1.00 60.59  ? 119 LEU A CG  1 
ATOM   669 C CD1 . LEU A 1 121 ? -6.886  -2.411  1.513   1.00 52.43  ? 119 LEU A CD1 1 
ATOM   670 C CD2 . LEU A 1 121 ? -7.391  -0.792  3.283   1.00 58.47  ? 119 LEU A CD2 1 
ATOM   671 N N   . MET A 1 122 ? -10.455 -4.700  5.280   1.00 62.57  ? 120 MET A N   1 
ATOM   672 C CA  A MET A 1 122 ? -11.865 -5.066  5.438   0.50 62.81  ? 120 MET A CA  1 
ATOM   673 C CA  B MET A 1 122 ? -11.846 -5.105  5.438   0.50 64.16  ? 120 MET A CA  1 
ATOM   674 C C   . MET A 1 122 ? -12.416 -4.729  6.849   1.00 64.25  ? 120 MET A C   1 
ATOM   675 O O   . MET A 1 122 ? -13.584 -4.343  6.994   1.00 64.82  ? 120 MET A O   1 
ATOM   676 C CB  A MET A 1 122 ? -12.137 -6.505  4.983   0.50 62.72  ? 120 MET A CB  1 
ATOM   677 C CB  B MET A 1 122 ? -12.031 -6.589  5.096   0.50 64.65  ? 120 MET A CB  1 
ATOM   678 C CG  A MET A 1 122 ? -13.605 -7.073  5.168   0.50 61.64  ? 120 MET A CG  1 
ATOM   679 C CG  B MET A 1 122 ? -11.845 -7.027  3.600   0.50 65.05  ? 120 MET A CG  1 
ATOM   680 S SD  A MET A 1 122 ? -14.984 -6.255  4.311   0.50 54.13  ? 120 MET A SD  1 
ATOM   681 S SD  B MET A 1 122 ? -11.897 -8.864  3.335   0.50 67.38  ? 120 MET A SD  1 
ATOM   682 C CE  A MET A 1 122 ? -14.273 -6.316  2.681   0.50 52.75  ? 120 MET A CE  1 
ATOM   683 C CE  B MET A 1 122 ? -13.347 -8.945  2.294   0.50 68.75  ? 120 MET A CE  1 
ATOM   684 N N   . ASP A 1 123 ? -11.592 -4.827  7.901   1.00 64.47  ? 121 ASP A N   1 
ATOM   685 C CA  . ASP A 1 123 ? -11.963 -4.320  9.191   1.00 63.98  ? 121 ASP A CA  1 
ATOM   686 C C   . ASP A 1 123 ? -12.245 -2.836  9.071   1.00 63.51  ? 121 ASP A C   1 
ATOM   687 O O   . ASP A 1 123 ? -13.270 -2.396  9.499   1.00 64.29  ? 121 ASP A O   1 
ATOM   688 C CB  . ASP A 1 123 ? -10.882 -4.603  10.247  1.00 64.38  ? 121 ASP A CB  1 
ATOM   689 C CG  . ASP A 1 123 ? -10.665 -6.094  10.478  1.00 68.08  ? 121 ASP A CG  1 
ATOM   690 O OD1 . ASP A 1 123 ? -11.517 -6.896  10.025  1.00 71.93  ? 121 ASP A OD1 1 
ATOM   691 O OD2 . ASP A 1 123 ? -9.658  -6.497  11.120  1.00 72.97  ? 121 ASP A OD2 1 
ATOM   692 N N   . LEU A 1 124 ? -11.358 -2.057  8.489   1.00 63.45  ? 122 LEU A N   1 
ATOM   693 C CA  . LEU A 1 124 ? -11.557 -0.617  8.390   1.00 65.13  ? 122 LEU A CA  1 
ATOM   694 C C   . LEU A 1 124 ? -12.919 -0.262  7.738   1.00 66.13  ? 122 LEU A C   1 
ATOM   695 O O   . LEU A 1 124 ? -13.794 0.294   8.399   1.00 66.17  ? 122 LEU A O   1 
ATOM   696 C CB  . LEU A 1 124 ? -10.380 -0.043  7.596   1.00 65.80  ? 122 LEU A CB  1 
ATOM   697 C CG  . LEU A 1 124 ? -10.140 1.358   7.041   1.00 68.20  ? 122 LEU A CG  1 
ATOM   698 C CD1 . LEU A 1 124 ? -10.971 2.357   7.693   1.00 73.98  ? 122 LEU A CD1 1 
ATOM   699 C CD2 . LEU A 1 124 ? -8.749  1.663   7.380   1.00 70.67  ? 122 LEU A CD2 1 
ATOM   700 N N   . THR A 1 125 ? -13.095 -0.607  6.452   1.00 66.33  ? 123 THR A N   1 
ATOM   701 C CA  . THR A 1 125 ? -14.372 -0.489  5.735   1.00 65.83  ? 123 THR A CA  1 
ATOM   702 C C   . THR A 1 125 ? -15.570 -0.868  6.593   1.00 66.57  ? 123 THR A C   1 
ATOM   703 O O   . THR A 1 125 ? -16.565 -0.143  6.678   1.00 66.81  ? 123 THR A O   1 
ATOM   704 C CB  . THR A 1 125 ? -14.376 -1.428  4.495   1.00 65.14  ? 123 THR A CB  1 
ATOM   705 O OG1 . THR A 1 125 ? -13.194 -1.196  3.710   1.00 67.76  ? 123 THR A OG1 1 
ATOM   706 C CG2 . THR A 1 125 ? -15.566 -1.175  3.620   1.00 58.96  ? 123 THR A CG2 1 
ATOM   707 N N   . GLU A 1 126 ? -15.514 -2.028  7.209   1.00 67.21  ? 124 GLU A N   1 
ATOM   708 C CA  . GLU A 1 126 ? -16.704 -2.512  7.902   1.00 69.69  ? 124 GLU A CA  1 
ATOM   709 C C   . GLU A 1 126 ? -17.132 -1.492  8.968   1.00 69.50  ? 124 GLU A C   1 
ATOM   710 O O   . GLU A 1 126 ? -18.273 -1.439  9.367   1.00 69.96  ? 124 GLU A O   1 
ATOM   711 C CB  . GLU A 1 126 ? -16.416 -3.860  8.538   1.00 68.22  ? 124 GLU A CB  1 
ATOM   712 C CG  . GLU A 1 126 ? -17.572 -4.636  8.987   1.00 70.61  ? 124 GLU A CG  1 
ATOM   713 C CD  . GLU A 1 126 ? -17.156 -5.981  9.642   1.00 73.66  ? 124 GLU A CD  1 
ATOM   714 O OE1 . GLU A 1 126 ? -16.834 -6.003  10.869  1.00 79.52  ? 124 GLU A OE1 1 
ATOM   715 O OE2 . GLU A 1 126 ? -17.163 -7.018  8.925   1.00 78.55  ? 124 GLU A OE2 1 
ATOM   716 N N   . LYS A 1 127 ? -16.214 -0.649  9.396   1.00 70.25  ? 125 LYS A N   1 
ATOM   717 C CA  . LYS A 1 127 ? -16.387 0.096   10.637  1.00 70.09  ? 125 LYS A CA  1 
ATOM   718 C C   . LYS A 1 127 ? -16.774 1.530   10.282  1.00 69.23  ? 125 LYS A C   1 
ATOM   719 O O   . LYS A 1 127 ? -17.585 2.154   10.946  1.00 70.67  ? 125 LYS A O   1 
ATOM   720 C CB  . LYS A 1 127 ? -15.084 -0.003  11.429  1.00 70.44  ? 125 LYS A CB  1 
ATOM   721 C CG  . LYS A 1 127 ? -15.292 -0.258  12.851  1.00 72.79  ? 125 LYS A CG  1 
ATOM   722 C CD  . LYS A 1 127 ? -14.237 -1.139  13.472  1.00 78.77  ? 125 LYS A CD  1 
ATOM   723 C CE  . LYS A 1 127 ? -14.700 -1.541  14.951  1.00 84.01  ? 125 LYS A CE  1 
ATOM   724 N NZ  . LYS A 1 127 ? -15.483 -0.410  15.695  1.00 81.30  ? 125 LYS A NZ  1 
ATOM   725 N N   . ILE A 1 128 ? -16.216 2.053   9.213   1.00 68.11  ? 126 ILE A N   1 
ATOM   726 C CA  . ILE A 1 128 ? -16.810 3.192   8.557   1.00 68.59  ? 126 ILE A CA  1 
ATOM   727 C C   . ILE A 1 128 ? -18.329 2.964   8.147   1.00 70.14  ? 126 ILE A C   1 
ATOM   728 O O   . ILE A 1 128 ? -19.157 3.865   8.199   1.00 70.87  ? 126 ILE A O   1 
ATOM   729 C CB  . ILE A 1 128 ? -15.988 3.494   7.273   1.00 67.65  ? 126 ILE A CB  1 
ATOM   730 C CG1 . ILE A 1 128 ? -14.620 4.069   7.622   1.00 63.48  ? 126 ILE A CG1 1 
ATOM   731 C CG2 . ILE A 1 128 ? -16.807 4.315   6.232   1.00 65.16  ? 126 ILE A CG2 1 
ATOM   732 C CD1 . ILE A 1 128 ? -13.980 4.700   6.449   1.00 58.57  ? 126 ILE A CD1 1 
ATOM   733 N N   . MET A 1 129 ? -18.673 1.777   7.686   1.00 70.95  ? 127 MET A N   1 
ATOM   734 C CA  . MET A 1 129 ? -19.976 1.571   7.148   1.00 72.00  ? 127 MET A CA  1 
ATOM   735 C C   . MET A 1 129 ? -20.979 1.467   8.270   1.00 71.54  ? 127 MET A C   1 
ATOM   736 O O   . MET A 1 129 ? -22.009 2.073   8.195   1.00 72.89  ? 127 MET A O   1 
ATOM   737 C CB  . MET A 1 129 ? -19.983 0.385   6.166   1.00 71.91  ? 127 MET A CB  1 
ATOM   738 C CG  . MET A 1 129 ? -19.796 0.800   4.622   1.00 70.91  ? 127 MET A CG  1 
ATOM   739 S SD  . MET A 1 129 ? -19.789 -0.833  3.902   1.00 78.30  ? 127 MET A SD  1 
ATOM   740 C CE  . MET A 1 129 ? -18.990 -0.541  2.276   1.00 76.66  ? 127 MET A CE  1 
ATOM   741 N N   . LYS A 1 130 ? -20.649 0.756   9.345   1.00 71.53  ? 128 LYS A N   1 
ATOM   742 C CA  . LYS A 1 130 ? -21.423 0.753   10.598  1.00 70.29  ? 128 LYS A CA  1 
ATOM   743 C C   . LYS A 1 130 ? -21.448 2.082   11.348  1.00 70.38  ? 128 LYS A C   1 
ATOM   744 O O   . LYS A 1 130 ? -21.989 2.163   12.464  1.00 69.85  ? 128 LYS A O   1 
ATOM   745 C CB  . LYS A 1 130 ? -20.810 -0.262  11.556  1.00 69.48  ? 128 LYS A CB  1 
ATOM   746 C CG  . LYS A 1 130 ? -20.523 -1.533  10.929  1.00 68.81  ? 128 LYS A CG  1 
ATOM   747 C CD  . LYS A 1 130 ? -21.330 -2.627  11.491  1.00 68.55  ? 128 LYS A CD  1 
ATOM   748 C CE  . LYS A 1 130 ? -20.474 -3.448  12.456  1.00 69.03  ? 128 LYS A CE  1 
ATOM   749 N NZ  . LYS A 1 130 ? -21.060 -4.846  12.302  1.00 70.40  ? 128 LYS A NZ  1 
ATOM   750 N N   . ASN A 1 131 ? -20.813 3.110   10.782  1.00 71.39  ? 129 ASN A N   1 
ATOM   751 C CA  . ASN A 1 131 ? -20.674 4.428   11.478  1.00 71.85  ? 129 ASN A CA  1 
ATOM   752 C C   . ASN A 1 131 ? -20.171 4.277   12.914  1.00 72.45  ? 129 ASN A C   1 
ATOM   753 O O   . ASN A 1 131 ? -20.758 4.792   13.855  1.00 73.66  ? 129 ASN A O   1 
ATOM   754 C CB  . ASN A 1 131 ? -21.993 5.198   11.436  1.00 70.82  ? 129 ASN A CB  1 
ATOM   755 C CG  . ASN A 1 131 ? -22.293 5.687   10.057  1.00 70.59  ? 129 ASN A CG  1 
ATOM   756 O OD1 . ASN A 1 131 ? -21.526 6.453   9.474   1.00 70.64  ? 129 ASN A OD1 1 
ATOM   757 N ND2 . ASN A 1 131 ? -23.358 5.191   9.485   1.00 68.76  ? 129 ASN A ND2 1 
ATOM   758 N N   . GLU A 1 132 ? -19.083 3.549   13.100  1.00 72.25  ? 130 GLU A N   1 
ATOM   759 C CA  . GLU A 1 132 ? -18.666 3.318   14.450  1.00 71.89  ? 130 GLU A CA  1 
ATOM   760 C C   . GLU A 1 132 ? -17.526 4.231   14.721  1.00 70.89  ? 130 GLU A C   1 
ATOM   761 O O   . GLU A 1 132 ? -16.483 3.797   15.183  1.00 70.91  ? 130 GLU A O   1 
ATOM   762 C CB  . GLU A 1 132 ? -18.295 1.855   14.675  1.00 72.22  ? 130 GLU A CB  1 
ATOM   763 C CG  . GLU A 1 132 ? -19.467 0.995   14.855  1.00 73.93  ? 130 GLU A CG  1 
ATOM   764 C CD  . GLU A 1 132 ? -19.085 -0.436  14.893  1.00 78.49  ? 130 GLU A CD  1 
ATOM   765 O OE1 . GLU A 1 132 ? -17.852 -0.719  14.854  1.00 77.30  ? 130 GLU A OE1 1 
ATOM   766 O OE2 . GLU A 1 132 ? -20.020 -1.283  14.959  1.00 83.23  ? 130 GLU A OE2 1 
ATOM   767 N N   . TRP A 1 133 ? -17.766 5.520   14.498  1.00 70.04  ? 131 TRP A N   1 
ATOM   768 C CA  . TRP A 1 133 ? -16.723 6.555   14.614  1.00 68.99  ? 131 TRP A CA  1 
ATOM   769 C C   . TRP A 1 133 ? -16.052 6.741   15.962  1.00 68.92  ? 131 TRP A C   1 
ATOM   770 O O   . TRP A 1 133 ? -14.974 7.213   16.009  1.00 70.92  ? 131 TRP A O   1 
ATOM   771 C CB  . TRP A 1 133 ? -17.231 7.882   14.069  1.00 67.27  ? 131 TRP A CB  1 
ATOM   772 C CG  . TRP A 1 133 ? -17.776 7.733   12.761  1.00 65.28  ? 131 TRP A CG  1 
ATOM   773 C CD1 . TRP A 1 133 ? -19.095 7.539   12.429  1.00 65.11  ? 131 TRP A CD1 1 
ATOM   774 C CD2 . TRP A 1 133 ? -17.038 7.643   11.558  1.00 65.39  ? 131 TRP A CD2 1 
ATOM   775 N NE1 . TRP A 1 133 ? -19.236 7.412   11.078  1.00 61.53  ? 131 TRP A NE1 1 
ATOM   776 C CE2 . TRP A 1 133 ? -17.990 7.468   10.504  1.00 63.01  ? 131 TRP A CE2 1 
ATOM   777 C CE3 . TRP A 1 133 ? -15.654 7.711   11.248  1.00 63.06  ? 131 TRP A CE3 1 
ATOM   778 C CZ2 . TRP A 1 133 ? -17.610 7.357   9.166   1.00 61.91  ? 131 TRP A CZ2 1 
ATOM   779 C CZ3 . TRP A 1 133 ? -15.284 7.627   9.933   1.00 65.16  ? 131 TRP A CZ3 1 
ATOM   780 C CH2 . TRP A 1 133 ? -16.283 7.449   8.884   1.00 65.05  ? 131 TRP A CH2 1 
ATOM   781 N N   . GLN A 1 134 ? -16.674 6.362   17.042  1.00 69.94  ? 132 GLN A N   1 
ATOM   782 C CA  . GLN A 1 134 ? -16.059 6.448   18.357  1.00 71.36  ? 132 GLN A CA  1 
ATOM   783 C C   . GLN A 1 134 ? -15.235 5.256   18.869  1.00 70.88  ? 132 GLN A C   1 
ATOM   784 O O   . GLN A 1 134 ? -14.593 5.394   19.891  1.00 72.43  ? 132 GLN A O   1 
ATOM   785 C CB  . GLN A 1 134 ? -17.100 6.899   19.423  1.00 71.87  ? 132 GLN A CB  1 
ATOM   786 C CG  . GLN A 1 134 ? -17.024 8.447   19.648  1.00 76.76  ? 132 GLN A CG  1 
ATOM   787 C CD  . GLN A 1 134 ? -18.382 9.166   19.762  1.00 84.61  ? 132 GLN A CD  1 
ATOM   788 O OE1 . GLN A 1 134 ? -19.454 8.554   19.619  1.00 89.52  ? 132 GLN A OE1 1 
ATOM   789 N NE2 . GLN A 1 134 ? -18.340 10.472  20.046  1.00 86.15  ? 132 GLN A NE2 1 
ATOM   790 N N   . THR A 1 135 ? -15.240 4.097   18.205  1.00 70.39  ? 133 THR A N   1 
ATOM   791 C CA  . THR A 1 135 ? -14.235 3.021   18.476  1.00 68.42  ? 133 THR A CA  1 
ATOM   792 C C   . THR A 1 135 ? -13.327 2.758   17.279  1.00 66.42  ? 133 THR A C   1 
ATOM   793 O O   . THR A 1 135 ? -12.292 2.147   17.384  1.00 66.58  ? 133 THR A O   1 
ATOM   794 C CB  . THR A 1 135 ? -14.901 1.725   18.909  1.00 70.28  ? 133 THR A CB  1 
ATOM   795 O OG1 . THR A 1 135 ? -15.991 1.384   18.017  1.00 70.81  ? 133 THR A OG1 1 
ATOM   796 C CG2 . THR A 1 135 ? -15.478 1.910   20.333  1.00 72.81  ? 133 THR A CG2 1 
ATOM   797 N N   . ILE A 1 136 ? -13.668 3.305   16.125  1.00 64.83  ? 134 ILE A N   1 
ATOM   798 C CA  . ILE A 1 136 ? -12.891 3.031   14.970  1.00 62.15  ? 134 ILE A CA  1 
ATOM   799 C C   . ILE A 1 136 ? -11.452 3.117   15.305  1.00 62.82  ? 134 ILE A C   1 
ATOM   800 O O   . ILE A 1 136 ? -10.782 2.132   15.113  1.00 65.79  ? 134 ILE A O   1 
ATOM   801 C CB  . ILE A 1 136 ? -13.305 3.776   13.700  1.00 61.17  ? 134 ILE A CB  1 
ATOM   802 C CG1 . ILE A 1 136 ? -12.625 3.115   12.476  1.00 61.72  ? 134 ILE A CG1 1 
ATOM   803 C CG2 . ILE A 1 136 ? -12.962 5.171   13.745  1.00 58.09  ? 134 ILE A CG2 1 
ATOM   804 C CD1 . ILE A 1 136 ? -13.231 3.499   11.150  1.00 57.62  ? 134 ILE A CD1 1 
ATOM   805 N N   . ASN A 1 137 ? -10.941 4.231   15.842  1.00 62.80  ? 135 ASN A N   1 
ATOM   806 C CA  . ASN A 1 137 ? -9.472  4.409   15.949  1.00 61.52  ? 135 ASN A CA  1 
ATOM   807 C C   . ASN A 1 137 ? -8.782  4.473   14.604  1.00 60.16  ? 135 ASN A C   1 
ATOM   808 O O   . ASN A 1 137 ? -7.781  3.768   14.378  1.00 60.69  ? 135 ASN A O   1 
ATOM   809 C CB  . ASN A 1 137 ? -8.791  3.301   16.787  1.00 62.09  ? 135 ASN A CB  1 
ATOM   810 C CG  . ASN A 1 137 ? -9.092  3.415   18.250  1.00 63.24  ? 135 ASN A CG  1 
ATOM   811 O OD1 . ASN A 1 137 ? -9.322  4.480   18.790  1.00 68.32  ? 135 ASN A OD1 1 
ATOM   812 N ND2 . ASN A 1 137 ? -9.109  2.315   18.893  1.00 68.79  ? 135 ASN A ND2 1 
ATOM   813 N N   . LEU A 1 138 ? -9.268  5.368   13.764  1.00 57.83  ? 136 LEU A N   1 
ATOM   814 C CA  . LEU A 1 138 ? -8.821  5.468   12.398  1.00 58.01  ? 136 LEU A CA  1 
ATOM   815 C C   . LEU A 1 138 ? -7.381  5.901   12.136  1.00 59.67  ? 136 LEU A C   1 
ATOM   816 O O   . LEU A 1 138 ? -6.782  5.338   11.261  1.00 62.71  ? 136 LEU A O   1 
ATOM   817 C CB  . LEU A 1 138 ? -9.777  6.343   11.587  1.00 57.55  ? 136 LEU A CB  1 
ATOM   818 C CG  . LEU A 1 138 ? -9.539  6.539   10.096  1.00 59.10  ? 136 LEU A CG  1 
ATOM   819 C CD1 . LEU A 1 138 ? -9.585  5.245   9.310   1.00 55.23  ? 136 LEU A CD1 1 
ATOM   820 C CD2 . LEU A 1 138 ? -10.608 7.514   9.586   1.00 54.87  ? 136 LEU A CD2 1 
ATOM   821 N N   . ALA A 1 139 ? -6.811  6.895   12.848  1.00 60.22  ? 137 ALA A N   1 
ATOM   822 C CA  . ALA A 1 139 ? -5.455  7.288   12.658  1.00 57.70  ? 137 ALA A CA  1 
ATOM   823 C C   . ALA A 1 139 ? -4.669  6.024   12.867  1.00 60.16  ? 137 ALA A C   1 
ATOM   824 O O   . ALA A 1 139 ? -3.877  5.681   11.994  1.00 61.88  ? 137 ALA A O   1 
ATOM   825 C CB  . ALA A 1 139 ? -5.081  8.303   13.613  1.00 57.05  ? 137 ALA A CB  1 
ATOM   826 N N   . ALA A 1 140 ? -4.930  5.257   13.949  1.00 60.92  ? 138 ALA A N   1 
ATOM   827 C CA  . ALA A 1 140 ? -4.070  4.091   14.303  1.00 60.77  ? 138 ALA A CA  1 
ATOM   828 C C   . ALA A 1 140 ? -4.222  2.884   13.383  1.00 62.07  ? 138 ALA A C   1 
ATOM   829 O O   . ALA A 1 140 ? -3.269  2.161   13.188  1.00 63.17  ? 138 ALA A O   1 
ATOM   830 C CB  . ALA A 1 140 ? -4.286  3.637   15.697  1.00 57.92  ? 138 ALA A CB  1 
ATOM   831 N N   . ARG A 1 141 ? -5.435  2.615   12.906  1.00 62.80  ? 139 ARG A N   1 
ATOM   832 C CA  . ARG A 1 141 ? -5.676  1.647   11.817  1.00 62.29  ? 139 ARG A CA  1 
ATOM   833 C C   . ARG A 1 141 ? -4.842  2.001   10.612  1.00 63.36  ? 139 ARG A C   1 
ATOM   834 O O   . ARG A 1 141 ? -4.340  1.109   9.955   1.00 63.68  ? 139 ARG A O   1 
ATOM   835 C CB  . ARG A 1 141 ? -7.132  1.693   11.396  1.00 61.35  ? 139 ARG A CB  1 
ATOM   836 C CG  . ARG A 1 141 ? -7.967  1.022   12.408  1.00 59.73  ? 139 ARG A CG  1 
ATOM   837 C CD  . ARG A 1 141 ? -9.346  0.804   11.913  1.00 64.88  ? 139 ARG A CD  1 
ATOM   838 N NE  . ARG A 1 141 ? -10.116 0.200   12.988  1.00 64.34  ? 139 ARG A NE  1 
ATOM   839 C CZ  . ARG A 1 141 ? -10.187 -1.097  13.174  1.00 61.91  ? 139 ARG A CZ  1 
ATOM   840 N NH1 . ARG A 1 141 ? -9.610  -1.938  12.309  1.00 59.06  ? 139 ARG A NH1 1 
ATOM   841 N NH2 . ARG A 1 141 ? -10.868 -1.538  14.201  1.00 64.40  ? 139 ARG A NH2 1 
ATOM   842 N N   . ILE A 1 142 ? -4.646  3.294   10.345  1.00 62.76  ? 140 ILE A N   1 
ATOM   843 C CA  . ILE A 1 142 ? -3.800  3.644   9.230   1.00 63.04  ? 140 ILE A CA  1 
ATOM   844 C C   . ILE A 1 142 ? -2.245  3.611   9.478   1.00 64.42  ? 140 ILE A C   1 
ATOM   845 O O   . ILE A 1 142 ? -1.484  3.235   8.591   1.00 66.17  ? 140 ILE A O   1 
ATOM   846 C CB  . ILE A 1 142 ? -4.309  4.944   8.630   1.00 62.68  ? 140 ILE A CB  1 
ATOM   847 C CG1 . ILE A 1 142 ? -5.658  4.669   7.924   1.00 61.03  ? 140 ILE A CG1 1 
ATOM   848 C CG2 . ILE A 1 142 ? -3.320  5.554   7.688   1.00 60.24  ? 140 ILE A CG2 1 
ATOM   849 C CD1 . ILE A 1 142 ? -6.390  5.972   7.736   1.00 62.28  ? 140 ILE A CD1 1 
ATOM   850 N N   . GLU A 1 143 ? -1.749  3.958   10.668  1.00 64.04  ? 141 GLU A N   1 
ATOM   851 C CA  . GLU A 1 143 ? -0.358  3.787   10.906  1.00 62.72  ? 141 GLU A CA  1 
ATOM   852 C C   . GLU A 1 143 ? -0.034  2.314   10.729  1.00 63.13  ? 141 GLU A C   1 
ATOM   853 O O   . GLU A 1 143 ? 0.977   1.928   10.106  1.00 64.41  ? 141 GLU A O   1 
ATOM   854 C CB  . GLU A 1 143 ? -0.001  4.315   12.298  1.00 63.56  ? 141 GLU A CB  1 
ATOM   855 C CG  . GLU A 1 143 ? 0.143   5.831   12.201  1.00 65.08  ? 141 GLU A CG  1 
ATOM   856 C CD  . GLU A 1 143 ? -0.052  6.587   13.473  1.00 67.99  ? 141 GLU A CD  1 
ATOM   857 O OE1 . GLU A 1 143 ? -0.473  5.911   14.486  1.00 63.87  ? 141 GLU A OE1 1 
ATOM   858 O OE2 . GLU A 1 143 ? 0.248   7.855   13.411  1.00 65.74  ? 141 GLU A OE2 1 
ATOM   859 N N   . GLU A 1 144 ? -0.912  1.472   11.230  1.00 61.52  ? 142 GLU A N   1 
ATOM   860 C CA  . GLU A 1 144 ? -0.682  0.067   11.168  1.00 63.13  ? 142 GLU A CA  1 
ATOM   861 C C   . GLU A 1 144 ? -0.677  -0.457  9.733   1.00 63.28  ? 142 GLU A C   1 
ATOM   862 O O   . GLU A 1 144 ? 0.239   -1.185  9.400   1.00 65.87  ? 142 GLU A O   1 
ATOM   863 C CB  . GLU A 1 144 ? -1.643  -0.683  12.111  1.00 62.33  ? 142 GLU A CB  1 
ATOM   864 C CG  . GLU A 1 144 ? -2.045  -2.088  11.678  1.00 66.45  ? 142 GLU A CG  1 
ATOM   865 C CD  . GLU A 1 144 ? -2.843  -2.877  12.791  1.00 68.44  ? 142 GLU A CD  1 
ATOM   866 O OE1 . GLU A 1 144 ? -4.100  -2.625  13.007  1.00 68.41  ? 142 GLU A OE1 1 
ATOM   867 O OE2 . GLU A 1 144 ? -2.186  -3.785  13.393  1.00 72.50  ? 142 GLU A OE2 1 
ATOM   868 N N   . ILE A 1 145 ? -1.640  -0.100  8.867   1.00 61.81  ? 143 ILE A N   1 
ATOM   869 C CA  . ILE A 1 145 ? -1.605  -0.543  7.473   1.00 59.83  ? 143 ILE A CA  1 
ATOM   870 C C   . ILE A 1 145 ? -0.395  0.050   6.681   1.00 61.01  ? 143 ILE A C   1 
ATOM   871 O O   . ILE A 1 145 ? 0.355   -0.708  5.944   1.00 61.29  ? 143 ILE A O   1 
ATOM   872 C CB  . ILE A 1 145 ? -2.957  -0.278  6.730   1.00 60.37  ? 143 ILE A CB  1 
ATOM   873 C CG1 . ILE A 1 145 ? -4.098  -1.163  7.221   1.00 52.89  ? 143 ILE A CG1 1 
ATOM   874 C CG2 . ILE A 1 145 ? -2.825  -0.401  5.189   1.00 61.43  ? 143 ILE A CG2 1 
ATOM   875 C CD1 . ILE A 1 145 ? -5.369  -0.367  7.070   1.00 51.83  ? 143 ILE A CD1 1 
ATOM   876 N N   . ASN A 1 146 ? -0.152  1.369   6.833   1.00 60.51  ? 144 ASN A N   1 
ATOM   877 C CA  . ASN A 1 146 ? 1.144   1.909   6.373   1.00 59.48  ? 144 ASN A CA  1 
ATOM   878 C C   . ASN A 1 146 ? 2.336   1.079   6.898   1.00 60.27  ? 144 ASN A C   1 
ATOM   879 O O   . ASN A 1 146 ? 3.295   0.837   6.189   1.00 61.57  ? 144 ASN A O   1 
ATOM   880 C CB  . ASN A 1 146 ? 1.269   3.308   6.817   1.00 58.33  ? 144 ASN A CB  1 
ATOM   881 C CG  . ASN A 1 146 ? 0.175   4.186   6.234   1.00 59.06  ? 144 ASN A CG  1 
ATOM   882 O OD1 . ASN A 1 146 ? -0.799  3.665   5.589   1.00 58.78  ? 144 ASN A OD1 1 
ATOM   883 N ND2 . ASN A 1 146 ? 0.270   5.519   6.479   1.00 57.44  ? 144 ASN A ND2 1 
ATOM   884 N N   . GLY A 1 147 ? 2.279   0.631   8.158   1.00 61.22  ? 145 GLY A N   1 
ATOM   885 C CA  . GLY A 1 147 ? 3.458   0.045   8.761   1.00 59.93  ? 145 GLY A CA  1 
ATOM   886 C C   . GLY A 1 147 ? 3.749   -1.083  7.850   1.00 59.34  ? 145 GLY A C   1 
ATOM   887 O O   . GLY A 1 147 ? 4.854   -1.230  7.426   1.00 60.72  ? 145 GLY A O   1 
ATOM   888 N N   . LEU A 1 148 ? 2.707   -1.810  7.477   1.00 58.97  ? 146 LEU A N   1 
ATOM   889 C CA  . LEU A 1 148 ? 2.833   -3.056  6.707   1.00 60.80  ? 146 LEU A CA  1 
ATOM   890 C C   . LEU A 1 148 ? 3.204   -2.832  5.247   1.00 61.83  ? 146 LEU A C   1 
ATOM   891 O O   . LEU A 1 148 ? 3.806   -3.692  4.602   1.00 62.32  ? 146 LEU A O   1 
ATOM   892 C CB  . LEU A 1 148 ? 1.530   -3.869  6.724   1.00 60.55  ? 146 LEU A CB  1 
ATOM   893 C CG  . LEU A 1 148 ? 0.973   -4.330  8.085   1.00 56.71  ? 146 LEU A CG  1 
ATOM   894 C CD1 . LEU A 1 148 ? -0.426  -4.907  7.825   1.00 53.79  ? 146 LEU A CD1 1 
ATOM   895 C CD2 . LEU A 1 148 ? 1.876   -5.324  8.651   1.00 45.92  ? 146 LEU A CD2 1 
ATOM   896 N N   . ILE A 1 149 ? 2.833   -1.674  4.730   1.00 62.67  ? 147 ILE A N   1 
ATOM   897 C CA  . ILE A 1 149 ? 3.156   -1.418  3.382   1.00 62.96  ? 147 ILE A CA  1 
ATOM   898 C C   . ILE A 1 149 ? 4.597   -1.103  3.307   1.00 65.00  ? 147 ILE A C   1 
ATOM   899 O O   . ILE A 1 149 ? 5.237   -1.595  2.407   1.00 68.47  ? 147 ILE A O   1 
ATOM   900 C CB  . ILE A 1 149 ? 2.216   -0.387  2.738   1.00 63.89  ? 147 ILE A CB  1 
ATOM   901 C CG1 . ILE A 1 149 ? 0.937   -1.135  2.341   1.00 61.27  ? 147 ILE A CG1 1 
ATOM   902 C CG2 . ILE A 1 149 ? 2.923   0.388   1.553   1.00 58.80  ? 147 ILE A CG2 1 
ATOM   903 C CD1 . ILE A 1 149 ? -0.230  -0.243  2.497   1.00 69.18  ? 147 ILE A CD1 1 
ATOM   904 N N   . LEU A 1 150 ? 5.123   -0.349  4.265   1.00 65.77  ? 148 LEU A N   1 
ATOM   905 C CA  . LEU A 1 150 ? 6.562   -0.048  4.364   1.00 66.13  ? 148 LEU A CA  1 
ATOM   906 C C   . LEU A 1 150 ? 7.455   -1.267  4.681   1.00 67.88  ? 148 LEU A C   1 
ATOM   907 O O   . LEU A 1 150 ? 8.592   -1.322  4.234   1.00 68.78  ? 148 LEU A O   1 
ATOM   908 C CB  . LEU A 1 150 ? 6.822   1.097   5.365   1.00 63.84  ? 148 LEU A CB  1 
ATOM   909 C CG  . LEU A 1 150 ? 6.285   2.490   5.042   1.00 61.24  ? 148 LEU A CG  1 
ATOM   910 C CD1 . LEU A 1 150 ? 6.290   3.291   6.282   1.00 56.96  ? 148 LEU A CD1 1 
ATOM   911 C CD2 . LEU A 1 150 ? 7.075   3.246   3.903   1.00 61.14  ? 148 LEU A CD2 1 
ATOM   912 N N   . ASN A 1 151 ? 7.001   -2.247  5.454   1.00 69.82  ? 149 ASN A N   1 
ATOM   913 C CA  . ASN A 1 151 ? 7.781   -3.517  5.453   1.00 73.15  ? 149 ASN A CA  1 
ATOM   914 C C   . ASN A 1 151 ? 7.943   -4.030  4.039   1.00 73.75  ? 149 ASN A C   1 
ATOM   915 O O   . ASN A 1 151 ? 9.070   -4.163  3.578   1.00 76.07  ? 149 ASN A O   1 
ATOM   916 C CB  . ASN A 1 151 ? 7.130   -4.631  6.260   1.00 73.99  ? 149 ASN A CB  1 
ATOM   917 C CG  . ASN A 1 151 ? 6.950   -4.258  7.721   1.00 78.15  ? 149 ASN A CG  1 
ATOM   918 O OD1 . ASN A 1 151 ? 6.065   -4.803  8.388   1.00 83.71  ? 149 ASN A OD1 1 
ATOM   919 N ND2 . ASN A 1 151 ? 7.796   -3.358  8.243   1.00 79.41  ? 149 ASN A ND2 1 
ATOM   920 N N   . LEU A 1 152 ? 6.810   -4.272  3.370   1.00 73.22  ? 150 LEU A N   1 
ATOM   921 C CA  . LEU A 1 152 ? 6.729   -4.665  1.958   1.00 73.51  ? 150 LEU A CA  1 
ATOM   922 C C   . LEU A 1 152 ? 7.641   -3.864  1.077   1.00 73.06  ? 150 LEU A C   1 
ATOM   923 O O   . LEU A 1 152 ? 8.324   -4.398  0.266   1.00 74.46  ? 150 LEU A O   1 
ATOM   924 C CB  . LEU A 1 152 ? 5.279   -4.524  1.430   1.00 74.04  ? 150 LEU A CB  1 
ATOM   925 C CG  . LEU A 1 152 ? 4.397   -5.722  1.818   1.00 71.81  ? 150 LEU A CG  1 
ATOM   926 C CD1 . LEU A 1 152 ? 2.988   -5.655  1.338   1.00 70.13  ? 150 LEU A CD1 1 
ATOM   927 C CD2 . LEU A 1 152 ? 5.066   -6.951  1.340   1.00 69.50  ? 150 LEU A CD2 1 
ATOM   928 N N   . TYR A 1 153 ? 7.679   -2.574  1.226   1.00 72.69  ? 151 TYR A N   1 
ATOM   929 C CA  . TYR A 1 153 ? 8.594   -1.827  0.421   1.00 73.72  ? 151 TYR A CA  1 
ATOM   930 C C   . TYR A 1 153 ? 10.051  -2.213  0.675   1.00 74.98  ? 151 TYR A C   1 
ATOM   931 O O   . TYR A 1 153 ? 10.883  -2.096  -0.206  1.00 76.91  ? 151 TYR A O   1 
ATOM   932 C CB  . TYR A 1 153 ? 8.401   -0.364  0.760   1.00 73.64  ? 151 TYR A CB  1 
ATOM   933 C CG  . TYR A 1 153 ? 9.115   0.638   -0.077  1.00 72.32  ? 151 TYR A CG  1 
ATOM   934 C CD1 . TYR A 1 153 ? 9.377   0.443   -1.439  1.00 74.94  ? 151 TYR A CD1 1 
ATOM   935 C CD2 . TYR A 1 153 ? 9.465   1.813   0.464   1.00 70.30  ? 151 TYR A CD2 1 
ATOM   936 C CE1 . TYR A 1 153 ? 10.007  1.435   -2.198  1.00 71.60  ? 151 TYR A CE1 1 
ATOM   937 C CE2 . TYR A 1 153 ? 10.076  2.796   -0.284  1.00 71.05  ? 151 TYR A CE2 1 
ATOM   938 C CZ  . TYR A 1 153 ? 10.331  2.614   -1.588  1.00 69.62  ? 151 TYR A CZ  1 
ATOM   939 O OH  . TYR A 1 153 ? 10.945  3.657   -2.211  1.00 69.85  ? 151 TYR A OH  1 
ATOM   940 N N   . ARG A 1 154 ? 10.389  -2.613  1.890   1.00 76.46  ? 152 ARG A N   1 
ATOM   941 C CA  . ARG A 1 154 ? 11.770  -2.920  2.180   1.00 79.33  ? 152 ARG A CA  1 
ATOM   942 C C   . ARG A 1 154 ? 12.055  -4.403  1.924   1.00 80.77  ? 152 ARG A C   1 
ATOM   943 O O   . ARG A 1 154 ? 12.524  -5.095  2.807   1.00 82.39  ? 152 ARG A O   1 
ATOM   944 C CB  . ARG A 1 154 ? 12.115  -2.484  3.610   1.00 77.74  ? 152 ARG A CB  1 
ATOM   945 C CG  . ARG A 1 154 ? 11.660  -3.402  4.666   1.00 80.23  ? 152 ARG A CG  1 
ATOM   946 C CD  . ARG A 1 154 ? 12.050  -2.980  6.127   1.00 81.01  ? 152 ARG A CD  1 
ATOM   947 N NE  . ARG A 1 154 ? 13.471  -2.749  6.227   1.00 83.32  ? 152 ARG A NE  1 
ATOM   948 C CZ  . ARG A 1 154 ? 14.040  -1.642  6.709   1.00 82.86  ? 152 ARG A CZ  1 
ATOM   949 N NH1 . ARG A 1 154 ? 13.312  -0.623  7.209   1.00 78.61  ? 152 ARG A NH1 1 
ATOM   950 N NH2 . ARG A 1 154 ? 15.374  -1.584  6.694   1.00 79.91  ? 152 ARG A NH2 1 
ATOM   951 N N   . GLU A 1 155 ? 11.734  -4.899  0.728   1.00 82.57  ? 153 GLU A N   1 
ATOM   952 C CA  . GLU A 1 155 ? 11.624  -6.355  0.480   1.00 82.45  ? 153 GLU A CA  1 
ATOM   953 C C   . GLU A 1 155 ? 11.427  -6.600  -1.006  1.00 82.55  ? 153 GLU A C   1 
ATOM   954 O O   . GLU A 1 155 ? 11.391  -5.660  -1.814  1.00 82.84  ? 153 GLU A O   1 
ATOM   955 C CB  . GLU A 1 155 ? 10.437  -6.909  1.283   1.00 82.33  ? 153 GLU A CB  1 
ATOM   956 C CG  . GLU A 1 155 ? 10.054  -8.406  1.093   1.00 83.44  ? 153 GLU A CG  1 
ATOM   957 C CD  . GLU A 1 155 ? 10.597  -9.310  2.189   1.00 87.07  ? 153 GLU A CD  1 
ATOM   958 O OE1 . GLU A 1 155 ? 10.278  -9.101  3.393   1.00 85.99  ? 153 GLU A OE1 1 
ATOM   959 O OE2 . GLU A 1 155 ? 11.370  -10.242 1.831   1.00 92.03  ? 153 GLU A OE2 1 
HETATM 960 O O   . HOH B 2 .   ? 6.453   -19.382 -1.019  1.00 50.29  ? 161 HOH A O   1 
HETATM 961 O O   . HOH B 2 .   ? -0.232  3.838   -4.319  1.00 60.80  ? 162 HOH A O   1 
HETATM 962 O O   . HOH B 2 .   ? -5.340  -1.551  10.471  1.00 58.64  ? 163 HOH A O   1 
HETATM 963 O O   . HOH B 2 .   ? -7.838  9.213   0.932   1.00 50.82  ? 164 HOH A O   1 
HETATM 964 O O   . HOH B 2 .   ? -11.319 7.700   14.887  1.00 69.39  ? 165 HOH A O   1 
HETATM 965 O O   . HOH B 2 .   ? -10.282 10.533  11.675  1.00 52.62  ? 166 HOH A O   1 
HETATM 966 O O   . HOH B 2 .   ? -17.739 -9.262  8.468   1.00 68.29  ? 167 HOH A O   1 
HETATM 967 O O   . HOH B 2 .   ? -20.826 6.679   15.336  1.00 79.42  ? 168 HOH A O   1 
HETATM 968 O O   . HOH B 2 .   ? -19.451 4.426   17.805  1.00 73.27  ? 169 HOH A O   1 
# 
